data_4K81
#
_entry.id   4K81
#
_cell.length_a   79.727
_cell.length_b   115.593
_cell.length_c   103.107
_cell.angle_alpha   90.00
_cell.angle_beta   96.75
_cell.angle_gamma   90.00
#
_symmetry.space_group_name_H-M   'P 1 21 1'
#
loop_
_entity.id
_entity.type
_entity.pdbx_description
1 polymer 'Growth factor receptor-bound protein 14'
2 polymer 'GTPase HRas'
3 non-polymer GLYCEROL
4 non-polymer "GUANOSINE-5'-TRIPHOSPHATE"
5 non-polymer 'MAGNESIUM ION'
6 water water
#
loop_
_entity_poly.entity_id
_entity_poly.type
_entity_poly.pdbx_seq_one_letter_code
_entity_poly.pdbx_strand_id
1 'polypeptide(L)'
;GHMASGSKKQVIKVYSEDETSRALDVPSDITARDVCQLLILKNHYIDDHSWTLFEHLPHIGVERTIEDHELVIEVLSNWG
IEEENKLYFRKNYAKYEFFKNPMYFFPEHMVSFATETNGEISPTQILQMFLSSSTYPEIHGFLHAKEQGKKSWKKIYFFL
RRSGLYFSTKGTSAAPRHLQFFSEFGNSDIYVSLAGKKKHGAPTNYGFCFKPNKAGGPRDLKMLCAEEEQSRTCWVTAIR
LLKYGMQLYQNYMHPYQG
;
A,C,E,G
2 'polypeptide(L)'
;GAMGSMTEYKLVVVGAVGVGKSALTIQLIQNHFVDEYDPTIEDSYRKQVVIDGETCLLDILDTAGQEEYSAMRDQYMRTG
EGFLCVFAINNTKSFEDIHQYREQIKRVKDSDDVPMVLVGNKCDLAARTVESRQAQDLARSYGIPYIETSAKTRQGVEDA
FYTLVREIRQH
;
B,D,F,H
#
# COMPACT_ATOMS: atom_id res chain seq x y z
N LYS A 8 -9.76 35.48 -2.67
CA LYS A 8 -10.41 34.75 -3.82
C LYS A 8 -10.51 33.23 -3.56
N LYS A 9 -11.48 32.81 -2.74
CA LYS A 9 -11.63 31.38 -2.43
C LYS A 9 -13.07 30.87 -2.60
N GLN A 10 -13.23 29.60 -2.94
CA GLN A 10 -14.55 28.99 -2.94
C GLN A 10 -14.55 27.61 -2.29
N VAL A 11 -15.56 27.38 -1.46
CA VAL A 11 -15.76 26.07 -0.90
C VAL A 11 -16.47 25.19 -1.93
N ILE A 12 -15.85 24.07 -2.32
CA ILE A 12 -16.51 23.14 -3.25
C ILE A 12 -16.66 21.78 -2.58
N LYS A 13 -17.65 21.03 -3.05
CA LYS A 13 -17.91 19.68 -2.60
C LYS A 13 -17.58 18.70 -3.72
N VAL A 14 -16.81 17.67 -3.39
CA VAL A 14 -16.47 16.65 -4.38
C VAL A 14 -17.01 15.30 -3.91
N TYR A 15 -17.74 14.64 -4.79
CA TYR A 15 -18.38 13.36 -4.45
C TYR A 15 -17.57 12.18 -4.94
N SER A 16 -17.75 11.06 -4.25
CA SER A 16 -17.31 9.76 -4.70
C SER A 16 -18.47 8.93 -5.24
N GLU A 17 -18.13 7.77 -5.77
CA GLU A 17 -19.12 6.84 -6.32
C GLU A 17 -20.17 6.40 -5.29
N ASP A 18 -19.73 6.15 -4.06
CA ASP A 18 -20.66 5.84 -2.95
C ASP A 18 -21.58 7.01 -2.54
N GLU A 19 -21.50 8.13 -3.25
CA GLU A 19 -22.28 9.34 -2.94
C GLU A 19 -21.92 10.04 -1.63
N THR A 20 -20.79 9.68 -1.03
CA THR A 20 -20.26 10.50 0.04
C THR A 20 -19.48 11.67 -0.58
N SER A 21 -19.04 12.61 0.24
CA SER A 21 -18.46 13.81 -0.32
C SER A 21 -17.52 14.44 0.66
N ARG A 22 -16.59 15.23 0.12
CA ARG A 22 -15.67 16.04 0.91
C ARG A 22 -15.67 17.48 0.43
N ALA A 23 -15.75 18.42 1.37
CA ALA A 23 -15.69 19.84 1.05
C ALA A 23 -14.26 20.31 1.05
N LEU A 24 -13.91 21.16 0.10
CA LEU A 24 -12.59 21.78 0.01
C LEU A 24 -12.76 23.28 -0.16
N ASP A 25 -11.91 24.05 0.54
CA ASP A 25 -11.89 25.48 0.35
C ASP A 25 -10.67 25.73 -0.48
N VAL A 26 -10.88 26.21 -1.70
CA VAL A 26 -9.82 26.29 -2.68
C VAL A 26 -9.76 27.67 -3.34
N PRO A 27 -8.57 28.09 -3.76
CA PRO A 27 -8.42 29.37 -4.45
C PRO A 27 -9.18 29.36 -5.78
N SER A 28 -9.59 30.54 -6.22
CA SER A 28 -10.42 30.60 -7.40
C SER A 28 -9.68 30.21 -8.69
N ASP A 29 -8.37 30.27 -8.68
CA ASP A 29 -7.62 29.91 -9.89
C ASP A 29 -7.17 28.43 -9.93
N ILE A 30 -7.79 27.55 -9.15
CA ILE A 30 -7.30 26.18 -9.01
C ILE A 30 -7.74 25.36 -10.23
N THR A 31 -6.86 24.47 -10.69
CA THR A 31 -7.12 23.64 -11.85
C THR A 31 -7.73 22.31 -11.40
N ALA A 32 -8.35 21.59 -12.34
CA ALA A 32 -8.74 20.21 -12.10
C ALA A 32 -7.56 19.31 -11.63
N ARG A 33 -6.42 19.39 -12.29
CA ARG A 33 -5.23 18.67 -11.85
C ARG A 33 -4.97 18.93 -10.36
N ASP A 34 -4.96 20.20 -9.95
CA ASP A 34 -4.58 20.53 -8.57
C ASP A 34 -5.62 20.01 -7.54
N VAL A 35 -6.90 20.01 -7.93
CA VAL A 35 -7.92 19.45 -7.05
C VAL A 35 -7.74 17.92 -6.92
N CYS A 36 -7.47 17.24 -8.03
CA CYS A 36 -7.19 15.79 -8.00
C CYS A 36 -6.03 15.47 -7.08
N GLN A 37 -4.98 16.28 -7.14
CA GLN A 37 -3.74 16.00 -6.40
C GLN A 37 -3.97 16.26 -4.94
N LEU A 38 -4.70 17.32 -4.66
CA LEU A 38 -5.15 17.57 -3.30
C LEU A 38 -5.90 16.36 -2.76
N LEU A 39 -6.83 15.84 -3.56
CA LEU A 39 -7.67 14.76 -3.07
C LEU A 39 -6.91 13.43 -2.98
N ILE A 40 -5.96 13.22 -3.88
CA ILE A 40 -5.08 12.07 -3.73
C ILE A 40 -4.33 12.10 -2.40
N LEU A 41 -3.83 13.27 -2.04
CA LEU A 41 -3.05 13.38 -0.83
C LEU A 41 -3.95 13.18 0.40
N LYS A 42 -5.14 13.78 0.38
CA LYS A 42 -6.05 13.78 1.56
C LYS A 42 -6.65 12.41 1.84
N ASN A 43 -6.83 11.64 0.77
CA ASN A 43 -7.45 10.34 0.84
C ASN A 43 -6.47 9.21 0.94
N HIS A 44 -5.15 9.51 0.93
CA HIS A 44 -4.08 8.49 1.06
C HIS A 44 -4.10 7.51 -0.05
N TYR A 45 -4.28 8.04 -1.24
CA TYR A 45 -4.29 7.27 -2.44
C TYR A 45 -2.89 7.35 -3.03
N ILE A 46 -2.72 6.60 -4.13
CA ILE A 46 -1.49 6.53 -4.89
C ILE A 46 -1.81 7.18 -6.22
N ASP A 47 -0.97 8.10 -6.65
CA ASP A 47 -1.22 8.79 -7.90
C ASP A 47 -0.97 7.88 -9.10
N ASP A 48 -2.06 7.62 -9.82
CA ASP A 48 -2.13 6.75 -10.97
C ASP A 48 -1.98 7.54 -12.26
N HIS A 49 -2.45 8.80 -12.20
CA HIS A 49 -2.68 9.65 -13.35
C HIS A 49 -4.02 9.37 -13.94
N SER A 50 -4.69 8.36 -13.41
CA SER A 50 -6.06 8.10 -13.88
C SER A 50 -7.10 8.82 -13.02
N TRP A 51 -6.71 9.34 -11.84
CA TRP A 51 -7.67 10.14 -11.05
C TRP A 51 -8.22 11.33 -11.79
N THR A 52 -9.53 11.53 -11.71
CA THR A 52 -10.18 12.53 -12.55
C THR A 52 -11.34 13.24 -11.87
N LEU A 53 -11.48 14.52 -12.14
CA LEU A 53 -12.66 15.25 -11.75
C LEU A 53 -13.63 15.20 -12.91
N PHE A 54 -14.89 14.90 -12.61
CA PHE A 54 -15.99 14.87 -13.56
C PHE A 54 -17.04 15.94 -13.24
N GLU A 55 -17.54 16.60 -14.28
CA GLU A 55 -18.70 17.45 -14.21
C GLU A 55 -19.95 16.60 -14.51
N HIS A 56 -20.82 16.44 -13.51
CA HIS A 56 -21.95 15.51 -13.61
C HIS A 56 -23.26 16.29 -13.58
N LEU A 57 -24.08 16.17 -14.64
CA LEU A 57 -25.33 16.94 -14.75
C LEU A 57 -26.49 15.99 -14.57
N PRO A 58 -26.98 15.84 -13.33
CA PRO A 58 -27.94 14.79 -12.96
C PRO A 58 -29.31 14.91 -13.64
N HIS A 59 -29.76 16.13 -13.91
CA HIS A 59 -31.09 16.34 -14.52
C HIS A 59 -31.17 15.93 -15.97
N ILE A 60 -30.03 15.84 -16.65
CA ILE A 60 -30.05 15.39 -18.04
C ILE A 60 -29.35 14.05 -18.26
N GLY A 61 -28.80 13.47 -17.20
CA GLY A 61 -28.15 12.15 -17.26
C GLY A 61 -26.81 12.03 -17.98
N VAL A 62 -25.99 13.09 -17.93
CA VAL A 62 -24.71 13.08 -18.64
C VAL A 62 -23.57 13.46 -17.72
N GLU A 63 -22.34 13.17 -18.13
CA GLU A 63 -21.15 13.65 -17.38
C GLU A 63 -20.02 13.86 -18.35
N ARG A 64 -18.99 14.63 -17.94
CA ARG A 64 -17.75 14.72 -18.69
C ARG A 64 -16.55 14.79 -17.76
N THR A 65 -15.41 14.37 -18.30
CA THR A 65 -14.12 14.50 -17.65
C THR A 65 -13.77 15.97 -17.67
N ILE A 66 -13.30 16.50 -16.54
CA ILE A 66 -12.80 17.87 -16.58
C ILE A 66 -11.30 17.79 -16.89
N GLU A 67 -10.90 18.39 -18.00
CA GLU A 67 -9.50 18.36 -18.43
C GLU A 67 -8.59 19.03 -17.40
N ASP A 68 -7.35 18.54 -17.30
CA ASP A 68 -6.41 18.88 -16.22
C ASP A 68 -6.25 20.36 -15.98
N HIS A 69 -6.22 21.14 -17.07
CA HIS A 69 -5.86 22.54 -17.01
C HIS A 69 -7.07 23.41 -16.80
N GLU A 70 -8.28 22.86 -16.87
CA GLU A 70 -9.47 23.72 -16.73
C GLU A 70 -9.54 24.29 -15.31
N LEU A 71 -10.06 25.51 -15.20
CA LEU A 71 -10.25 26.10 -13.87
C LEU A 71 -11.58 25.63 -13.30
N VAL A 72 -11.57 24.98 -12.14
CA VAL A 72 -12.78 24.34 -11.66
C VAL A 72 -13.88 25.36 -11.38
N ILE A 73 -13.50 26.51 -10.83
CA ILE A 73 -14.47 27.58 -10.58
C ILE A 73 -15.11 28.15 -11.88
N GLU A 74 -14.39 28.15 -13.00
CA GLU A 74 -15.01 28.51 -14.29
C GLU A 74 -15.99 27.45 -14.74
N VAL A 75 -15.72 26.19 -14.42
CA VAL A 75 -16.68 25.13 -14.72
C VAL A 75 -17.95 25.35 -13.90
N LEU A 76 -17.78 25.57 -12.58
CA LEU A 76 -18.93 25.85 -11.68
C LEU A 76 -19.73 27.12 -12.03
N SER A 77 -19.07 28.09 -12.64
CA SER A 77 -19.71 29.35 -12.99
C SER A 77 -20.72 29.16 -14.13
N ASN A 78 -20.46 28.21 -15.01
CA ASN A 78 -21.41 27.94 -16.10
C ASN A 78 -22.63 27.11 -15.69
N TRP A 79 -22.81 26.88 -14.39
CA TRP A 79 -24.01 26.17 -13.90
C TRP A 79 -25.15 27.08 -13.62
N GLY A 80 -26.34 26.63 -14.01
CA GLY A 80 -27.59 27.21 -13.52
C GLY A 80 -27.70 26.86 -12.04
N ILE A 81 -28.25 27.77 -11.23
CA ILE A 81 -28.29 27.56 -9.76
C ILE A 81 -29.36 26.55 -9.29
N GLU A 82 -30.38 26.31 -10.12
CA GLU A 82 -31.39 25.29 -9.83
C GLU A 82 -30.99 23.91 -10.36
N GLU A 83 -29.82 23.80 -10.98
CA GLU A 83 -29.45 22.55 -11.65
C GLU A 83 -28.98 21.40 -10.74
N GLU A 84 -28.44 21.71 -9.58
CA GLU A 84 -27.98 20.69 -8.63
C GLU A 84 -26.87 19.81 -9.20
N ASN A 85 -26.04 20.40 -10.07
CA ASN A 85 -24.91 19.70 -10.69
C ASN A 85 -23.86 19.29 -9.66
N LYS A 86 -23.10 18.25 -9.98
CA LYS A 86 -22.09 17.79 -9.04
C LYS A 86 -20.71 17.51 -9.65
N LEU A 87 -19.68 17.61 -8.80
CA LEU A 87 -18.33 17.21 -9.16
C LEU A 87 -18.11 15.85 -8.52
N TYR A 88 -17.54 14.93 -9.29
CA TYR A 88 -17.21 13.59 -8.81
C TYR A 88 -15.73 13.36 -9.01
N PHE A 89 -15.17 12.46 -8.23
CA PHE A 89 -13.78 12.15 -8.28
C PHE A 89 -13.66 10.63 -8.38
N ARG A 90 -13.20 10.14 -9.52
CA ARG A 90 -12.88 8.71 -9.62
C ARG A 90 -11.86 8.48 -10.71
N LYS A 91 -11.34 7.25 -10.79
CA LYS A 91 -10.39 6.88 -11.81
C LYS A 91 -11.05 6.80 -13.18
N ASN A 92 -10.30 7.22 -14.19
CA ASN A 92 -10.70 7.14 -15.56
C ASN A 92 -9.50 6.63 -16.38
N TYR A 93 -9.59 5.41 -16.88
CA TYR A 93 -8.45 4.85 -17.63
C TYR A 93 -8.42 5.23 -19.13
N ALA A 94 -9.58 5.48 -19.70
CA ALA A 94 -9.69 5.81 -21.13
C ALA A 94 -9.21 7.22 -21.52
N LYS A 95 -9.05 8.12 -20.55
CA LYS A 95 -8.81 9.57 -20.76
C LYS A 95 -7.79 9.91 -21.87
N TYR A 96 -6.60 9.36 -21.74
CA TYR A 96 -5.51 9.67 -22.65
C TYR A 96 -5.14 8.42 -23.50
N GLU A 97 -6.12 7.55 -23.74
CA GLU A 97 -5.90 6.33 -24.51
C GLU A 97 -5.38 6.60 -25.93
N PHE A 98 -5.93 7.63 -26.57
CA PHE A 98 -5.46 8.02 -27.90
C PHE A 98 -3.97 8.32 -27.87
N PHE A 99 -3.48 8.97 -26.81
CA PHE A 99 -2.07 9.37 -26.70
C PHE A 99 -1.12 8.19 -26.52
N LYS A 100 -1.61 7.09 -25.96
CA LYS A 100 -0.81 5.90 -25.70
C LYS A 100 -0.70 5.01 -26.93
N ASN A 101 -1.86 4.80 -27.58
CA ASN A 101 -2.01 3.91 -28.74
C ASN A 101 -2.69 4.66 -29.91
N PRO A 102 -2.00 5.64 -30.48
CA PRO A 102 -2.61 6.53 -31.50
C PRO A 102 -2.89 5.93 -32.87
N MET A 103 -1.89 5.29 -33.48
CA MET A 103 -1.92 4.92 -34.90
C MET A 103 -3.10 4.04 -35.29
N TYR A 104 -3.64 3.33 -34.31
CA TYR A 104 -4.79 2.46 -34.56
C TYR A 104 -6.02 2.79 -33.70
N PHE A 105 -5.97 3.89 -32.97
CA PHE A 105 -7.11 4.32 -32.15
C PHE A 105 -8.37 4.45 -33.00
N PHE A 106 -8.27 5.24 -34.05
CA PHE A 106 -9.38 5.45 -34.94
C PHE A 106 -9.50 4.35 -35.98
N PRO A 107 -10.73 3.86 -36.23
CA PRO A 107 -10.88 2.82 -37.25
C PRO A 107 -10.51 3.34 -38.65
N GLU A 108 -10.09 2.38 -39.49
CA GLU A 108 -9.59 2.58 -40.86
C GLU A 108 -10.33 3.58 -41.75
N HIS A 109 -11.64 3.65 -41.59
CA HIS A 109 -12.52 4.32 -42.55
C HIS A 109 -12.97 5.68 -42.10
N MET A 110 -12.68 6.01 -40.85
CA MET A 110 -13.37 7.05 -40.11
C MET A 110 -12.64 8.39 -40.20
N VAL A 111 -11.34 8.31 -40.43
CA VAL A 111 -10.49 9.50 -40.45
C VAL A 111 -9.87 9.73 -41.84
N SER A 112 -9.43 10.96 -42.09
CA SER A 112 -8.60 11.27 -43.25
C SER A 112 -7.91 12.63 -43.10
N PHE A 113 -6.85 12.85 -43.86
CA PHE A 113 -6.04 14.05 -43.77
C PHE A 113 -5.83 14.66 -45.14
N ILE A 121 0.28 6.58 -42.01
CA ILE A 121 -0.32 5.74 -40.97
C ILE A 121 0.54 5.77 -39.69
N SER A 122 1.72 6.35 -39.80
CA SER A 122 2.69 6.45 -38.70
C SER A 122 2.05 7.01 -37.42
N PRO A 123 2.43 6.46 -36.24
CA PRO A 123 1.88 6.86 -34.95
C PRO A 123 1.94 8.38 -34.68
N THR A 124 3.15 8.92 -34.54
CA THR A 124 3.34 10.35 -34.30
C THR A 124 2.95 11.19 -35.52
N GLN A 125 2.76 10.53 -36.66
CA GLN A 125 2.17 11.16 -37.83
C GLN A 125 0.73 11.56 -37.48
N ILE A 126 -0.09 10.56 -37.18
CA ILE A 126 -1.50 10.77 -36.82
C ILE A 126 -1.65 11.70 -35.61
N LEU A 127 -0.81 11.47 -34.61
CA LEU A 127 -0.70 12.32 -33.45
C LEU A 127 -0.47 13.80 -33.80
N GLN A 128 0.53 14.10 -34.63
CA GLN A 128 0.84 15.49 -35.02
C GLN A 128 -0.30 16.09 -35.84
N MET A 129 -0.96 15.28 -36.66
CA MET A 129 -2.06 15.78 -37.49
C MET A 129 -3.26 16.17 -36.62
N PHE A 130 -3.47 15.46 -35.50
CA PHE A 130 -4.63 15.73 -34.65
C PHE A 130 -4.47 16.94 -33.74
N LEU A 131 -3.23 17.28 -33.42
CA LEU A 131 -2.89 18.29 -32.42
C LEU A 131 -2.54 19.66 -33.02
N SER A 132 -2.39 19.74 -34.34
CA SER A 132 -2.04 21.01 -35.01
C SER A 132 -3.14 22.05 -34.81
N SER A 133 -2.75 23.32 -34.83
CA SER A 133 -3.69 24.42 -34.67
C SER A 133 -4.21 24.95 -36.01
N SER A 134 -3.52 24.59 -37.09
CA SER A 134 -3.89 24.98 -38.44
C SER A 134 -4.93 24.01 -39.01
N THR A 135 -4.44 22.89 -39.55
CA THR A 135 -5.30 21.85 -40.13
C THR A 135 -5.93 21.01 -39.04
N TYR A 136 -7.13 20.49 -39.33
CA TYR A 136 -7.69 19.38 -38.59
C TYR A 136 -7.97 18.26 -39.59
N PRO A 137 -7.90 17.00 -39.14
CA PRO A 137 -8.33 15.93 -40.03
C PRO A 137 -9.83 16.02 -40.25
N GLU A 138 -10.42 14.99 -40.82
CA GLU A 138 -11.85 14.91 -40.91
C GLU A 138 -12.29 13.58 -40.32
N ILE A 139 -13.34 13.65 -39.52
CA ILE A 139 -13.93 12.47 -38.91
C ILE A 139 -15.31 12.37 -39.51
N HIS A 140 -15.64 11.20 -40.03
CA HIS A 140 -16.92 11.01 -40.69
C HIS A 140 -17.46 9.64 -40.38
N GLY A 141 -18.77 9.58 -40.19
CA GLY A 141 -19.46 8.33 -39.97
C GLY A 141 -20.92 8.59 -39.68
N PHE A 142 -21.71 7.53 -39.63
CA PHE A 142 -23.10 7.67 -39.19
C PHE A 142 -23.24 7.87 -37.68
N LEU A 143 -24.27 8.62 -37.33
CA LEU A 143 -24.69 8.85 -35.96
C LEU A 143 -26.22 9.00 -35.99
N HIS A 144 -26.84 8.84 -34.83
CA HIS A 144 -28.26 9.14 -34.70
C HIS A 144 -28.40 10.49 -34.07
N ALA A 145 -29.27 11.31 -34.63
CA ALA A 145 -29.44 12.65 -34.11
C ALA A 145 -30.90 12.88 -33.87
N LYS A 146 -31.18 13.53 -32.75
CA LYS A 146 -32.52 13.94 -32.36
C LYS A 146 -32.75 15.27 -33.06
N GLU A 147 -33.59 15.28 -34.10
CA GLU A 147 -33.86 16.54 -34.79
C GLU A 147 -34.56 17.48 -33.78
N GLN A 148 -34.26 18.79 -33.88
CA GLN A 148 -34.52 19.75 -32.80
C GLN A 148 -35.99 19.94 -32.45
N GLY A 149 -36.28 19.94 -31.15
CA GLY A 149 -37.64 20.12 -30.65
C GLY A 149 -38.52 18.88 -30.74
N LYS A 150 -38.26 18.05 -31.75
CA LYS A 150 -39.01 16.80 -31.97
C LYS A 150 -38.42 15.65 -31.16
N LYS A 151 -39.25 14.66 -30.84
CA LYS A 151 -38.84 13.53 -30.03
C LYS A 151 -38.21 12.39 -30.82
N SER A 152 -38.35 12.43 -32.14
CA SER A 152 -37.81 11.39 -33.03
C SER A 152 -36.31 11.55 -33.36
N TRP A 153 -35.71 10.46 -33.83
CA TRP A 153 -34.28 10.42 -34.14
C TRP A 153 -34.06 9.96 -35.54
N LYS A 154 -33.07 10.53 -36.20
CA LYS A 154 -32.73 10.12 -37.56
C LYS A 154 -31.29 9.64 -37.63
N LYS A 155 -31.04 8.67 -38.52
CA LYS A 155 -29.68 8.22 -38.81
C LYS A 155 -29.10 9.05 -39.96
N ILE A 156 -27.97 9.70 -39.70
CA ILE A 156 -27.37 10.66 -40.64
C ILE A 156 -25.84 10.57 -40.68
N TYR A 157 -25.28 10.99 -41.80
CA TYR A 157 -23.86 11.02 -42.00
C TYR A 157 -23.31 12.35 -41.54
N PHE A 158 -22.19 12.31 -40.83
CA PHE A 158 -21.64 13.48 -40.16
C PHE A 158 -20.22 13.69 -40.55
N PHE A 159 -19.80 14.95 -40.50
CA PHE A 159 -18.43 15.31 -40.76
C PHE A 159 -17.94 16.22 -39.64
N LEU A 160 -16.86 15.80 -38.99
CA LEU A 160 -16.21 16.66 -38.02
C LEU A 160 -14.99 17.25 -38.67
N ARG A 161 -14.92 18.58 -38.63
CA ARG A 161 -13.85 19.37 -39.20
C ARG A 161 -13.44 20.44 -38.22
N ARG A 162 -12.28 21.03 -38.50
CA ARG A 162 -11.76 22.23 -37.80
C ARG A 162 -12.83 23.26 -37.42
N SER A 163 -13.76 23.52 -38.34
CA SER A 163 -14.75 24.57 -38.11
C SER A 163 -15.97 24.04 -37.39
N GLY A 164 -16.07 22.72 -37.26
CA GLY A 164 -17.15 22.16 -36.46
C GLY A 164 -17.74 20.89 -37.02
N LEU A 165 -18.98 20.61 -36.65
CA LEU A 165 -19.65 19.36 -37.00
C LEU A 165 -20.79 19.59 -37.96
N TYR A 166 -20.84 18.77 -39.00
CA TYR A 166 -21.82 18.97 -40.02
C TYR A 166 -22.46 17.63 -40.29
N PHE A 167 -23.67 17.67 -40.82
CA PHE A 167 -24.27 16.49 -41.41
C PHE A 167 -24.70 16.74 -42.87
N SER A 168 -24.78 15.65 -43.62
CA SER A 168 -25.24 15.69 -45.01
C SER A 168 -26.75 15.44 -45.11
N THR A 169 -27.45 16.34 -45.82
CA THR A 169 -28.87 16.19 -46.13
C THR A 169 -29.13 15.16 -47.24
N LYS A 170 -28.07 14.52 -47.76
CA LYS A 170 -28.19 13.55 -48.85
C LYS A 170 -27.14 12.44 -48.76
N GLY A 171 -27.55 11.31 -48.19
CA GLY A 171 -26.63 10.18 -47.94
C GLY A 171 -25.37 10.59 -47.21
N THR A 172 -24.24 10.26 -47.81
CA THR A 172 -22.93 10.52 -47.27
C THR A 172 -22.27 11.68 -47.97
N SER A 173 -23.04 12.49 -48.68
CA SER A 173 -22.44 13.44 -49.61
C SER A 173 -21.79 14.64 -48.93
N ALA A 174 -20.51 14.86 -49.19
CA ALA A 174 -19.73 15.95 -48.58
C ALA A 174 -19.79 17.29 -49.36
N ALA A 175 -20.62 17.35 -50.39
CA ALA A 175 -20.74 18.54 -51.24
C ALA A 175 -21.38 19.68 -50.44
N PRO A 176 -20.84 20.90 -50.56
CA PRO A 176 -21.33 22.07 -49.82
C PRO A 176 -22.84 22.25 -49.93
N ARG A 177 -23.39 21.78 -51.05
CA ARG A 177 -24.83 21.78 -51.34
C ARG A 177 -25.61 21.01 -50.27
N HIS A 178 -25.01 19.96 -49.73
CA HIS A 178 -25.70 19.07 -48.80
C HIS A 178 -25.34 19.22 -47.33
N LEU A 179 -24.35 20.04 -47.03
CA LEU A 179 -23.85 20.20 -45.66
C LEU A 179 -24.69 21.13 -44.81
N GLN A 180 -24.97 20.69 -43.59
CA GLN A 180 -25.71 21.48 -42.61
C GLN A 180 -24.93 21.57 -41.32
N PHE A 181 -24.63 22.80 -40.90
CA PHE A 181 -23.99 23.04 -39.61
C PHE A 181 -24.79 22.47 -38.44
N PHE A 182 -24.12 21.69 -37.59
CA PHE A 182 -24.75 21.10 -36.41
C PHE A 182 -24.26 21.77 -35.10
N SER A 183 -22.95 21.82 -34.88
CA SER A 183 -22.43 22.48 -33.68
C SER A 183 -20.98 22.99 -33.73
N GLU A 184 -20.78 24.07 -32.99
CA GLU A 184 -19.48 24.63 -32.61
C GLU A 184 -19.00 23.94 -31.33
N PHE A 185 -17.69 23.99 -31.07
CA PHE A 185 -17.12 23.44 -29.84
C PHE A 185 -16.20 24.40 -29.12
N GLY A 186 -16.13 25.62 -29.64
CA GLY A 186 -15.40 26.67 -28.97
C GLY A 186 -16.12 27.06 -27.71
N ASN A 187 -17.45 27.13 -27.78
CA ASN A 187 -18.25 27.58 -26.65
C ASN A 187 -19.29 26.55 -26.20
N SER A 188 -19.02 25.29 -26.52
CA SER A 188 -19.81 24.17 -26.02
C SER A 188 -18.88 23.17 -25.32
N ASP A 189 -19.43 22.44 -24.35
CA ASP A 189 -18.74 21.30 -23.74
C ASP A 189 -19.34 19.95 -24.20
N ILE A 190 -18.53 18.87 -24.19
CA ILE A 190 -18.98 17.54 -24.64
C ILE A 190 -19.27 16.63 -23.45
N TYR A 191 -20.44 16.03 -23.44
CA TYR A 191 -20.84 15.14 -22.35
C TYR A 191 -21.20 13.78 -22.88
N VAL A 192 -21.01 12.77 -22.04
CA VAL A 192 -21.39 11.38 -22.35
C VAL A 192 -22.52 10.99 -21.39
N SER A 193 -23.52 10.28 -21.89
CA SER A 193 -24.62 9.85 -21.01
C SER A 193 -24.22 8.73 -20.03
N LEU A 194 -24.78 8.76 -18.82
CA LEU A 194 -24.60 7.65 -17.85
C LEU A 194 -25.53 6.45 -18.16
N ALA A 195 -26.08 5.83 -17.12
CA ALA A 195 -26.98 4.67 -17.28
C ALA A 195 -28.47 5.03 -17.16
N GLY A 196 -28.84 6.19 -17.70
CA GLY A 196 -30.19 6.71 -17.55
C GLY A 196 -31.06 6.33 -18.72
N LYS A 197 -32.32 6.75 -18.64
CA LYS A 197 -33.26 6.47 -19.69
C LYS A 197 -32.73 7.04 -20.99
N LYS A 198 -32.46 6.12 -21.92
CA LYS A 198 -32.19 6.49 -23.29
C LYS A 198 -33.53 6.83 -23.90
N LYS A 199 -34.54 6.05 -23.47
CA LYS A 199 -35.83 5.92 -24.16
C LYS A 199 -36.65 7.19 -24.15
N HIS A 200 -35.93 8.28 -24.37
CA HIS A 200 -36.53 9.52 -24.78
C HIS A 200 -36.39 9.54 -26.28
N GLY A 201 -36.34 8.31 -26.82
CA GLY A 201 -36.34 8.06 -28.25
C GLY A 201 -35.10 7.32 -28.74
N ALA A 202 -33.98 7.55 -28.07
CA ALA A 202 -32.65 7.15 -28.57
C ALA A 202 -32.58 5.69 -29.00
N PRO A 203 -31.88 5.43 -30.12
CA PRO A 203 -31.68 4.08 -30.67
C PRO A 203 -30.82 3.17 -29.82
N THR A 204 -29.82 3.72 -29.13
CA THR A 204 -28.93 2.95 -28.26
C THR A 204 -28.61 3.73 -26.99
N ASN A 205 -27.84 3.14 -26.10
CA ASN A 205 -27.45 3.80 -24.87
C ASN A 205 -26.18 4.62 -25.05
N TYR A 206 -25.65 4.65 -26.27
CA TYR A 206 -24.38 5.31 -26.51
C TYR A 206 -24.53 6.77 -26.95
N GLY A 207 -25.23 7.54 -26.13
CA GLY A 207 -25.48 8.95 -26.38
C GLY A 207 -24.34 9.88 -25.96
N PHE A 208 -24.25 11.01 -26.65
CA PHE A 208 -23.41 12.11 -26.24
C PHE A 208 -24.05 13.39 -26.75
N CYS A 209 -23.63 14.50 -26.18
CA CYS A 209 -24.34 15.74 -26.39
C CYS A 209 -23.43 16.95 -26.16
N PHE A 210 -23.81 18.08 -26.75
CA PHE A 210 -23.09 19.32 -26.58
C PHE A 210 -23.97 20.30 -25.87
N LYS A 211 -23.40 20.94 -24.86
CA LYS A 211 -24.12 21.97 -24.13
C LYS A 211 -23.36 23.30 -24.27
N PRO A 212 -24.03 24.32 -24.82
CA PRO A 212 -23.36 25.61 -24.93
C PRO A 212 -23.01 26.20 -23.57
N ASN A 213 -21.93 26.96 -23.54
CA ASN A 213 -21.64 27.84 -22.41
C ASN A 213 -22.87 28.75 -22.19
N LYS A 214 -23.03 29.28 -20.98
CA LYS A 214 -24.15 30.18 -20.73
C LYS A 214 -23.85 31.54 -21.36
N ALA A 215 -22.56 31.80 -21.56
CA ALA A 215 -22.05 32.97 -22.27
C ALA A 215 -22.07 32.71 -23.78
N GLY A 216 -23.26 32.41 -24.29
CA GLY A 216 -23.54 32.33 -25.71
C GLY A 216 -24.92 32.93 -25.90
N GLY A 217 -25.93 32.06 -25.97
CA GLY A 217 -27.33 32.47 -26.07
C GLY A 217 -28.20 31.53 -25.27
N PRO A 218 -29.15 30.84 -25.96
CA PRO A 218 -29.90 29.75 -25.32
C PRO A 218 -29.08 28.46 -25.35
N ARG A 219 -29.01 27.80 -24.21
CA ARG A 219 -28.12 26.65 -24.03
C ARG A 219 -28.83 25.33 -24.31
N ASP A 220 -29.42 25.20 -25.50
CA ASP A 220 -30.13 23.97 -25.87
C ASP A 220 -29.17 22.83 -26.21
N LEU A 221 -29.43 21.70 -25.57
CA LEU A 221 -28.69 20.47 -25.81
C LEU A 221 -28.77 20.02 -27.27
N LYS A 222 -27.61 19.78 -27.87
CA LYS A 222 -27.56 19.05 -29.12
C LYS A 222 -27.19 17.61 -28.80
N MET A 223 -28.14 16.72 -29.06
CA MET A 223 -28.03 15.32 -28.64
C MET A 223 -27.70 14.39 -29.79
N LEU A 224 -26.81 13.44 -29.52
CA LEU A 224 -26.35 12.52 -30.53
C LEU A 224 -26.30 11.13 -29.96
N CYS A 225 -26.00 10.16 -30.80
CA CYS A 225 -26.13 8.80 -30.38
C CYS A 225 -25.41 7.92 -31.34
N ALA A 226 -24.48 7.12 -30.83
CA ALA A 226 -23.68 6.23 -31.67
C ALA A 226 -24.22 4.80 -31.71
N GLU A 227 -23.76 4.05 -32.70
CA GLU A 227 -24.17 2.68 -32.91
C GLU A 227 -23.56 1.74 -31.87
N GLU A 228 -22.33 2.05 -31.46
CA GLU A 228 -21.56 1.19 -30.59
C GLU A 228 -20.79 2.06 -29.61
N GLU A 229 -20.46 1.50 -28.44
CA GLU A 229 -19.68 2.21 -27.42
C GLU A 229 -18.41 2.76 -28.05
N GLN A 230 -17.66 1.89 -28.73
CA GLN A 230 -16.36 2.25 -29.31
C GLN A 230 -16.45 3.37 -30.33
N SER A 231 -17.56 3.44 -31.05
CA SER A 231 -17.81 4.52 -32.00
C SER A 231 -17.96 5.86 -31.27
N ARG A 232 -18.69 5.87 -30.14
CA ARG A 232 -18.82 7.05 -29.29
C ARG A 232 -17.46 7.55 -28.78
N THR A 233 -16.64 6.63 -28.28
CA THR A 233 -15.36 6.99 -27.70
C THR A 233 -14.49 7.73 -28.71
N CYS A 234 -14.41 7.17 -29.92
CA CYS A 234 -13.73 7.82 -31.04
C CYS A 234 -14.30 9.20 -31.35
N TRP A 235 -15.62 9.31 -31.44
CA TRP A 235 -16.23 10.63 -31.65
C TRP A 235 -15.87 11.61 -30.56
N VAL A 236 -16.15 11.25 -29.31
CA VAL A 236 -15.89 12.13 -28.15
C VAL A 236 -14.41 12.51 -28.05
N THR A 237 -13.54 11.57 -28.35
CA THR A 237 -12.10 11.80 -28.41
C THR A 237 -11.71 12.79 -29.50
N ALA A 238 -12.30 12.61 -30.70
CA ALA A 238 -12.02 13.49 -31.83
C ALA A 238 -12.47 14.90 -31.47
N ILE A 239 -13.67 14.98 -30.91
CA ILE A 239 -14.23 16.26 -30.53
C ILE A 239 -13.35 16.92 -29.47
N ARG A 240 -12.90 16.15 -28.47
CA ARG A 240 -11.99 16.68 -27.42
C ARG A 240 -10.68 17.24 -27.97
N LEU A 241 -10.04 16.46 -28.84
CA LEU A 241 -8.79 16.90 -29.49
C LEU A 241 -9.00 18.17 -30.30
N LEU A 242 -10.10 18.26 -31.05
CA LEU A 242 -10.41 19.44 -31.84
C LEU A 242 -10.58 20.63 -30.92
N LYS A 243 -11.26 20.42 -29.79
CA LYS A 243 -11.62 21.53 -28.90
C LYS A 243 -10.44 22.03 -28.10
N TYR A 244 -9.63 21.12 -27.57
CA TYR A 244 -8.54 21.54 -26.69
C TYR A 244 -7.18 21.53 -27.39
N GLY A 245 -7.09 20.80 -28.51
CA GLY A 245 -5.84 20.69 -29.28
C GLY A 245 -4.62 20.33 -28.44
N MET A 246 -3.50 20.97 -28.74
CA MET A 246 -2.19 20.67 -28.14
C MET A 246 -2.19 20.62 -26.60
N GLN A 247 -3.09 21.36 -25.98
CA GLN A 247 -3.17 21.44 -24.54
C GLN A 247 -3.43 20.06 -23.95
N LEU A 248 -4.26 19.27 -24.61
CA LEU A 248 -4.58 17.93 -24.14
C LEU A 248 -3.33 17.10 -23.99
N TYR A 249 -2.50 17.16 -25.03
CA TYR A 249 -1.24 16.46 -25.09
C TYR A 249 -0.26 16.96 -24.04
N GLN A 250 -0.10 18.29 -23.92
CA GLN A 250 0.74 18.85 -22.85
C GLN A 250 0.31 18.31 -21.47
N ASN A 251 -0.99 18.31 -21.20
CA ASN A 251 -1.51 17.80 -19.92
C ASN A 251 -0.97 16.41 -19.67
N TYR A 252 -1.08 15.55 -20.68
CA TYR A 252 -0.67 14.18 -20.58
C TYR A 252 0.84 14.04 -20.44
N MET A 253 1.59 14.85 -21.20
CA MET A 253 3.03 14.75 -21.20
C MET A 253 3.65 15.42 -19.99
N HIS A 254 2.89 16.22 -19.25
CA HIS A 254 3.41 16.78 -18.00
C HIS A 254 2.45 16.61 -16.86
N PRO A 255 2.24 15.35 -16.41
CA PRO A 255 1.27 14.93 -15.37
C PRO A 255 1.32 15.74 -14.08
N TYR A 256 2.48 16.28 -13.75
CA TYR A 256 2.64 17.02 -12.50
C TYR A 256 2.75 18.52 -12.74
N GLN A 257 3.07 18.91 -13.97
CA GLN A 257 3.38 20.31 -14.32
C GLN A 257 4.22 20.99 -13.23
N GLY A 258 5.49 20.59 -13.15
CA GLY A 258 6.42 21.12 -12.15
C GLY A 258 7.10 20.04 -11.32
N GLY B 1 -36.47 -9.26 -7.95
CA GLY B 1 -36.10 -10.17 -6.83
C GLY B 1 -36.96 -9.99 -5.60
N ALA B 2 -36.51 -9.11 -4.70
CA ALA B 2 -37.22 -8.83 -3.45
C ALA B 2 -37.03 -7.37 -3.07
N MET B 3 -38.10 -6.74 -2.60
CA MET B 3 -38.01 -5.37 -2.08
C MET B 3 -37.43 -5.40 -0.67
N GLY B 4 -36.63 -4.39 -0.34
CA GLY B 4 -35.96 -4.33 0.96
C GLY B 4 -36.08 -2.98 1.63
N SER B 5 -36.88 -2.93 2.69
CA SER B 5 -37.08 -1.69 3.45
C SER B 5 -35.88 -1.35 4.31
N MET B 6 -35.59 -0.06 4.38
CA MET B 6 -34.48 0.43 5.15
C MET B 6 -34.75 1.86 5.57
N THR B 7 -34.42 2.15 6.82
CA THR B 7 -34.56 3.49 7.38
C THR B 7 -33.21 4.19 7.43
N GLU B 8 -33.21 5.45 7.02
CA GLU B 8 -31.99 6.23 7.06
C GLU B 8 -31.96 7.18 8.28
N TYR B 9 -30.79 7.41 8.84
CA TYR B 9 -30.61 8.37 9.93
C TYR B 9 -29.49 9.36 9.61
N LYS B 10 -29.81 10.65 9.72
CA LYS B 10 -28.86 11.68 9.43
C LYS B 10 -28.20 12.13 10.72
N LEU B 11 -26.98 11.67 10.96
CA LEU B 11 -26.25 12.07 12.14
C LEU B 11 -25.22 13.15 11.81
N VAL B 12 -25.02 14.08 12.74
CA VAL B 12 -24.06 15.14 12.55
C VAL B 12 -23.19 15.20 13.78
N VAL B 13 -21.87 15.23 13.57
CA VAL B 13 -20.91 15.28 14.66
C VAL B 13 -20.41 16.72 14.76
N VAL B 14 -20.68 17.36 15.89
CA VAL B 14 -20.28 18.77 16.08
C VAL B 14 -19.38 18.94 17.28
N GLY B 15 -18.64 20.05 17.29
CA GLY B 15 -17.70 20.30 18.39
C GLY B 15 -16.51 21.10 17.90
N ALA B 16 -15.76 21.67 18.84
CA ALA B 16 -14.62 22.55 18.51
C ALA B 16 -13.50 21.85 17.72
N VAL B 17 -12.56 22.64 17.23
CA VAL B 17 -11.37 22.14 16.57
C VAL B 17 -10.66 21.08 17.40
N GLY B 18 -10.39 19.93 16.79
CA GLY B 18 -9.42 18.98 17.32
C GLY B 18 -9.93 18.14 18.48
N VAL B 19 -11.24 18.14 18.71
CA VAL B 19 -11.79 17.31 19.79
C VAL B 19 -11.84 15.82 19.43
N GLY B 20 -11.74 15.51 18.14
CA GLY B 20 -11.67 14.11 17.71
C GLY B 20 -12.85 13.64 16.89
N LYS B 21 -13.57 14.59 16.32
CA LYS B 21 -14.82 14.30 15.61
C LYS B 21 -14.61 13.31 14.45
N SER B 22 -13.57 13.55 13.64
CA SER B 22 -13.29 12.72 12.47
C SER B 22 -12.70 11.38 12.89
N ALA B 23 -11.80 11.40 13.89
CA ALA B 23 -11.15 10.17 14.38
C ALA B 23 -12.21 9.19 14.86
N LEU B 24 -13.22 9.70 15.53
CA LEU B 24 -14.36 8.90 15.98
C LEU B 24 -15.19 8.37 14.84
N THR B 25 -15.38 9.21 13.83
CA THR B 25 -16.21 8.84 12.71
C THR B 25 -15.51 7.78 11.86
N ILE B 26 -14.26 8.05 11.53
CA ILE B 26 -13.41 7.10 10.81
C ILE B 26 -13.29 5.76 11.58
N GLN B 27 -13.10 5.83 12.91
CA GLN B 27 -13.12 4.62 13.75
C GLN B 27 -14.43 3.80 13.57
N LEU B 28 -15.57 4.47 13.69
CA LEU B 28 -16.84 3.80 13.39
C LEU B 28 -16.91 3.17 12.00
N ILE B 29 -16.49 3.89 10.97
CA ILE B 29 -16.81 3.49 9.61
C ILE B 29 -15.75 2.56 9.08
N GLN B 30 -14.50 2.89 9.41
CA GLN B 30 -13.35 2.30 8.74
C GLN B 30 -12.51 1.43 9.66
N ASN B 31 -12.90 1.39 10.94
CA ASN B 31 -12.29 0.53 11.97
C ASN B 31 -10.78 0.72 12.07
N HIS B 32 -10.35 1.98 12.24
CA HIS B 32 -8.94 2.32 12.41
C HIS B 32 -8.76 3.73 12.92
N PHE B 33 -7.61 3.98 13.54
CA PHE B 33 -7.36 5.25 14.20
C PHE B 33 -6.42 6.20 13.46
N VAL B 34 -6.90 7.43 13.21
CA VAL B 34 -6.10 8.48 12.59
C VAL B 34 -5.32 9.29 13.61
N ASP B 35 -3.99 9.12 13.59
CA ASP B 35 -3.09 9.83 14.52
C ASP B 35 -2.80 11.27 14.09
N GLU B 36 -2.72 11.47 12.77
CA GLU B 36 -2.49 12.77 12.14
C GLU B 36 -3.69 13.71 12.35
N TYR B 37 -3.45 15.01 12.30
CA TYR B 37 -4.55 15.97 12.32
C TYR B 37 -4.83 16.57 10.94
N ASP B 38 -6.06 16.39 10.49
CA ASP B 38 -6.46 16.74 9.14
C ASP B 38 -7.72 17.59 9.17
N PRO B 39 -7.57 18.91 9.16
CA PRO B 39 -8.70 19.86 9.35
C PRO B 39 -9.89 19.53 8.47
N THR B 40 -11.07 19.46 9.05
CA THR B 40 -12.26 19.13 8.29
C THR B 40 -13.01 20.40 7.97
N ILE B 41 -13.51 20.48 6.74
CA ILE B 41 -14.53 21.46 6.42
C ILE B 41 -15.91 20.82 6.54
N GLU B 42 -16.17 19.81 5.70
CA GLU B 42 -17.40 19.05 5.81
C GLU B 42 -17.23 17.74 5.03
N ASP B 43 -17.25 16.60 5.73
CA ASP B 43 -17.10 15.29 5.09
C ASP B 43 -18.28 14.39 5.45
N SER B 44 -18.70 13.60 4.49
CA SER B 44 -19.90 12.81 4.58
C SER B 44 -19.50 11.32 4.60
N TYR B 45 -20.21 10.50 5.39
CA TYR B 45 -19.92 9.05 5.53
C TYR B 45 -21.22 8.25 5.58
N ARG B 46 -21.17 7.00 5.09
CA ARG B 46 -22.33 6.09 5.05
C ARG B 46 -21.96 4.73 5.62
N LYS B 47 -22.89 4.14 6.38
CA LYS B 47 -22.68 2.82 6.96
C LYS B 47 -24.02 2.14 7.16
N GLN B 48 -24.12 0.91 6.67
CA GLN B 48 -25.25 0.06 6.96
C GLN B 48 -24.96 -0.71 8.23
N VAL B 49 -25.89 -0.62 9.17
CA VAL B 49 -25.85 -1.34 10.43
C VAL B 49 -27.26 -1.83 10.79
N VAL B 50 -27.29 -2.85 11.65
CA VAL B 50 -28.54 -3.38 12.16
C VAL B 50 -28.65 -2.89 13.60
N ILE B 51 -29.72 -2.17 13.91
CA ILE B 51 -29.90 -1.66 15.27
C ILE B 51 -31.29 -2.03 15.77
N ASP B 52 -31.32 -2.78 16.87
CA ASP B 52 -32.56 -3.24 17.52
C ASP B 52 -33.44 -4.01 16.54
N GLY B 53 -32.81 -4.92 15.80
CA GLY B 53 -33.51 -5.76 14.85
C GLY B 53 -33.93 -5.05 13.59
N GLU B 54 -33.50 -3.78 13.45
CA GLU B 54 -33.81 -3.04 12.22
C GLU B 54 -32.57 -2.61 11.41
N THR B 55 -32.70 -2.74 10.09
CA THR B 55 -31.68 -2.34 9.12
C THR B 55 -31.70 -0.84 8.91
N CYS B 56 -30.56 -0.21 9.14
CA CYS B 56 -30.44 1.24 9.08
C CYS B 56 -29.30 1.65 8.21
N LEU B 57 -29.50 2.74 7.49
CA LEU B 57 -28.39 3.41 6.82
C LEU B 57 -28.10 4.66 7.64
N LEU B 58 -26.88 4.77 8.15
CA LEU B 58 -26.47 5.98 8.87
C LEU B 58 -25.74 6.92 7.92
N ASP B 59 -26.34 8.07 7.61
CA ASP B 59 -25.60 9.10 6.88
C ASP B 59 -25.02 10.05 7.92
N ILE B 60 -23.67 10.11 7.95
CA ILE B 60 -22.94 10.80 9.00
C ILE B 60 -22.20 11.99 8.44
N LEU B 61 -22.52 13.15 8.99
CA LEU B 61 -21.90 14.36 8.54
C LEU B 61 -20.88 14.78 9.60
N ASP B 62 -19.60 14.81 9.22
CA ASP B 62 -18.49 15.22 10.09
C ASP B 62 -18.09 16.67 9.73
N THR B 63 -18.23 17.59 10.69
CA THR B 63 -18.30 19.02 10.40
C THR B 63 -17.04 19.76 10.84
N ALA B 64 -17.01 21.07 10.60
CA ALA B 64 -15.87 21.95 10.93
C ALA B 64 -15.93 22.52 12.33
N GLY B 65 -14.80 22.48 13.02
CA GLY B 65 -14.69 23.15 14.31
C GLY B 65 -14.31 24.59 14.06
N GLN B 66 -13.72 24.83 12.88
CA GLN B 66 -13.24 26.13 12.46
C GLN B 66 -14.33 27.17 12.28
N GLU B 67 -14.25 28.23 13.08
CA GLU B 67 -15.24 29.30 13.07
C GLU B 67 -15.35 30.02 11.73
N GLU B 68 -14.24 30.04 10.98
CA GLU B 68 -14.19 30.54 9.61
C GLU B 68 -15.33 29.98 8.74
N TYR B 69 -15.81 28.77 9.06
CA TYR B 69 -16.86 28.06 8.30
C TYR B 69 -18.21 27.98 9.03
N SER B 70 -18.43 28.86 10.01
CA SER B 70 -19.68 28.85 10.79
C SER B 70 -20.95 29.17 9.98
N ALA B 71 -20.78 29.82 8.82
CA ALA B 71 -21.91 30.06 7.92
C ALA B 71 -22.57 28.76 7.42
N MET B 72 -21.80 27.66 7.35
CA MET B 72 -22.34 26.39 6.86
C MET B 72 -23.22 25.64 7.88
N ARG B 73 -23.12 26.06 9.14
CA ARG B 73 -23.78 25.40 10.28
C ARG B 73 -25.30 25.30 10.21
N ASP B 74 -25.92 26.31 9.64
CA ASP B 74 -27.37 26.45 9.56
C ASP B 74 -28.00 25.41 8.64
N GLN B 75 -27.41 25.22 7.47
CA GLN B 75 -27.83 24.16 6.54
C GLN B 75 -27.73 22.73 7.16
N TYR B 76 -26.59 22.38 7.75
CA TYR B 76 -26.47 21.03 8.30
C TYR B 76 -27.32 20.82 9.57
N MET B 77 -27.61 21.90 10.28
CA MET B 77 -28.54 21.84 11.42
C MET B 77 -30.02 21.68 11.06
N ARG B 78 -30.50 22.35 10.02
CA ARG B 78 -31.86 22.10 9.55
C ARG B 78 -32.00 20.64 9.12
N THR B 79 -31.05 20.19 8.30
CA THR B 79 -31.03 18.85 7.70
C THR B 79 -30.80 17.69 8.70
N GLY B 80 -30.05 17.95 9.78
CA GLY B 80 -29.65 16.90 10.71
C GLY B 80 -30.80 16.39 11.56
N GLU B 81 -30.80 15.11 11.88
CA GLU B 81 -31.82 14.52 12.74
C GLU B 81 -31.29 14.29 14.16
N GLY B 82 -29.99 14.01 14.25
CA GLY B 82 -29.38 13.71 15.54
C GLY B 82 -28.01 14.34 15.55
N PHE B 83 -27.58 14.80 16.72
CA PHE B 83 -26.32 15.49 16.80
C PHE B 83 -25.47 14.85 17.86
N LEU B 84 -24.27 14.44 17.47
CA LEU B 84 -23.30 13.95 18.43
C LEU B 84 -22.46 15.17 18.87
N CYS B 85 -22.66 15.61 20.11
CA CYS B 85 -21.97 16.80 20.63
C CYS B 85 -20.69 16.46 21.40
N VAL B 86 -19.55 16.70 20.75
CA VAL B 86 -18.25 16.21 21.19
C VAL B 86 -17.38 17.34 21.72
N PHE B 87 -16.80 17.12 22.89
CA PHE B 87 -15.76 17.97 23.43
C PHE B 87 -14.69 16.99 23.86
N ALA B 88 -13.49 17.49 24.15
CA ALA B 88 -12.40 16.64 24.61
C ALA B 88 -12.20 16.79 26.12
N ILE B 89 -11.88 15.69 26.81
CA ILE B 89 -11.81 15.71 28.27
C ILE B 89 -10.51 16.27 28.85
N ASN B 90 -9.67 16.82 27.98
CA ASN B 90 -8.42 17.46 28.39
C ASN B 90 -8.38 18.89 27.89
N ASN B 91 -9.56 19.43 27.58
CA ASN B 91 -9.67 20.74 26.96
C ASN B 91 -10.95 21.42 27.42
N THR B 92 -10.82 22.26 28.46
CA THR B 92 -11.98 22.96 29.05
C THR B 92 -12.65 23.89 28.05
N LYS B 93 -11.84 24.58 27.24
CA LYS B 93 -12.34 25.47 26.20
C LYS B 93 -13.35 24.76 25.30
N SER B 94 -13.05 23.51 24.94
CA SER B 94 -13.95 22.71 24.10
C SER B 94 -15.28 22.45 24.81
N PHE B 95 -15.21 22.14 26.11
CA PHE B 95 -16.42 21.91 26.91
C PHE B 95 -17.36 23.11 26.99
N GLU B 96 -16.80 24.32 26.97
CA GLU B 96 -17.63 25.53 26.97
C GLU B 96 -18.25 25.81 25.61
N ASP B 97 -17.59 25.35 24.55
CA ASP B 97 -18.06 25.56 23.17
C ASP B 97 -19.31 24.76 22.85
N ILE B 98 -19.46 23.61 23.52
CA ILE B 98 -20.57 22.70 23.24
C ILE B 98 -21.90 23.25 23.72
N HIS B 99 -21.87 24.17 24.69
CA HIS B 99 -23.05 24.88 25.14
C HIS B 99 -23.62 25.65 23.98
N GLN B 100 -22.75 26.34 23.27
CA GLN B 100 -23.13 27.18 22.12
C GLN B 100 -23.72 26.35 20.97
N TYR B 101 -23.15 25.16 20.75
CA TYR B 101 -23.64 24.23 19.71
C TYR B 101 -25.05 23.74 20.02
N ARG B 102 -25.23 23.21 21.24
CA ARG B 102 -26.52 22.80 21.74
C ARG B 102 -27.55 23.92 21.55
N GLU B 103 -27.18 25.15 21.91
CA GLU B 103 -28.06 26.32 21.75
C GLU B 103 -28.33 26.69 20.30
N GLN B 104 -27.31 26.62 19.43
CA GLN B 104 -27.53 26.92 18.01
C GLN B 104 -28.47 25.91 17.35
N ILE B 105 -28.31 24.64 17.72
CA ILE B 105 -29.18 23.58 17.21
C ILE B 105 -30.62 23.78 17.70
N LYS B 106 -30.77 23.96 19.01
CA LYS B 106 -32.06 24.27 19.63
C LYS B 106 -32.80 25.38 18.88
N ARG B 107 -32.08 26.44 18.52
CA ARG B 107 -32.67 27.59 17.85
C ARG B 107 -32.95 27.33 16.39
N VAL B 108 -31.95 26.81 15.68
CA VAL B 108 -32.08 26.56 14.23
C VAL B 108 -33.25 25.63 13.92
N LYS B 109 -33.40 24.60 14.75
CA LYS B 109 -34.44 23.60 14.53
C LYS B 109 -35.76 23.97 15.22
N ASP B 110 -35.69 24.91 16.16
CA ASP B 110 -36.86 25.47 16.86
C ASP B 110 -37.58 24.40 17.69
N SER B 111 -36.87 23.82 18.65
CA SER B 111 -37.37 22.71 19.48
C SER B 111 -36.49 22.49 20.69
N ASP B 112 -37.11 22.10 21.80
CA ASP B 112 -36.35 21.75 23.02
C ASP B 112 -36.08 20.24 23.10
N ASP B 113 -36.44 19.49 22.06
CA ASP B 113 -36.36 18.04 22.13
C ASP B 113 -35.62 17.41 20.94
N VAL B 114 -34.47 17.99 20.59
CA VAL B 114 -33.63 17.47 19.50
C VAL B 114 -32.78 16.30 20.00
N PRO B 115 -32.84 15.14 19.30
CA PRO B 115 -31.98 14.01 19.67
C PRO B 115 -30.50 14.40 19.68
N MET B 116 -29.82 14.11 20.78
CA MET B 116 -28.43 14.49 21.00
C MET B 116 -27.75 13.56 22.02
N VAL B 117 -26.45 13.35 21.83
CA VAL B 117 -25.63 12.68 22.83
C VAL B 117 -24.43 13.57 23.06
N LEU B 118 -24.17 13.87 24.33
CA LEU B 118 -22.96 14.57 24.73
C LEU B 118 -21.85 13.55 24.85
N VAL B 119 -20.76 13.80 24.13
CA VAL B 119 -19.65 12.85 24.05
C VAL B 119 -18.38 13.48 24.60
N GLY B 120 -17.84 12.86 25.65
CA GLY B 120 -16.56 13.30 26.21
C GLY B 120 -15.49 12.43 25.60
N ASN B 121 -14.79 12.94 24.58
CA ASN B 121 -13.81 12.12 23.87
C ASN B 121 -12.37 12.25 24.42
N LYS B 122 -11.48 11.41 23.91
CA LYS B 122 -10.08 11.31 24.33
C LYS B 122 -9.97 10.79 25.77
N CYS B 123 -10.84 9.85 26.14
CA CYS B 123 -10.88 9.34 27.53
C CYS B 123 -9.64 8.52 27.91
N ASP B 124 -8.81 8.21 26.91
CA ASP B 124 -7.58 7.42 27.08
C ASP B 124 -6.42 8.21 27.69
N LEU B 125 -6.60 9.52 27.87
CA LEU B 125 -5.54 10.39 28.37
C LEU B 125 -5.56 10.51 29.89
N ALA B 126 -4.39 10.78 30.46
CA ALA B 126 -4.21 10.96 31.89
C ALA B 126 -4.50 12.39 32.37
N ALA B 127 -4.37 13.36 31.47
CA ALA B 127 -4.45 14.79 31.80
C ALA B 127 -5.85 15.43 31.71
N ARG B 128 -6.82 14.82 32.38
CA ARG B 128 -8.22 15.29 32.38
C ARG B 128 -8.35 16.73 32.87
N THR B 129 -9.08 17.56 32.13
CA THR B 129 -9.42 18.90 32.61
C THR B 129 -10.93 19.05 32.81
N VAL B 130 -11.67 18.00 32.46
CA VAL B 130 -13.13 17.93 32.65
C VAL B 130 -13.49 16.60 33.29
N GLU B 131 -14.08 16.67 34.48
CA GLU B 131 -14.44 15.49 35.26
C GLU B 131 -15.77 14.91 34.77
N SER B 132 -15.86 13.57 34.75
CA SER B 132 -17.06 12.87 34.30
C SER B 132 -18.36 13.42 34.88
N ARG B 133 -18.36 13.65 36.19
CA ARG B 133 -19.54 14.16 36.90
C ARG B 133 -19.95 15.56 36.45
N GLN B 134 -18.95 16.39 36.13
CA GLN B 134 -19.16 17.72 35.57
C GLN B 134 -20.04 17.66 34.30
N ALA B 135 -19.76 16.67 33.45
CA ALA B 135 -20.46 16.50 32.19
C ALA B 135 -21.77 15.72 32.35
N GLN B 136 -21.74 14.73 33.25
CA GLN B 136 -22.96 14.06 33.75
C GLN B 136 -24.08 15.05 34.09
N ASP B 137 -23.71 16.18 34.68
CA ASP B 137 -24.66 17.22 35.06
C ASP B 137 -25.25 17.91 33.84
N LEU B 138 -24.38 18.45 32.99
CA LEU B 138 -24.82 19.17 31.79
C LEU B 138 -25.69 18.28 30.89
N ALA B 139 -25.38 16.99 30.84
CA ALA B 139 -26.22 16.01 30.14
C ALA B 139 -27.62 15.88 30.76
N ARG B 140 -27.67 15.64 32.07
CA ARG B 140 -28.93 15.64 32.84
C ARG B 140 -29.73 16.93 32.63
N SER B 141 -29.01 18.04 32.69
CA SER B 141 -29.57 19.37 32.40
C SER B 141 -30.24 19.48 31.03
N TYR B 142 -29.65 18.83 30.03
CA TYR B 142 -30.21 18.81 28.67
C TYR B 142 -31.22 17.67 28.51
N GLY B 143 -31.08 16.63 29.34
CA GLY B 143 -31.92 15.44 29.23
C GLY B 143 -31.40 14.41 28.24
N ILE B 144 -30.12 14.55 27.87
CA ILE B 144 -29.47 13.68 26.88
C ILE B 144 -28.47 12.74 27.56
N PRO B 145 -28.11 11.62 26.89
CA PRO B 145 -27.13 10.76 27.53
C PRO B 145 -25.73 11.34 27.46
N TYR B 146 -24.85 10.78 28.27
CA TYR B 146 -23.43 11.11 28.29
C TYR B 146 -22.67 9.81 28.14
N ILE B 147 -21.76 9.79 27.17
CA ILE B 147 -20.89 8.65 26.90
C ILE B 147 -19.49 9.18 26.71
N GLU B 148 -18.53 8.59 27.42
CA GLU B 148 -17.12 8.95 27.27
C GLU B 148 -16.51 8.02 26.22
N THR B 149 -15.67 8.57 25.35
CA THR B 149 -15.13 7.77 24.24
C THR B 149 -13.63 7.93 24.07
N SER B 150 -13.04 6.96 23.38
CA SER B 150 -11.68 7.12 22.88
C SER B 150 -11.63 6.57 21.47
N ALA B 151 -11.20 7.42 20.54
CA ALA B 151 -11.07 7.04 19.16
C ALA B 151 -9.85 6.17 19.04
N LYS B 152 -8.83 6.54 19.81
CA LYS B 152 -7.56 5.80 19.85
C LYS B 152 -7.74 4.35 20.32
N THR B 153 -8.58 4.13 21.34
CA THR B 153 -8.81 2.79 21.88
C THR B 153 -10.09 2.09 21.35
N ARG B 154 -10.99 2.86 20.72
CA ARG B 154 -12.33 2.41 20.25
C ARG B 154 -13.41 2.34 21.33
N GLN B 155 -13.03 2.69 22.56
CA GLN B 155 -13.94 2.63 23.70
C GLN B 155 -15.15 3.54 23.48
N GLY B 156 -16.34 2.95 23.55
CA GLY B 156 -17.59 3.71 23.49
C GLY B 156 -17.94 4.35 22.15
N VAL B 157 -17.22 4.02 21.09
CA VAL B 157 -17.51 4.56 19.75
C VAL B 157 -18.88 4.10 19.24
N GLU B 158 -19.06 2.79 19.17
CA GLU B 158 -20.33 2.18 18.77
C GLU B 158 -21.46 2.57 19.73
N ASP B 159 -21.18 2.47 21.03
CA ASP B 159 -22.03 2.98 22.10
C ASP B 159 -22.62 4.37 21.75
N ALA B 160 -21.74 5.35 21.55
CA ALA B 160 -22.13 6.74 21.27
C ALA B 160 -23.01 6.94 20.04
N PHE B 161 -22.65 6.32 18.93
CA PHE B 161 -23.39 6.48 17.70
C PHE B 161 -24.75 5.74 17.75
N TYR B 162 -24.72 4.50 18.27
CA TYR B 162 -25.94 3.70 18.34
C TYR B 162 -26.95 4.26 19.35
N THR B 163 -26.42 4.89 20.40
CA THR B 163 -27.28 5.59 21.35
C THR B 163 -28.02 6.77 20.67
N LEU B 164 -27.30 7.58 19.90
CA LEU B 164 -27.95 8.68 19.17
C LEU B 164 -29.10 8.16 18.29
N VAL B 165 -28.83 7.10 17.55
CA VAL B 165 -29.88 6.49 16.73
C VAL B 165 -31.07 6.12 17.59
N ARG B 166 -30.81 5.51 18.75
CA ARG B 166 -31.88 5.13 19.65
C ARG B 166 -32.61 6.38 20.17
N GLU B 167 -31.86 7.46 20.42
CA GLU B 167 -32.48 8.75 20.75
C GLU B 167 -33.40 9.24 19.63
N ILE B 168 -32.89 9.25 18.39
CA ILE B 168 -33.71 9.60 17.24
C ILE B 168 -34.97 8.74 17.25
N ARG B 169 -34.81 7.42 17.28
CA ARG B 169 -35.94 6.47 17.15
C ARG B 169 -37.02 6.67 18.20
N GLN B 170 -36.62 6.99 19.41
CA GLN B 170 -37.57 7.14 20.52
C GLN B 170 -38.25 8.51 20.50
N HIS B 171 -37.71 9.43 19.70
CA HIS B 171 -38.31 10.75 19.56
C HIS B 171 -39.09 10.85 18.28
N LYS C 8 -12.57 -35.28 3.72
CA LYS C 8 -11.22 -34.63 3.70
C LYS C 8 -11.28 -33.13 3.35
N LYS C 9 -11.99 -32.78 2.27
CA LYS C 9 -12.10 -31.38 1.81
C LYS C 9 -13.54 -30.85 1.84
N GLN C 10 -13.71 -29.72 2.52
CA GLN C 10 -15.03 -29.10 2.70
C GLN C 10 -15.07 -27.67 2.16
N VAL C 11 -16.24 -27.25 1.68
CA VAL C 11 -16.43 -25.88 1.20
C VAL C 11 -17.06 -25.02 2.30
N ILE C 12 -16.41 -23.90 2.61
CA ILE C 12 -16.98 -22.92 3.55
C ILE C 12 -17.09 -21.51 2.99
N LYS C 13 -17.97 -20.72 3.59
CA LYS C 13 -18.10 -19.31 3.22
C LYS C 13 -17.69 -18.41 4.38
N VAL C 14 -16.94 -17.36 4.06
CA VAL C 14 -16.58 -16.37 5.05
C VAL C 14 -17.06 -14.99 4.61
N TYR C 15 -17.90 -14.36 5.44
CA TYR C 15 -18.46 -13.06 5.13
C TYR C 15 -17.59 -11.92 5.63
N SER C 16 -17.77 -10.77 5.02
CA SER C 16 -17.16 -9.52 5.43
C SER C 16 -18.26 -8.60 5.95
N GLU C 17 -17.87 -7.43 6.47
CA GLU C 17 -18.82 -6.45 7.03
C GLU C 17 -19.89 -5.97 6.04
N ASP C 18 -19.53 -5.85 4.76
CA ASP C 18 -20.50 -5.46 3.72
C ASP C 18 -21.47 -6.58 3.33
N GLU C 19 -21.47 -7.65 4.11
CA GLU C 19 -22.27 -8.88 3.86
C GLU C 19 -21.92 -9.65 2.57
N THR C 20 -20.80 -9.31 1.92
CA THR C 20 -20.31 -10.15 0.83
C THR C 20 -19.54 -11.32 1.44
N SER C 21 -19.43 -12.41 0.69
CA SER C 21 -18.67 -13.57 1.16
C SER C 21 -17.73 -14.13 0.12
N ARG C 22 -16.68 -14.80 0.61
CA ARG C 22 -15.82 -15.63 -0.21
C ARG C 22 -15.98 -17.12 0.18
N ALA C 23 -16.09 -18.01 -0.80
CA ALA C 23 -16.09 -19.43 -0.51
C ALA C 23 -14.67 -19.96 -0.58
N LEU C 24 -14.35 -20.88 0.31
CA LEU C 24 -13.05 -21.51 0.31
C LEU C 24 -13.23 -23.02 0.45
N ASP C 25 -12.32 -23.77 -0.17
CA ASP C 25 -12.35 -25.23 -0.08
C ASP C 25 -11.22 -25.58 0.86
N VAL C 26 -11.58 -25.95 2.09
CA VAL C 26 -10.57 -26.14 3.12
C VAL C 26 -10.49 -27.57 3.64
N PRO C 27 -9.27 -28.02 4.03
CA PRO C 27 -9.12 -29.33 4.69
C PRO C 27 -9.92 -29.37 5.98
N SER C 28 -10.39 -30.55 6.37
CA SER C 28 -11.09 -30.73 7.67
C SER C 28 -10.29 -30.23 8.87
N ASP C 29 -8.96 -30.26 8.80
CA ASP C 29 -8.14 -29.88 9.95
C ASP C 29 -7.69 -28.42 9.95
N ILE C 30 -8.41 -27.56 9.23
CA ILE C 30 -7.95 -26.18 9.06
C ILE C 30 -8.21 -25.33 10.30
N THR C 31 -7.17 -24.63 10.74
CA THR C 31 -7.33 -23.74 11.88
C THR C 31 -7.90 -22.36 11.46
N ALA C 32 -8.30 -21.59 12.45
CA ALA C 32 -8.78 -20.23 12.26
C ALA C 32 -7.68 -19.30 11.78
N ARG C 33 -6.47 -19.51 12.29
CA ARG C 33 -5.28 -18.76 11.85
C ARG C 33 -5.08 -18.96 10.35
N ASP C 34 -5.11 -20.22 9.91
CA ASP C 34 -4.88 -20.58 8.50
C ASP C 34 -5.83 -19.88 7.57
N VAL C 35 -7.12 -19.93 7.91
CA VAL C 35 -8.19 -19.29 7.14
C VAL C 35 -7.95 -17.79 7.09
N CYS C 36 -7.68 -17.19 8.24
CA CYS C 36 -7.30 -15.77 8.28
C CYS C 36 -6.15 -15.43 7.31
N GLN C 37 -5.08 -16.22 7.32
CA GLN C 37 -3.94 -15.92 6.45
C GLN C 37 -4.30 -16.10 4.97
N LEU C 38 -5.06 -17.14 4.67
CA LEU C 38 -5.59 -17.31 3.33
C LEU C 38 -6.26 -16.03 2.86
N LEU C 39 -7.12 -15.47 3.72
CA LEU C 39 -7.92 -14.31 3.34
C LEU C 39 -7.08 -13.05 3.25
N ILE C 40 -6.12 -12.90 4.16
CA ILE C 40 -5.16 -11.80 4.09
C ILE C 40 -4.50 -11.82 2.73
N LEU C 41 -4.01 -12.99 2.32
CA LEU C 41 -3.30 -13.12 1.03
C LEU C 41 -4.18 -12.90 -0.17
N LYS C 42 -5.35 -13.54 -0.16
CA LYS C 42 -6.32 -13.41 -1.25
C LYS C 42 -6.86 -11.98 -1.41
N ASN C 43 -7.00 -11.28 -0.30
CA ASN C 43 -7.56 -9.92 -0.30
C ASN C 43 -6.51 -8.81 -0.48
N HIS C 44 -5.25 -9.19 -0.60
CA HIS C 44 -4.16 -8.21 -0.74
C HIS C 44 -4.11 -7.26 0.44
N TYR C 45 -4.36 -7.83 1.61
CA TYR C 45 -4.26 -7.11 2.86
C TYR C 45 -2.86 -7.21 3.42
N ILE C 46 -2.54 -6.34 4.37
CA ILE C 46 -1.28 -6.43 5.11
C ILE C 46 -1.56 -7.08 6.45
N ASP C 47 -0.63 -7.91 6.92
CA ASP C 47 -0.83 -8.67 8.12
C ASP C 47 -0.53 -7.83 9.37
N ASP C 48 -1.59 -7.47 10.09
CA ASP C 48 -1.56 -6.64 11.29
C ASP C 48 -1.48 -7.50 12.56
N HIS C 49 -1.83 -8.78 12.40
CA HIS C 49 -2.19 -9.68 13.50
C HIS C 49 -3.51 -9.39 14.14
N SER C 50 -4.19 -8.32 13.71
CA SER C 50 -5.55 -8.02 14.18
C SER C 50 -6.64 -8.76 13.40
N TRP C 51 -6.32 -9.24 12.20
CA TRP C 51 -7.28 -10.01 11.42
C TRP C 51 -7.78 -11.20 12.19
N THR C 52 -9.08 -11.42 12.11
CA THR C 52 -9.74 -12.33 13.02
C THR C 52 -10.95 -12.96 12.37
N LEU C 53 -11.14 -14.24 12.64
CA LEU C 53 -12.33 -14.99 12.23
C LEU C 53 -13.31 -15.06 13.39
N PHE C 54 -14.54 -14.56 13.16
CA PHE C 54 -15.58 -14.50 14.19
C PHE C 54 -16.64 -15.55 13.92
N GLU C 55 -17.13 -16.14 15.01
CA GLU C 55 -18.31 -16.99 15.00
C GLU C 55 -19.51 -16.10 15.36
N HIS C 56 -20.43 -15.93 14.41
CA HIS C 56 -21.56 -14.98 14.51
C HIS C 56 -22.88 -15.71 14.66
N LEU C 57 -23.57 -15.53 15.79
CA LEU C 57 -24.91 -16.14 15.97
C LEU C 57 -25.98 -15.04 15.91
N PRO C 58 -26.65 -14.92 14.75
CA PRO C 58 -27.57 -13.79 14.52
C PRO C 58 -28.91 -13.88 15.24
N HIS C 59 -29.43 -15.09 15.50
CA HIS C 59 -30.71 -15.20 16.23
C HIS C 59 -30.56 -14.80 17.67
N ILE C 60 -29.41 -15.12 18.25
CA ILE C 60 -29.09 -14.79 19.65
C ILE C 60 -28.58 -13.35 19.85
N GLY C 61 -28.05 -12.72 18.80
CA GLY C 61 -27.48 -11.37 18.90
C GLY C 61 -26.07 -11.29 19.47
N VAL C 62 -25.27 -12.33 19.27
CA VAL C 62 -23.90 -12.39 19.81
C VAL C 62 -22.87 -12.93 18.79
N GLU C 63 -21.61 -12.58 19.00
CA GLU C 63 -20.53 -13.19 18.24
C GLU C 63 -19.32 -13.38 19.12
N ARG C 64 -18.33 -14.12 18.60
CA ARG C 64 -17.07 -14.30 19.30
C ARG C 64 -15.90 -14.48 18.35
N THR C 65 -14.76 -13.98 18.79
CA THR C 65 -13.47 -14.25 18.18
C THR C 65 -13.25 -15.74 18.26
N ILE C 66 -12.88 -16.37 17.14
CA ILE C 66 -12.44 -17.77 17.17
C ILE C 66 -10.95 -17.70 17.34
N GLU C 67 -10.41 -18.37 18.36
CA GLU C 67 -8.96 -18.30 18.59
C GLU C 67 -8.15 -19.10 17.59
N ASP C 68 -6.88 -18.70 17.45
CA ASP C 68 -6.03 -19.07 16.33
C ASP C 68 -5.98 -20.55 16.07
N HIS C 69 -5.98 -21.33 17.15
CA HIS C 69 -5.77 -22.78 17.06
C HIS C 69 -7.05 -23.57 16.88
N GLU C 70 -8.21 -22.97 17.12
CA GLU C 70 -9.47 -23.73 16.92
C GLU C 70 -9.60 -24.25 15.50
N LEU C 71 -10.05 -25.49 15.39
CA LEU C 71 -10.33 -26.10 14.12
C LEU C 71 -11.68 -25.59 13.70
N VAL C 72 -11.72 -24.81 12.61
CA VAL C 72 -12.98 -24.14 12.24
C VAL C 72 -14.07 -25.10 11.82
N ILE C 73 -13.70 -26.27 11.31
CA ILE C 73 -14.67 -27.32 11.00
C ILE C 73 -15.34 -27.81 12.29
N GLU C 74 -14.55 -27.90 13.36
CA GLU C 74 -15.08 -28.28 14.66
C GLU C 74 -16.06 -27.22 15.16
N VAL C 75 -15.71 -25.94 15.00
CA VAL C 75 -16.59 -24.84 15.42
C VAL C 75 -17.95 -24.99 14.74
N LEU C 76 -17.91 -25.28 13.44
CA LEU C 76 -19.10 -25.48 12.61
C LEU C 76 -19.89 -26.76 12.93
N SER C 77 -19.25 -27.73 13.58
CA SER C 77 -19.96 -28.98 13.93
C SER C 77 -21.01 -28.74 15.03
N ASN C 78 -20.76 -27.74 15.88
CA ASN C 78 -21.71 -27.27 16.91
C ASN C 78 -23.02 -26.69 16.37
N TRP C 79 -23.02 -26.24 15.13
CA TRP C 79 -24.14 -25.49 14.57
C TRP C 79 -25.32 -26.36 14.24
N GLY C 80 -26.46 -26.09 14.89
CA GLY C 80 -27.74 -26.61 14.41
C GLY C 80 -27.99 -25.95 13.05
N ILE C 81 -28.39 -26.76 12.06
CA ILE C 81 -28.65 -26.30 10.68
C ILE C 81 -29.61 -25.09 10.65
N GLU C 82 -30.49 -25.05 11.65
CA GLU C 82 -31.58 -24.09 11.73
C GLU C 82 -31.18 -22.76 12.38
N GLU C 83 -29.90 -22.59 12.69
CA GLU C 83 -29.41 -21.36 13.32
C GLU C 83 -28.94 -20.31 12.32
N GLU C 84 -28.63 -20.75 11.10
CA GLU C 84 -28.08 -19.87 10.05
C GLU C 84 -26.88 -19.03 10.54
N ASN C 85 -25.98 -19.68 11.26
CA ASN C 85 -24.82 -19.00 11.80
C ASN C 85 -23.84 -18.55 10.70
N LYS C 86 -23.00 -17.57 10.99
CA LYS C 86 -22.07 -17.06 10.01
C LYS C 86 -20.65 -16.93 10.53
N LEU C 87 -19.68 -17.11 9.64
CA LEU C 87 -18.31 -16.73 9.94
C LEU C 87 -18.02 -15.37 9.30
N TYR C 88 -17.58 -14.42 10.12
CA TYR C 88 -17.07 -13.13 9.62
C TYR C 88 -15.57 -12.95 9.79
N PHE C 89 -14.97 -12.18 8.87
CA PHE C 89 -13.53 -11.89 8.88
C PHE C 89 -13.35 -10.37 9.04
N ARG C 90 -12.66 -9.94 10.11
CA ARG C 90 -12.54 -8.51 10.41
C ARG C 90 -11.33 -8.25 11.33
N LYS C 91 -10.96 -6.99 11.50
CA LYS C 91 -9.88 -6.65 12.39
C LYS C 91 -10.41 -6.65 13.81
N ASN C 92 -9.64 -7.23 14.71
CA ASN C 92 -9.90 -7.16 16.15
C ASN C 92 -8.65 -6.70 16.90
N TYR C 93 -8.64 -5.42 17.25
CA TYR C 93 -7.51 -4.81 17.94
C TYR C 93 -7.47 -5.14 19.42
N ALA C 94 -8.58 -5.63 19.96
CA ALA C 94 -8.70 -5.82 21.40
C ALA C 94 -8.19 -7.17 21.90
N LYS C 95 -8.22 -8.19 21.05
CA LYS C 95 -8.11 -9.60 21.49
C LYS C 95 -6.91 -10.01 22.33
N TYR C 96 -5.79 -9.29 22.21
CA TYR C 96 -4.59 -9.62 22.98
C TYR C 96 -4.10 -8.43 23.77
N GLU C 97 -4.99 -7.47 23.98
CA GLU C 97 -4.65 -6.27 24.72
C GLU C 97 -4.01 -6.63 26.07
N PHE C 98 -4.60 -7.58 26.79
CA PHE C 98 -4.02 -8.04 28.06
C PHE C 98 -2.56 -8.41 27.89
N PHE C 99 -2.24 -9.11 26.80
CA PHE C 99 -0.87 -9.54 26.59
C PHE C 99 0.06 -8.37 26.29
N LYS C 100 -0.48 -7.34 25.63
CA LYS C 100 0.30 -6.16 25.27
C LYS C 100 0.67 -5.31 26.48
N ASN C 101 -0.24 -5.24 27.44
CA ASN C 101 0.01 -4.51 28.69
C ASN C 101 -0.79 -5.07 29.87
N PRO C 102 -0.27 -6.15 30.49
CA PRO C 102 -0.91 -6.86 31.61
C PRO C 102 -0.92 -6.07 32.92
N MET C 103 -0.36 -4.87 32.90
CA MET C 103 -0.12 -4.08 34.10
C MET C 103 -1.42 -3.53 34.70
N TYR C 104 -1.96 -2.49 34.07
CA TYR C 104 -3.17 -1.87 34.54
C TYR C 104 -4.42 -2.47 33.87
N PHE C 105 -4.27 -3.65 33.27
CA PHE C 105 -5.38 -4.26 32.57
C PHE C 105 -6.57 -4.52 33.49
N PHE C 106 -6.31 -5.19 34.61
CA PHE C 106 -7.35 -5.44 35.60
C PHE C 106 -7.31 -4.39 36.72
N PRO C 107 -8.47 -3.74 37.00
CA PRO C 107 -8.63 -2.87 38.18
C PRO C 107 -8.25 -3.59 39.48
N GLU C 108 -7.65 -2.85 40.41
CA GLU C 108 -7.19 -3.44 41.67
C GLU C 108 -8.32 -4.19 42.37
N HIS C 109 -9.54 -3.65 42.32
CA HIS C 109 -10.69 -4.28 42.95
C HIS C 109 -11.23 -5.47 42.18
N MET C 110 -10.44 -5.95 41.20
CA MET C 110 -10.87 -7.09 40.39
C MET C 110 -9.98 -8.33 40.59
N VAL C 111 -8.71 -8.16 40.93
CA VAL C 111 -7.77 -9.29 40.98
C VAL C 111 -7.28 -9.62 42.39
N SER C 112 -7.25 -10.92 42.70
CA SER C 112 -6.67 -11.39 43.96
C SER C 112 -5.50 -12.36 43.73
N PHE C 113 -4.54 -12.30 44.65
CA PHE C 113 -3.23 -12.92 44.49
C PHE C 113 -3.03 -14.07 45.46
N ILE C 121 2.98 -5.45 42.10
CA ILE C 121 2.42 -5.91 40.83
C ILE C 121 3.52 -6.21 39.80
N SER C 122 4.17 -7.36 39.96
CA SER C 122 5.27 -7.79 39.09
C SER C 122 4.89 -7.68 37.60
N PRO C 123 5.82 -7.16 36.77
CA PRO C 123 5.53 -6.85 35.35
C PRO C 123 4.94 -8.01 34.55
N THR C 124 5.60 -9.17 34.58
CA THR C 124 5.23 -10.31 33.74
C THR C 124 4.95 -11.58 34.54
N GLN C 125 4.97 -11.48 35.87
CA GLN C 125 4.56 -12.60 36.71
C GLN C 125 3.03 -12.67 36.85
N ILE C 126 2.38 -11.51 36.69
CA ILE C 126 0.92 -11.43 36.62
C ILE C 126 0.43 -12.20 35.39
N LEU C 127 1.31 -12.30 34.40
CA LEU C 127 1.09 -13.11 33.23
C LEU C 127 1.23 -14.60 33.57
N GLN C 128 2.21 -14.93 34.41
CA GLN C 128 2.39 -16.29 34.91
C GLN C 128 1.16 -16.73 35.68
N MET C 129 0.64 -15.82 36.50
CA MET C 129 -0.52 -16.05 37.34
C MET C 129 -1.74 -16.45 36.53
N PHE C 130 -1.83 -15.98 35.29
CA PHE C 130 -2.98 -16.23 34.45
C PHE C 130 -2.81 -17.39 33.47
N LEU C 131 -1.57 -17.83 33.25
CA LEU C 131 -1.28 -18.84 32.23
C LEU C 131 -1.02 -20.23 32.78
N SER C 132 -1.10 -20.39 34.10
CA SER C 132 -0.91 -21.71 34.71
C SER C 132 -2.15 -22.59 34.48
N SER C 133 -1.93 -23.90 34.41
CA SER C 133 -3.05 -24.85 34.36
C SER C 133 -3.38 -25.47 35.73
N SER C 134 -2.58 -25.13 36.75
CA SER C 134 -2.81 -25.62 38.13
C SER C 134 -3.60 -24.63 39.01
N THR C 135 -3.17 -23.37 39.03
CA THR C 135 -3.84 -22.32 39.78
C THR C 135 -4.51 -21.31 38.84
N TYR C 136 -5.31 -20.42 39.42
CA TYR C 136 -5.87 -19.30 38.70
C TYR C 136 -6.20 -18.16 39.65
N PRO C 137 -5.90 -16.91 39.25
CA PRO C 137 -6.27 -15.75 40.08
C PRO C 137 -7.75 -15.77 40.40
N GLU C 138 -8.14 -15.03 41.42
CA GLU C 138 -9.56 -14.85 41.67
C GLU C 138 -9.98 -13.54 41.03
N ILE C 139 -10.95 -13.60 40.14
CA ILE C 139 -11.58 -12.40 39.61
C ILE C 139 -12.92 -12.26 40.30
N HIS C 140 -13.18 -11.05 40.82
CA HIS C 140 -14.40 -10.77 41.57
C HIS C 140 -14.94 -9.41 41.25
N GLY C 141 -16.25 -9.30 41.21
CA GLY C 141 -16.93 -8.05 40.91
C GLY C 141 -18.40 -8.28 40.71
N PHE C 142 -19.16 -7.19 40.75
CA PHE C 142 -20.59 -7.21 40.48
C PHE C 142 -20.87 -7.41 38.99
N LEU C 143 -22.03 -8.00 38.70
CA LEU C 143 -22.52 -8.28 37.36
C LEU C 143 -24.03 -8.41 37.48
N HIS C 144 -24.74 -8.14 36.39
CA HIS C 144 -26.16 -8.45 36.31
C HIS C 144 -26.30 -9.82 35.69
N ALA C 145 -27.38 -10.54 36.02
CA ALA C 145 -27.56 -11.92 35.56
C ALA C 145 -29.02 -12.34 35.40
N LYS C 146 -29.27 -13.23 34.43
CA LYS C 146 -30.62 -13.62 34.08
C LYS C 146 -30.86 -15.08 34.39
N GLU C 147 -31.91 -15.37 35.17
CA GLU C 147 -32.25 -16.75 35.52
C GLU C 147 -32.94 -17.46 34.36
N GLN C 148 -32.94 -18.80 34.41
CA GLN C 148 -33.47 -19.65 33.34
C GLN C 148 -34.96 -19.42 33.07
N GLY C 149 -35.27 -19.00 31.84
CA GLY C 149 -36.64 -18.72 31.43
C GLY C 149 -37.19 -17.40 31.97
N LYS C 150 -36.61 -16.93 33.07
CA LYS C 150 -37.01 -15.66 33.68
C LYS C 150 -36.20 -14.50 33.08
N LYS C 151 -36.86 -13.70 32.24
CA LYS C 151 -36.24 -12.52 31.63
C LYS C 151 -35.90 -11.43 32.66
N SER C 152 -36.09 -11.74 33.94
CA SER C 152 -35.80 -10.82 35.04
C SER C 152 -34.31 -10.80 35.40
N TRP C 153 -33.80 -9.59 35.65
CA TRP C 153 -32.37 -9.36 35.84
C TRP C 153 -32.05 -8.89 37.23
N LYS C 154 -31.01 -9.44 37.82
CA LYS C 154 -30.59 -9.09 39.18
C LYS C 154 -29.12 -8.76 39.20
N LYS C 155 -28.73 -7.76 39.99
CA LYS C 155 -27.32 -7.50 40.23
C LYS C 155 -26.81 -8.45 41.31
N ILE C 156 -25.63 -9.03 41.07
CA ILE C 156 -25.07 -10.07 41.92
C ILE C 156 -23.55 -9.97 41.92
N TYR C 157 -22.92 -10.39 43.02
CA TYR C 157 -21.47 -10.42 43.07
C TYR C 157 -20.91 -11.79 42.62
N PHE C 158 -19.80 -11.77 41.88
CA PHE C 158 -19.33 -12.97 41.17
C PHE C 158 -17.89 -13.29 41.48
N PHE C 159 -17.57 -14.58 41.49
CA PHE C 159 -16.21 -15.03 41.69
C PHE C 159 -15.85 -15.92 40.51
N LEU C 160 -14.85 -15.53 39.73
CA LEU C 160 -14.29 -16.45 38.74
C LEU C 160 -13.14 -17.18 39.39
N ARG C 161 -13.21 -18.50 39.37
CA ARG C 161 -12.16 -19.35 39.94
C ARG C 161 -11.75 -20.43 38.97
N ARG C 162 -10.75 -21.21 39.40
CA ARG C 162 -10.21 -22.34 38.65
C ARG C 162 -11.27 -23.34 38.14
N SER C 163 -12.21 -23.69 39.00
CA SER C 163 -13.25 -24.67 38.71
C SER C 163 -14.44 -24.09 37.96
N GLY C 164 -14.53 -22.76 37.89
CA GLY C 164 -15.59 -22.09 37.17
C GLY C 164 -15.97 -20.72 37.68
N LEU C 165 -17.19 -20.30 37.35
CA LEU C 165 -17.76 -19.04 37.82
C LEU C 165 -18.86 -19.28 38.83
N TYR C 166 -18.80 -18.52 39.92
CA TYR C 166 -19.71 -18.65 41.02
C TYR C 166 -20.27 -17.29 41.41
N PHE C 167 -21.49 -17.29 41.92
CA PHE C 167 -22.04 -16.11 42.57
C PHE C 167 -22.32 -16.32 44.07
N SER C 168 -22.52 -15.22 44.77
CA SER C 168 -22.85 -15.23 46.20
C SER C 168 -24.35 -15.05 46.44
N THR C 169 -24.87 -15.72 47.46
CA THR C 169 -26.29 -15.57 47.83
C THR C 169 -26.46 -14.48 48.87
N LYS C 170 -25.34 -13.88 49.28
CA LYS C 170 -25.33 -12.82 50.28
C LYS C 170 -24.23 -11.83 49.94
N GLY C 171 -24.64 -10.69 49.40
CA GLY C 171 -23.73 -9.60 49.05
C GLY C 171 -22.40 -10.07 48.50
N THR C 172 -21.33 -9.71 49.19
CA THR C 172 -19.98 -10.00 48.74
C THR C 172 -19.34 -11.25 49.41
N SER C 173 -20.13 -11.99 50.18
CA SER C 173 -19.59 -13.12 50.93
C SER C 173 -19.03 -14.23 50.03
N ALA C 174 -17.73 -14.50 50.17
CA ALA C 174 -17.06 -15.60 49.49
C ALA C 174 -17.10 -16.89 50.31
N ALA C 175 -17.79 -16.85 51.45
CA ALA C 175 -17.86 -18.01 52.34
C ALA C 175 -18.51 -19.14 51.58
N PRO C 176 -17.98 -20.36 51.75
CA PRO C 176 -18.48 -21.53 51.02
C PRO C 176 -20.00 -21.78 51.11
N ARG C 177 -20.64 -21.46 52.22
CA ARG C 177 -22.09 -21.67 52.30
C ARG C 177 -22.88 -20.69 51.41
N HIS C 178 -22.21 -19.62 50.94
CA HIS C 178 -22.85 -18.61 50.08
C HIS C 178 -22.39 -18.66 48.65
N LEU C 179 -21.85 -19.78 48.21
CA LEU C 179 -21.37 -19.91 46.83
C LEU C 179 -22.29 -20.77 45.99
N GLN C 180 -22.74 -20.22 44.87
CA GLN C 180 -23.56 -20.98 43.93
C GLN C 180 -22.90 -21.05 42.56
N PHE C 181 -22.72 -22.28 42.07
CA PHE C 181 -22.12 -22.54 40.76
C PHE C 181 -22.92 -21.90 39.63
N PHE C 182 -22.23 -21.31 38.67
CA PHE C 182 -22.91 -20.63 37.55
C PHE C 182 -22.60 -21.29 36.20
N SER C 183 -21.30 -21.49 35.90
CA SER C 183 -20.85 -22.17 34.70
C SER C 183 -19.38 -22.54 34.79
N GLU C 184 -19.00 -23.64 34.15
CA GLU C 184 -17.58 -23.90 33.90
C GLU C 184 -17.32 -23.57 32.42
N PHE C 185 -16.12 -23.81 31.90
CA PHE C 185 -15.83 -23.34 30.55
C PHE C 185 -15.15 -24.27 29.57
N GLY C 186 -14.72 -25.42 30.06
CA GLY C 186 -14.52 -26.56 29.17
C GLY C 186 -15.95 -26.88 28.79
N ASN C 187 -16.21 -27.01 27.50
CA ASN C 187 -17.56 -27.35 27.02
C ASN C 187 -18.57 -26.20 26.92
N SER C 188 -18.13 -24.98 27.18
CA SER C 188 -18.89 -23.81 26.79
C SER C 188 -18.01 -22.79 26.05
N ASP C 189 -18.63 -21.98 25.20
CA ASP C 189 -17.95 -20.87 24.55
C ASP C 189 -18.43 -19.53 25.11
N ILE C 190 -17.61 -18.49 24.95
CA ILE C 190 -17.88 -17.15 25.48
C ILE C 190 -18.19 -16.15 24.35
N TYR C 191 -19.34 -15.53 24.42
CA TYR C 191 -19.79 -14.62 23.38
C TYR C 191 -20.08 -13.25 23.98
N VAL C 192 -19.93 -12.24 23.14
CA VAL C 192 -20.25 -10.87 23.51
C VAL C 192 -21.43 -10.48 22.66
N SER C 193 -22.28 -9.60 23.18
CA SER C 193 -23.45 -9.13 22.45
C SER C 193 -23.14 -7.96 21.48
N LEU C 194 -23.72 -8.05 20.29
CA LEU C 194 -23.56 -7.05 19.23
C LEU C 194 -24.16 -5.68 19.57
N ALA C 195 -25.48 -5.59 19.41
CA ALA C 195 -26.25 -4.33 19.44
C ALA C 195 -27.69 -4.71 19.12
N GLY C 196 -27.96 -6.00 19.34
CA GLY C 196 -29.30 -6.56 19.24
C GLY C 196 -30.15 -5.97 20.34
N LYS C 197 -31.46 -6.19 20.25
CA LYS C 197 -32.39 -5.66 21.25
C LYS C 197 -31.87 -5.99 22.65
N LYS C 198 -31.39 -4.97 23.34
CA LYS C 198 -31.08 -5.08 24.77
C LYS C 198 -32.38 -4.83 25.52
N LYS C 199 -33.30 -4.17 24.82
CA LYS C 199 -34.70 -3.99 25.24
C LYS C 199 -35.28 -5.31 25.75
N HIS C 200 -34.64 -6.41 25.34
CA HIS C 200 -34.88 -7.74 25.89
C HIS C 200 -34.53 -7.85 27.35
N GLY C 201 -34.91 -6.84 28.13
CA GLY C 201 -34.85 -6.89 29.60
C GLY C 201 -33.55 -6.44 30.25
N ALA C 202 -32.46 -6.51 29.50
CA ALA C 202 -31.13 -6.25 30.05
C ALA C 202 -30.98 -4.82 30.56
N PRO C 203 -30.29 -4.65 31.71
CA PRO C 203 -30.05 -3.31 32.29
C PRO C 203 -29.02 -2.47 31.53
N THR C 204 -28.13 -3.10 30.78
CA THR C 204 -27.17 -2.37 29.93
C THR C 204 -26.97 -3.06 28.59
N ASN C 205 -26.23 -2.40 27.70
CA ASN C 205 -25.94 -2.96 26.38
C ASN C 205 -24.80 -3.96 26.46
N TYR C 206 -23.90 -3.74 27.41
CA TYR C 206 -22.65 -4.47 27.53
C TYR C 206 -22.81 -5.92 28.03
N GLY C 207 -23.68 -6.68 27.37
CA GLY C 207 -23.96 -8.06 27.75
C GLY C 207 -22.94 -9.05 27.20
N PHE C 208 -22.86 -10.20 27.85
CA PHE C 208 -22.06 -11.33 27.35
C PHE C 208 -22.63 -12.63 27.92
N CYS C 209 -22.31 -13.76 27.30
CA CYS C 209 -22.99 -14.99 27.64
C CYS C 209 -22.20 -16.25 27.27
N PHE C 210 -22.49 -17.35 27.95
CA PHE C 210 -21.90 -18.65 27.63
C PHE C 210 -22.94 -19.58 27.00
N LYS C 211 -22.49 -20.35 26.01
CA LYS C 211 -23.34 -21.32 25.33
C LYS C 211 -22.59 -22.63 25.27
N PRO C 212 -23.18 -23.67 25.87
CA PRO C 212 -22.58 -25.00 25.94
C PRO C 212 -22.40 -25.63 24.57
N ASN C 213 -21.37 -26.47 24.44
CA ASN C 213 -21.16 -27.28 23.26
C ASN C 213 -22.32 -28.24 23.00
N LYS C 214 -22.26 -28.99 21.91
CA LYS C 214 -23.20 -30.08 21.63
C LYS C 214 -23.06 -31.11 22.74
N ALA C 215 -21.81 -31.45 23.06
CA ALA C 215 -21.48 -32.14 24.31
C ALA C 215 -21.66 -31.12 25.44
N GLY C 216 -22.84 -31.14 26.05
CA GLY C 216 -23.21 -30.20 27.09
C GLY C 216 -24.70 -30.26 27.37
N GLY C 217 -25.31 -31.39 27.00
CA GLY C 217 -26.73 -31.69 27.26
C GLY C 217 -27.69 -30.65 26.72
N PRO C 218 -28.48 -30.03 27.61
CA PRO C 218 -29.29 -28.86 27.25
C PRO C 218 -28.42 -27.63 26.99
N ARG C 219 -28.38 -27.19 25.74
CA ARG C 219 -27.60 -26.04 25.32
C ARG C 219 -28.27 -24.73 25.75
N ASP C 220 -28.49 -24.59 27.06
CA ASP C 220 -29.17 -23.41 27.61
C ASP C 220 -28.21 -22.25 27.83
N LEU C 221 -28.54 -21.11 27.24
CA LEU C 221 -27.75 -19.89 27.36
C LEU C 221 -27.69 -19.34 28.79
N LYS C 222 -26.48 -19.03 29.22
CA LYS C 222 -26.25 -18.38 30.49
C LYS C 222 -25.81 -16.93 30.23
N MET C 223 -26.66 -15.99 30.61
CA MET C 223 -26.48 -14.60 30.21
C MET C 223 -26.03 -13.68 31.34
N LEU C 224 -25.24 -12.67 30.99
CA LEU C 224 -24.64 -11.76 31.95
C LEU C 224 -24.61 -10.34 31.40
N CYS C 225 -24.31 -9.38 32.26
CA CYS C 225 -24.36 -7.98 31.86
C CYS C 225 -23.43 -7.17 32.72
N ALA C 226 -22.50 -6.46 32.10
CA ALA C 226 -21.58 -5.63 32.87
C ALA C 226 -22.07 -4.19 33.07
N GLU C 227 -21.54 -3.54 34.10
CA GLU C 227 -21.89 -2.17 34.47
C GLU C 227 -21.47 -1.16 33.39
N GLU C 228 -20.24 -1.30 32.90
CA GLU C 228 -19.71 -0.46 31.83
C GLU C 228 -19.11 -1.35 30.73
N GLU C 229 -18.55 -0.74 29.68
CA GLU C 229 -17.91 -1.50 28.60
C GLU C 229 -16.60 -2.17 29.06
N GLN C 230 -15.80 -1.43 29.84
CA GLN C 230 -14.50 -1.91 30.32
C GLN C 230 -14.62 -3.16 31.17
N SER C 231 -15.62 -3.16 32.06
CA SER C 231 -15.90 -4.29 32.95
C SER C 231 -16.10 -5.55 32.13
N ARG C 232 -17.02 -5.48 31.14
CA ARG C 232 -17.26 -6.59 30.24
C ARG C 232 -15.96 -7.14 29.67
N THR C 233 -15.15 -6.28 29.06
CA THR C 233 -13.93 -6.74 28.40
C THR C 233 -12.96 -7.42 29.36
N CYS C 234 -12.90 -6.94 30.60
CA CYS C 234 -12.11 -7.63 31.64
C CYS C 234 -12.64 -9.05 31.94
N TRP C 235 -13.93 -9.17 32.17
CA TRP C 235 -14.55 -10.47 32.37
C TRP C 235 -14.37 -11.44 31.21
N VAL C 236 -14.73 -11.02 29.99
CA VAL C 236 -14.54 -11.85 28.79
C VAL C 236 -13.09 -12.34 28.68
N THR C 237 -12.13 -11.43 28.86
CA THR C 237 -10.69 -11.76 28.78
C THR C 237 -10.26 -12.80 29.82
N ALA C 238 -10.69 -12.59 31.06
CA ALA C 238 -10.35 -13.52 32.15
C ALA C 238 -10.89 -14.92 31.88
N ILE C 239 -12.15 -14.97 31.48
CA ILE C 239 -12.82 -16.23 31.18
C ILE C 239 -12.07 -16.91 30.05
N ARG C 240 -11.68 -16.13 29.03
CA ARG C 240 -10.90 -16.64 27.90
C ARG C 240 -9.56 -17.14 28.39
N LEU C 241 -8.88 -16.35 29.22
CA LEU C 241 -7.62 -16.79 29.82
C LEU C 241 -7.80 -18.10 30.61
N LEU C 242 -8.80 -18.18 31.49
CA LEU C 242 -9.13 -19.47 32.14
C LEU C 242 -9.43 -20.56 31.12
N LYS C 243 -10.32 -20.30 30.16
CA LYS C 243 -10.76 -21.41 29.28
C LYS C 243 -9.63 -21.98 28.44
N TYR C 244 -8.73 -21.11 27.96
CA TYR C 244 -7.73 -21.52 26.97
C TYR C 244 -6.32 -21.65 27.50
N GLY C 245 -6.03 -20.95 28.59
CA GLY C 245 -4.76 -21.11 29.30
C GLY C 245 -3.57 -20.67 28.50
N MET C 246 -2.46 -21.41 28.64
CA MET C 246 -1.19 -21.16 27.92
C MET C 246 -1.33 -21.03 26.39
N GLN C 247 -2.32 -21.73 25.81
CA GLN C 247 -2.56 -21.72 24.38
C GLN C 247 -2.66 -20.31 23.78
N LEU C 248 -3.47 -19.46 24.41
CA LEU C 248 -3.63 -18.09 23.99
C LEU C 248 -2.31 -17.33 23.85
N TYR C 249 -1.43 -17.48 24.85
CA TYR C 249 -0.15 -16.81 24.83
C TYR C 249 0.74 -17.39 23.75
N GLN C 250 0.70 -18.71 23.57
CA GLN C 250 1.43 -19.32 22.46
C GLN C 250 0.95 -18.74 21.13
N ASN C 251 -0.37 -18.55 21.01
CA ASN C 251 -0.99 -17.99 19.78
C ASN C 251 -0.46 -16.58 19.51
N TYR C 252 -0.38 -15.79 20.58
CA TYR C 252 0.10 -14.43 20.50
C TYR C 252 1.60 -14.38 20.20
N MET C 253 2.37 -15.27 20.82
CA MET C 253 3.83 -15.27 20.66
C MET C 253 4.28 -15.98 19.40
N HIS C 254 3.38 -16.73 18.77
CA HIS C 254 3.71 -17.43 17.53
C HIS C 254 2.70 -17.16 16.44
N PRO C 255 2.60 -15.88 16.03
CA PRO C 255 1.51 -15.41 15.20
C PRO C 255 1.41 -16.05 13.82
N TYR C 256 2.52 -16.57 13.32
CA TYR C 256 2.57 -17.18 11.97
C TYR C 256 2.61 -18.70 11.98
N GLN C 257 3.25 -19.28 12.99
CA GLN C 257 3.60 -20.71 13.01
C GLN C 257 4.65 -21.01 11.94
N GLY C 258 5.88 -20.58 12.22
CA GLY C 258 6.99 -20.69 11.26
C GLY C 258 7.83 -19.41 11.22
N GLY D 1 -36.27 7.97 10.32
CA GLY D 1 -35.35 8.87 9.57
C GLY D 1 -35.86 9.22 8.20
N ALA D 2 -36.16 8.20 7.40
CA ALA D 2 -36.71 8.33 6.04
C ALA D 2 -36.68 6.94 5.39
N MET D 3 -37.82 6.26 5.38
CA MET D 3 -37.88 4.87 4.96
C MET D 3 -38.15 4.69 3.46
N GLY D 4 -37.34 3.84 2.83
CA GLY D 4 -37.47 3.53 1.42
C GLY D 4 -37.23 2.06 1.15
N SER D 5 -37.71 1.58 0.02
CA SER D 5 -37.45 0.21 -0.39
C SER D 5 -36.81 0.15 -1.76
N MET D 6 -36.00 -0.88 -1.97
CA MET D 6 -35.16 -0.99 -3.14
C MET D 6 -35.36 -2.34 -3.79
N THR D 7 -35.39 -2.33 -5.12
CA THR D 7 -35.49 -3.55 -5.90
C THR D 7 -34.12 -4.21 -5.99
N GLU D 8 -34.04 -5.46 -5.54
CA GLU D 8 -32.81 -6.23 -5.55
C GLU D 8 -32.79 -7.18 -6.75
N TYR D 9 -31.65 -7.26 -7.44
CA TYR D 9 -31.47 -8.16 -8.60
C TYR D 9 -30.31 -9.11 -8.40
N LYS D 10 -30.59 -10.40 -8.57
CA LYS D 10 -29.58 -11.43 -8.41
C LYS D 10 -29.03 -11.75 -9.79
N LEU D 11 -27.79 -11.36 -9.98
CA LEU D 11 -27.10 -11.56 -11.21
C LEU D 11 -26.02 -12.60 -10.97
N VAL D 12 -25.77 -13.45 -11.95
CA VAL D 12 -24.78 -14.51 -11.82
C VAL D 12 -23.87 -14.51 -13.05
N VAL D 13 -22.57 -14.46 -12.80
CA VAL D 13 -21.60 -14.41 -13.85
C VAL D 13 -21.07 -15.84 -14.01
N VAL D 14 -21.26 -16.41 -15.20
CA VAL D 14 -20.89 -17.79 -15.52
C VAL D 14 -19.96 -17.84 -16.73
N GLY D 15 -19.27 -18.97 -16.92
CA GLY D 15 -18.35 -19.14 -18.03
C GLY D 15 -17.15 -19.97 -17.60
N ALA D 16 -16.32 -20.31 -18.58
CA ALA D 16 -15.18 -21.18 -18.35
C ALA D 16 -14.10 -20.51 -17.50
N VAL D 17 -13.18 -21.33 -17.02
CA VAL D 17 -11.98 -20.88 -16.34
C VAL D 17 -11.26 -19.78 -17.10
N GLY D 18 -10.95 -18.69 -16.40
CA GLY D 18 -10.02 -17.70 -16.90
C GLY D 18 -10.50 -16.74 -17.97
N VAL D 19 -11.80 -16.77 -18.26
CA VAL D 19 -12.37 -15.86 -19.25
C VAL D 19 -12.44 -14.42 -18.78
N GLY D 20 -12.44 -14.20 -17.46
CA GLY D 20 -12.50 -12.83 -16.92
C GLY D 20 -13.73 -12.48 -16.10
N LYS D 21 -14.45 -13.49 -15.65
CA LYS D 21 -15.62 -13.28 -14.79
C LYS D 21 -15.29 -12.42 -13.57
N SER D 22 -14.26 -12.79 -12.83
CA SER D 22 -13.92 -12.04 -11.63
C SER D 22 -13.40 -10.64 -11.98
N ALA D 23 -12.63 -10.52 -13.05
CA ALA D 23 -12.10 -9.22 -13.46
C ALA D 23 -13.22 -8.24 -13.82
N LEU D 24 -14.25 -8.74 -14.50
CA LEU D 24 -15.36 -7.88 -14.92
C LEU D 24 -16.13 -7.40 -13.69
N THR D 25 -16.39 -8.31 -12.77
CA THR D 25 -17.17 -8.00 -11.60
C THR D 25 -16.43 -6.98 -10.71
N ILE D 26 -15.12 -7.15 -10.59
CA ILE D 26 -14.31 -6.31 -9.72
C ILE D 26 -14.17 -4.89 -10.30
N GLN D 27 -14.03 -4.82 -11.63
CA GLN D 27 -14.00 -3.57 -12.35
C GLN D 27 -15.34 -2.83 -12.16
N LEU D 28 -16.44 -3.59 -12.20
CA LEU D 28 -17.75 -3.02 -11.89
C LEU D 28 -17.90 -2.54 -10.44
N ILE D 29 -17.35 -3.28 -9.49
CA ILE D 29 -17.55 -2.97 -8.08
C ILE D 29 -16.52 -1.98 -7.54
N GLN D 30 -15.25 -2.21 -7.85
CA GLN D 30 -14.10 -1.55 -7.23
C GLN D 30 -13.33 -0.64 -8.18
N ASN D 31 -13.77 -0.55 -9.43
CA ASN D 31 -13.21 0.39 -10.43
C ASN D 31 -11.69 0.24 -10.66
N HIS D 32 -11.21 -1.01 -10.65
CA HIS D 32 -9.81 -1.33 -11.02
C HIS D 32 -9.62 -2.71 -11.59
N PHE D 33 -8.43 -2.93 -12.16
CA PHE D 33 -8.15 -4.11 -12.97
C PHE D 33 -7.22 -5.11 -12.29
N VAL D 34 -7.77 -6.29 -11.96
CA VAL D 34 -6.98 -7.36 -11.37
C VAL D 34 -6.22 -8.06 -12.50
N ASP D 35 -4.89 -7.96 -12.46
CA ASP D 35 -4.04 -8.51 -13.51
C ASP D 35 -3.60 -9.96 -13.25
N GLU D 36 -3.54 -10.34 -11.98
CA GLU D 36 -3.17 -11.70 -11.61
C GLU D 36 -4.38 -12.63 -11.77
N TYR D 37 -4.14 -13.94 -11.74
CA TYR D 37 -5.23 -14.90 -11.77
C TYR D 37 -5.47 -15.58 -10.42
N ASP D 38 -6.56 -15.20 -9.75
CA ASP D 38 -6.94 -15.80 -8.47
C ASP D 38 -8.22 -16.60 -8.68
N PRO D 39 -8.09 -17.94 -8.68
CA PRO D 39 -9.17 -18.89 -8.89
C PRO D 39 -10.33 -18.72 -7.92
N THR D 40 -11.53 -18.64 -8.47
CA THR D 40 -12.72 -18.40 -7.67
C THR D 40 -13.42 -19.72 -7.38
N ILE D 41 -14.09 -19.79 -6.23
CA ILE D 41 -15.04 -20.84 -6.04
C ILE D 41 -16.43 -20.21 -6.12
N GLU D 42 -16.68 -19.26 -5.20
CA GLU D 42 -17.90 -18.49 -5.22
C GLU D 42 -17.78 -17.25 -4.35
N ASP D 43 -17.91 -16.09 -5.01
CA ASP D 43 -17.78 -14.77 -4.38
C ASP D 43 -18.97 -13.89 -4.71
N SER D 44 -19.47 -13.17 -3.72
CA SER D 44 -20.66 -12.35 -3.87
C SER D 44 -20.30 -10.90 -3.70
N TYR D 45 -20.91 -10.07 -4.54
CA TYR D 45 -20.64 -8.66 -4.52
C TYR D 45 -21.97 -7.95 -4.48
N ARG D 46 -21.93 -6.65 -4.23
CA ARG D 46 -23.13 -5.84 -4.06
C ARG D 46 -22.81 -4.46 -4.61
N LYS D 47 -23.67 -3.94 -5.45
CA LYS D 47 -23.55 -2.56 -5.89
C LYS D 47 -24.93 -1.97 -6.10
N GLN D 48 -25.09 -0.77 -5.57
CA GLN D 48 -26.32 -0.04 -5.68
C GLN D 48 -26.15 0.93 -6.84
N VAL D 49 -27.13 0.93 -7.73
CA VAL D 49 -27.05 1.68 -8.97
C VAL D 49 -28.43 2.21 -9.30
N VAL D 50 -28.45 3.27 -10.09
CA VAL D 50 -29.68 3.79 -10.68
C VAL D 50 -29.65 3.38 -12.14
N ILE D 51 -30.66 2.62 -12.52
CA ILE D 51 -30.86 2.13 -13.89
C ILE D 51 -32.22 2.55 -14.39
N ASP D 52 -32.23 3.33 -15.45
CA ASP D 52 -33.45 3.90 -16.01
C ASP D 52 -34.44 4.44 -14.97
N GLY D 53 -33.94 5.34 -14.11
CA GLY D 53 -34.77 6.00 -13.10
C GLY D 53 -34.94 5.24 -11.80
N GLU D 54 -34.88 3.91 -11.87
CA GLU D 54 -35.06 3.06 -10.70
C GLU D 54 -33.75 2.69 -10.02
N THR D 55 -33.70 2.97 -8.71
CA THR D 55 -32.62 2.54 -7.86
C THR D 55 -32.77 1.05 -7.61
N CYS D 56 -31.67 0.30 -7.71
CA CYS D 56 -31.69 -1.12 -7.39
C CYS D 56 -30.39 -1.57 -6.78
N LEU D 57 -30.48 -2.64 -5.98
CA LEU D 57 -29.28 -3.32 -5.54
C LEU D 57 -29.01 -4.55 -6.43
N LEU D 58 -27.81 -4.57 -7.00
CA LEU D 58 -27.31 -5.69 -7.76
C LEU D 58 -26.61 -6.63 -6.80
N ASP D 59 -27.21 -7.80 -6.59
CA ASP D 59 -26.53 -8.80 -5.82
C ASP D 59 -25.83 -9.72 -6.79
N ILE D 60 -24.50 -9.68 -6.81
CA ILE D 60 -23.78 -10.38 -7.88
C ILE D 60 -22.99 -11.56 -7.38
N LEU D 61 -23.23 -12.70 -8.01
CA LEU D 61 -22.48 -13.91 -7.72
C LEU D 61 -21.44 -14.18 -8.80
N ASP D 62 -20.19 -14.30 -8.37
CA ASP D 62 -19.07 -14.57 -9.27
C ASP D 62 -18.71 -16.03 -9.09
N THR D 63 -18.93 -16.84 -10.13
CA THR D 63 -18.88 -18.30 -9.97
C THR D 63 -17.58 -18.91 -10.47
N ALA D 64 -17.48 -20.22 -10.32
CA ALA D 64 -16.28 -20.98 -10.66
C ALA D 64 -16.31 -21.53 -12.10
N GLY D 65 -15.28 -21.22 -12.87
CA GLY D 65 -15.08 -21.81 -14.19
C GLY D 65 -14.66 -23.28 -14.09
N GLN D 66 -13.98 -23.62 -13.00
CA GLN D 66 -13.49 -25.00 -12.77
C GLN D 66 -14.62 -26.02 -12.71
N GLU D 67 -14.49 -27.08 -13.51
CA GLU D 67 -15.45 -28.19 -13.54
C GLU D 67 -15.50 -28.93 -12.23
N GLU D 68 -14.49 -28.70 -11.41
CA GLU D 68 -14.36 -29.29 -10.08
C GLU D 68 -15.50 -28.91 -9.11
N TYR D 69 -16.13 -27.75 -9.36
CA TYR D 69 -17.20 -27.27 -8.47
C TYR D 69 -18.59 -27.23 -9.11
N SER D 70 -18.73 -27.86 -10.27
CA SER D 70 -19.98 -27.82 -11.05
C SER D 70 -21.20 -28.37 -10.30
N ALA D 71 -20.94 -28.96 -9.14
CA ALA D 71 -21.95 -29.38 -8.19
C ALA D 71 -22.71 -28.20 -7.61
N MET D 72 -22.03 -27.06 -7.51
CA MET D 72 -22.63 -25.83 -6.95
C MET D 72 -23.50 -25.05 -7.95
N ARG D 73 -23.36 -25.36 -9.23
CA ARG D 73 -24.07 -24.66 -10.28
C ARG D 73 -25.59 -24.68 -10.05
N ASP D 74 -26.11 -25.89 -9.85
CA ASP D 74 -27.54 -26.12 -9.75
C ASP D 74 -28.27 -25.16 -8.80
N GLN D 75 -27.73 -24.94 -7.60
CA GLN D 75 -28.36 -24.02 -6.63
C GLN D 75 -28.34 -22.55 -7.07
N TYR D 76 -27.19 -22.06 -7.52
CA TYR D 76 -27.12 -20.67 -7.95
C TYR D 76 -27.91 -20.40 -9.24
N MET D 77 -28.20 -21.44 -10.00
CA MET D 77 -29.10 -21.31 -11.15
C MET D 77 -30.57 -21.19 -10.78
N ARG D 78 -30.99 -21.82 -9.68
CA ARG D 78 -32.36 -21.68 -9.17
C ARG D 78 -32.57 -20.28 -8.58
N THR D 79 -31.55 -19.79 -7.88
CA THR D 79 -31.56 -18.53 -7.17
C THR D 79 -31.45 -17.33 -8.10
N GLY D 80 -30.50 -17.37 -9.05
CA GLY D 80 -30.23 -16.21 -9.92
C GLY D 80 -31.33 -15.84 -10.89
N GLU D 81 -31.52 -14.55 -11.11
CA GLU D 81 -32.58 -14.09 -12.03
C GLU D 81 -32.02 -13.81 -13.42
N GLY D 82 -30.76 -13.43 -13.47
CA GLY D 82 -30.11 -12.96 -14.68
C GLY D 82 -28.69 -13.53 -14.69
N PHE D 83 -28.26 -13.91 -15.88
CA PHE D 83 -26.96 -14.54 -16.03
C PHE D 83 -26.17 -13.85 -17.11
N LEU D 84 -24.95 -13.49 -16.76
CA LEU D 84 -24.00 -12.94 -17.71
C LEU D 84 -23.23 -14.17 -18.15
N CYS D 85 -23.28 -14.50 -19.44
CA CYS D 85 -22.55 -15.68 -19.92
C CYS D 85 -21.29 -15.25 -20.65
N VAL D 86 -20.15 -15.47 -20.02
CA VAL D 86 -18.90 -14.83 -20.45
C VAL D 86 -18.01 -15.85 -21.12
N PHE D 87 -17.44 -15.51 -22.28
CA PHE D 87 -16.34 -16.29 -22.89
C PHE D 87 -15.23 -15.29 -23.21
N ALA D 88 -14.05 -15.76 -23.60
CA ALA D 88 -12.93 -14.85 -23.97
C ALA D 88 -12.65 -14.89 -25.46
N ILE D 89 -12.42 -13.73 -26.06
CA ILE D 89 -12.34 -13.70 -27.53
C ILE D 89 -11.07 -14.32 -28.13
N ASN D 90 -10.13 -14.70 -27.27
CA ASN D 90 -8.93 -15.43 -27.72
C ASN D 90 -8.94 -16.89 -27.28
N ASN D 91 -10.13 -17.39 -26.93
CA ASN D 91 -10.28 -18.74 -26.40
C ASN D 91 -11.52 -19.46 -26.94
N THR D 92 -11.37 -20.09 -28.11
CA THR D 92 -12.50 -20.71 -28.79
C THR D 92 -13.23 -21.75 -27.94
N LYS D 93 -12.49 -22.49 -27.10
CA LYS D 93 -13.13 -23.45 -26.18
C LYS D 93 -14.12 -22.74 -25.25
N SER D 94 -13.74 -21.56 -24.75
CA SER D 94 -14.63 -20.83 -23.85
C SER D 94 -15.93 -20.43 -24.56
N PHE D 95 -15.83 -19.98 -25.82
CA PHE D 95 -16.99 -19.66 -26.65
C PHE D 95 -17.84 -20.92 -26.81
N GLU D 96 -17.18 -22.05 -27.08
CA GLU D 96 -17.84 -23.36 -27.20
C GLU D 96 -18.53 -23.79 -25.90
N ASP D 97 -17.82 -23.59 -24.79
CA ASP D 97 -18.33 -23.95 -23.46
C ASP D 97 -19.64 -23.26 -23.08
N ILE D 98 -19.94 -22.10 -23.68
CA ILE D 98 -21.07 -21.31 -23.19
C ILE D 98 -22.38 -22.03 -23.42
N HIS D 99 -22.39 -22.86 -24.45
CA HIS D 99 -23.56 -23.62 -24.87
C HIS D 99 -24.02 -24.51 -23.75
N GLN D 100 -23.08 -25.14 -23.06
CA GLN D 100 -23.35 -26.00 -21.90
C GLN D 100 -24.00 -25.23 -20.77
N TYR D 101 -23.51 -24.00 -20.56
CA TYR D 101 -24.03 -23.12 -19.54
C TYR D 101 -25.47 -22.75 -19.81
N ARG D 102 -25.77 -22.30 -21.03
CA ARG D 102 -27.15 -21.91 -21.37
C ARG D 102 -28.06 -23.10 -21.25
N GLU D 103 -27.61 -24.26 -21.73
CA GLU D 103 -28.42 -25.49 -21.65
C GLU D 103 -28.71 -25.87 -20.19
N GLN D 104 -27.73 -25.74 -19.30
CA GLN D 104 -27.99 -26.04 -17.86
C GLN D 104 -28.94 -25.00 -17.20
N ILE D 105 -28.79 -23.74 -17.56
CA ILE D 105 -29.66 -22.69 -17.02
C ILE D 105 -31.10 -22.90 -17.52
N LYS D 106 -31.28 -22.99 -18.81
CA LYS D 106 -32.53 -23.40 -19.46
C LYS D 106 -33.20 -24.61 -18.78
N ARG D 107 -32.41 -25.63 -18.45
CA ARG D 107 -32.88 -26.86 -17.79
C ARG D 107 -33.27 -26.63 -16.32
N VAL D 108 -32.33 -26.13 -15.53
CA VAL D 108 -32.58 -25.88 -14.11
C VAL D 108 -33.75 -24.91 -13.92
N LYS D 109 -33.87 -23.95 -14.83
CA LYS D 109 -34.94 -22.95 -14.77
C LYS D 109 -36.18 -23.38 -15.54
N ASP D 110 -36.08 -24.45 -16.32
CA ASP D 110 -37.23 -25.02 -17.04
C ASP D 110 -37.91 -23.96 -17.94
N SER D 111 -37.07 -23.17 -18.62
CA SER D 111 -37.54 -22.01 -19.39
C SER D 111 -36.61 -21.68 -20.56
N ASP D 112 -37.21 -21.18 -21.64
CA ASP D 112 -36.49 -20.82 -22.88
C ASP D 112 -36.24 -19.30 -22.91
N ASP D 113 -36.69 -18.61 -21.87
CA ASP D 113 -36.72 -17.15 -21.89
C ASP D 113 -36.03 -16.53 -20.67
N VAL D 114 -35.10 -17.29 -20.08
CA VAL D 114 -34.30 -16.81 -18.96
C VAL D 114 -33.45 -15.60 -19.33
N PRO D 115 -33.55 -14.50 -18.58
CA PRO D 115 -32.74 -13.28 -18.84
C PRO D 115 -31.23 -13.56 -18.82
N MET D 116 -30.58 -13.14 -19.90
CA MET D 116 -29.22 -13.55 -20.21
C MET D 116 -28.58 -12.54 -21.15
N VAL D 117 -27.28 -12.35 -21.01
CA VAL D 117 -26.52 -11.50 -21.92
C VAL D 117 -25.23 -12.28 -22.28
N LEU D 118 -24.83 -12.25 -23.54
CA LEU D 118 -23.58 -12.88 -23.99
C LEU D 118 -22.46 -11.85 -23.94
N VAL D 119 -21.43 -12.17 -23.15
CA VAL D 119 -20.31 -11.27 -22.97
C VAL D 119 -19.08 -11.88 -23.61
N GLY D 120 -18.52 -11.14 -24.57
CA GLY D 120 -17.24 -11.46 -25.19
C GLY D 120 -16.17 -10.62 -24.52
N ASN D 121 -15.33 -11.23 -23.69
CA ASN D 121 -14.39 -10.45 -22.94
C ASN D 121 -12.94 -10.55 -23.48
N LYS D 122 -12.05 -9.73 -22.91
CA LYS D 122 -10.65 -9.59 -23.33
C LYS D 122 -10.58 -9.06 -24.74
N CYS D 123 -11.51 -8.15 -25.07
CA CYS D 123 -11.59 -7.64 -26.43
C CYS D 123 -10.45 -6.67 -26.74
N ASP D 124 -9.73 -6.25 -25.71
CA ASP D 124 -8.54 -5.37 -25.83
C ASP D 124 -7.34 -6.01 -26.55
N LEU D 125 -7.27 -7.33 -26.54
CA LEU D 125 -6.17 -8.07 -27.15
C LEU D 125 -6.42 -8.23 -28.66
N ALA D 126 -5.33 -8.17 -29.43
CA ALA D 126 -5.39 -8.24 -30.88
C ALA D 126 -5.44 -9.68 -31.43
N ALA D 127 -5.16 -10.67 -30.58
CA ALA D 127 -5.08 -12.08 -31.01
C ALA D 127 -6.41 -12.83 -30.96
N ARG D 128 -7.45 -12.27 -31.60
CA ARG D 128 -8.81 -12.85 -31.58
C ARG D 128 -8.84 -14.21 -32.25
N THR D 129 -9.61 -15.11 -31.66
CA THR D 129 -9.92 -16.37 -32.33
C THR D 129 -11.42 -16.53 -32.57
N VAL D 130 -12.22 -15.62 -31.99
CA VAL D 130 -13.67 -15.66 -32.12
C VAL D 130 -14.13 -14.30 -32.63
N GLU D 131 -14.63 -14.27 -33.85
CA GLU D 131 -15.06 -13.02 -34.47
C GLU D 131 -16.38 -12.61 -33.88
N SER D 132 -16.60 -11.31 -33.81
CA SER D 132 -17.77 -10.79 -33.17
C SER D 132 -19.02 -11.22 -33.93
N ARG D 133 -18.86 -11.47 -35.23
CA ARG D 133 -19.97 -11.96 -36.05
C ARG D 133 -20.43 -13.37 -35.69
N GLN D 134 -19.49 -14.26 -35.39
CA GLN D 134 -19.81 -15.59 -34.85
C GLN D 134 -20.53 -15.44 -33.50
N ALA D 135 -20.08 -14.50 -32.70
CA ALA D 135 -20.63 -14.33 -31.38
C ALA D 135 -22.05 -13.73 -31.47
N GLN D 136 -22.23 -12.73 -32.35
CA GLN D 136 -23.54 -12.10 -32.60
C GLN D 136 -24.59 -13.09 -33.16
N ASP D 137 -24.15 -14.07 -33.93
CA ASP D 137 -25.04 -15.15 -34.43
C ASP D 137 -25.53 -16.05 -33.32
N LEU D 138 -24.62 -16.50 -32.47
CA LEU D 138 -25.01 -17.31 -31.31
C LEU D 138 -26.06 -16.59 -30.47
N ALA D 139 -25.80 -15.32 -30.16
CA ALA D 139 -26.71 -14.50 -29.35
C ALA D 139 -28.06 -14.31 -30.03
N ARG D 140 -28.02 -14.01 -31.31
CA ARG D 140 -29.22 -13.92 -32.15
C ARG D 140 -29.99 -15.27 -32.17
N SER D 141 -29.29 -16.40 -32.19
CA SER D 141 -29.99 -17.67 -32.09
C SER D 141 -30.69 -17.89 -30.73
N TYR D 142 -30.17 -17.30 -29.65
CA TYR D 142 -30.78 -17.39 -28.33
C TYR D 142 -31.77 -16.25 -28.10
N GLY D 143 -31.72 -15.23 -28.95
CA GLY D 143 -32.53 -14.01 -28.71
C GLY D 143 -32.10 -13.19 -27.49
N ILE D 144 -30.78 -12.99 -27.31
CA ILE D 144 -30.25 -12.22 -26.16
C ILE D 144 -29.19 -11.20 -26.63
N PRO D 145 -28.91 -10.17 -25.80
CA PRO D 145 -27.94 -9.24 -26.39
C PRO D 145 -26.51 -9.78 -26.36
N TYR D 146 -25.66 -9.19 -27.20
CA TYR D 146 -24.24 -9.50 -27.22
C TYR D 146 -23.45 -8.22 -26.94
N ILE D 147 -22.62 -8.24 -25.91
CA ILE D 147 -21.73 -7.11 -25.61
C ILE D 147 -20.27 -7.59 -25.52
N GLU D 148 -19.38 -6.89 -26.19
CA GLU D 148 -17.96 -7.16 -26.03
C GLU D 148 -17.41 -6.29 -24.91
N THR D 149 -16.50 -6.86 -24.11
CA THR D 149 -15.99 -6.17 -22.95
C THR D 149 -14.48 -6.24 -22.85
N SER D 150 -13.91 -5.24 -22.17
CA SER D 150 -12.58 -5.36 -21.63
C SER D 150 -12.58 -5.00 -20.16
N ALA D 151 -12.35 -6.02 -19.33
CA ALA D 151 -12.12 -5.84 -17.90
C ALA D 151 -10.88 -4.98 -17.65
N LYS D 152 -10.08 -4.75 -18.68
CA LYS D 152 -8.80 -4.02 -18.59
C LYS D 152 -8.98 -2.54 -18.86
N THR D 153 -9.73 -2.22 -19.91
CA THR D 153 -9.98 -0.82 -20.27
C THR D 153 -11.31 -0.32 -19.73
N ARG D 154 -12.11 -1.23 -19.17
CA ARG D 154 -13.49 -0.94 -18.75
C ARG D 154 -14.54 -0.82 -19.86
N GLN D 155 -14.15 -1.11 -21.11
CA GLN D 155 -15.11 -1.10 -22.21
C GLN D 155 -16.24 -2.13 -21.99
N GLY D 156 -17.48 -1.66 -22.08
CA GLY D 156 -18.66 -2.52 -22.05
C GLY D 156 -19.08 -3.08 -20.70
N VAL D 157 -18.21 -2.91 -19.70
CA VAL D 157 -18.41 -3.50 -18.38
C VAL D 157 -19.75 -3.09 -17.80
N GLU D 158 -20.03 -1.79 -17.72
CA GLU D 158 -21.33 -1.34 -17.22
C GLU D 158 -22.48 -1.65 -18.17
N ASP D 159 -22.19 -1.63 -19.47
CA ASP D 159 -23.18 -1.89 -20.49
C ASP D 159 -23.70 -3.32 -20.29
N ALA D 160 -22.78 -4.24 -20.03
CA ALA D 160 -23.09 -5.66 -19.84
C ALA D 160 -23.97 -5.93 -18.62
N PHE D 161 -23.61 -5.40 -17.45
CA PHE D 161 -24.42 -5.63 -16.27
C PHE D 161 -25.76 -4.90 -16.30
N TYR D 162 -25.78 -3.67 -16.77
CA TYR D 162 -27.02 -2.89 -16.86
C TYR D 162 -27.98 -3.45 -17.91
N THR D 163 -27.44 -3.86 -19.06
CA THR D 163 -28.28 -4.57 -20.04
C THR D 163 -28.93 -5.82 -19.43
N LEU D 164 -28.18 -6.56 -18.62
CA LEU D 164 -28.75 -7.76 -17.98
C LEU D 164 -29.93 -7.35 -17.09
N VAL D 165 -29.72 -6.35 -16.23
CA VAL D 165 -30.84 -5.80 -15.46
C VAL D 165 -32.04 -5.43 -16.34
N ARG D 166 -31.79 -4.74 -17.47
CA ARG D 166 -32.86 -4.39 -18.39
C ARG D 166 -33.54 -5.63 -19.00
N GLU D 167 -32.80 -6.73 -19.17
CA GLU D 167 -33.38 -7.96 -19.67
C GLU D 167 -34.35 -8.56 -18.64
N ILE D 168 -33.96 -8.51 -17.37
CA ILE D 168 -34.84 -8.97 -16.27
C ILE D 168 -36.11 -8.12 -16.26
N ARG D 169 -35.95 -6.80 -16.28
CA ARG D 169 -37.09 -5.88 -16.19
C ARG D 169 -38.09 -6.00 -17.35
N GLN D 170 -37.59 -6.31 -18.54
CA GLN D 170 -38.49 -6.45 -19.68
C GLN D 170 -39.06 -7.88 -19.83
N HIS D 171 -38.46 -8.83 -19.12
CA HIS D 171 -38.86 -10.25 -19.18
C HIS D 171 -40.29 -10.46 -18.74
N LYS E 8 11.61 32.72 -12.98
CA LYS E 8 10.37 31.89 -13.01
C LYS E 8 10.58 30.41 -12.68
N LYS E 9 11.52 29.74 -13.37
CA LYS E 9 11.75 28.29 -13.22
C LYS E 9 13.21 27.92 -13.01
N GLN E 10 13.45 26.87 -12.21
CA GLN E 10 14.80 26.43 -11.82
C GLN E 10 14.81 24.93 -11.52
N VAL E 11 15.89 24.27 -11.92
CA VAL E 11 16.06 22.86 -11.68
C VAL E 11 16.71 22.71 -10.29
N ILE E 12 16.16 21.83 -9.46
CA ILE E 12 16.78 21.52 -8.19
C ILE E 12 16.88 20.01 -8.09
N LYS E 13 17.79 19.53 -7.27
CA LYS E 13 17.90 18.10 -7.05
C LYS E 13 17.61 17.83 -5.60
N VAL E 14 16.83 16.80 -5.35
CA VAL E 14 16.50 16.46 -4.01
C VAL E 14 16.93 15.03 -3.81
N TYR E 15 17.69 14.80 -2.74
CA TYR E 15 18.28 13.48 -2.47
C TYR E 15 17.45 12.69 -1.46
N SER E 16 17.64 11.38 -1.49
CA SER E 16 17.05 10.48 -0.50
C SER E 16 18.08 9.96 0.51
N GLU E 17 17.58 9.26 1.54
CA GLU E 17 18.47 8.65 2.54
C GLU E 17 19.49 7.77 1.85
N ASP E 18 19.01 6.94 0.92
CA ASP E 18 19.87 6.06 0.10
C ASP E 18 20.84 6.82 -0.80
N GLU E 19 20.84 8.16 -0.70
CA GLU E 19 21.82 9.01 -1.38
C GLU E 19 21.63 9.18 -2.89
N THR E 20 20.54 8.60 -3.42
CA THR E 20 20.13 8.84 -4.80
C THR E 20 19.37 10.17 -4.86
N SER E 21 19.02 10.62 -6.05
CA SER E 21 18.34 11.91 -6.19
C SER E 21 17.33 11.97 -7.30
N ARG E 22 16.43 12.95 -7.18
CA ARG E 22 15.51 13.29 -8.25
C ARG E 22 15.71 14.77 -8.60
N ALA E 23 15.64 15.10 -9.88
CA ALA E 23 15.68 16.50 -10.31
C ALA E 23 14.25 16.93 -10.52
N LEU E 24 13.97 18.17 -10.13
CA LEU E 24 12.64 18.78 -10.26
C LEU E 24 12.77 20.15 -10.88
N ASP E 25 11.82 20.49 -11.73
CA ASP E 25 11.81 21.78 -12.37
C ASP E 25 10.68 22.56 -11.71
N VAL E 26 11.06 23.59 -10.94
CA VAL E 26 10.14 24.26 -10.02
C VAL E 26 10.06 25.78 -10.20
N PRO E 27 8.86 26.37 -9.94
CA PRO E 27 8.75 27.84 -9.96
C PRO E 27 9.59 28.40 -8.84
N SER E 28 10.09 29.61 -9.01
CA SER E 28 10.99 30.20 -8.02
C SER E 28 10.32 30.57 -6.68
N ASP E 29 8.99 30.55 -6.67
CA ASP E 29 8.23 30.78 -5.44
C ASP E 29 7.61 29.48 -4.84
N ILE E 30 8.23 28.33 -5.10
CA ILE E 30 7.73 27.10 -4.54
C ILE E 30 8.12 26.99 -3.06
N THR E 31 7.21 26.45 -2.26
CA THR E 31 7.49 26.25 -0.84
C THR E 31 8.04 24.85 -0.61
N ALA E 32 8.65 24.64 0.55
CA ALA E 32 9.03 23.33 1.03
C ALA E 32 7.85 22.37 1.03
N ARG E 33 6.68 22.88 1.42
CA ARG E 33 5.47 22.08 1.50
C ARG E 33 5.17 21.54 0.11
N ASP E 34 5.17 22.41 -0.91
CA ASP E 34 4.77 21.99 -2.26
C ASP E 34 5.76 20.98 -2.85
N VAL E 35 7.04 21.19 -2.58
CA VAL E 35 8.11 20.26 -3.01
C VAL E 35 7.94 18.88 -2.40
N CYS E 36 7.73 18.83 -1.08
CA CYS E 36 7.43 17.58 -0.40
C CYS E 36 6.22 16.91 -1.07
N GLN E 37 5.13 17.67 -1.24
CA GLN E 37 3.90 17.08 -1.78
C GLN E 37 4.11 16.50 -3.17
N LEU E 38 4.91 17.21 -3.97
CA LEU E 38 5.26 16.74 -5.31
C LEU E 38 6.00 15.40 -5.23
N LEU E 39 6.92 15.30 -4.26
CA LEU E 39 7.73 14.10 -4.06
C LEU E 39 6.88 12.91 -3.56
N ILE E 40 5.95 13.19 -2.66
CA ILE E 40 4.97 12.18 -2.27
C ILE E 40 4.21 11.61 -3.48
N LEU E 41 3.71 12.50 -4.35
CA LEU E 41 2.93 12.06 -5.51
C LEU E 41 3.79 11.21 -6.44
N LYS E 42 4.99 11.69 -6.74
CA LYS E 42 5.90 11.04 -7.70
C LYS E 42 6.51 9.76 -7.19
N ASN E 43 6.73 9.67 -5.88
CA ASN E 43 7.32 8.47 -5.28
C ASN E 43 6.28 7.43 -4.91
N HIS E 44 5.02 7.74 -5.17
CA HIS E 44 3.89 6.89 -4.77
C HIS E 44 3.87 6.66 -3.29
N TYR E 45 4.22 7.67 -2.52
CA TYR E 45 4.15 7.58 -1.07
C TYR E 45 2.78 7.98 -0.54
N ILE E 46 2.57 7.69 0.74
CA ILE E 46 1.35 8.09 1.43
C ILE E 46 1.63 9.32 2.29
N ASP E 47 0.81 10.37 2.14
CA ASP E 47 1.07 11.62 2.86
C ASP E 47 0.80 11.38 4.31
N ASP E 48 1.88 11.53 5.05
CA ASP E 48 1.95 11.24 6.46
C ASP E 48 1.90 12.53 7.27
N HIS E 49 2.25 13.63 6.60
CA HIS E 49 2.64 14.90 7.24
C HIS E 49 4.04 14.89 7.80
N SER E 50 4.58 13.73 8.17
CA SER E 50 5.98 13.67 8.63
C SER E 50 7.02 13.93 7.53
N TRP E 51 6.68 13.73 6.26
CA TRP E 51 7.66 14.04 5.19
C TRP E 51 8.23 15.44 5.29
N THR E 52 9.53 15.54 5.11
CA THR E 52 10.21 16.82 5.36
C THR E 52 11.36 17.04 4.41
N LEU E 53 11.54 18.29 4.01
CA LEU E 53 12.67 18.68 3.20
C LEU E 53 13.75 19.20 4.16
N PHE E 54 14.97 18.68 4.06
CA PHE E 54 16.15 19.06 4.93
C PHE E 54 17.21 19.87 4.19
N GLU E 55 17.73 20.94 4.80
CA GLU E 55 18.83 21.68 4.19
C GLU E 55 20.15 21.18 4.78
N HIS E 56 20.96 20.55 3.93
CA HIS E 56 22.09 19.72 4.41
C HIS E 56 23.40 20.34 4.01
N LEU E 57 24.28 20.59 4.97
CA LEU E 57 25.57 21.24 4.70
C LEU E 57 26.71 20.28 5.07
N PRO E 58 27.16 19.44 4.11
CA PRO E 58 28.10 18.35 4.41
C PRO E 58 29.48 18.79 4.93
N HIS E 59 29.97 19.95 4.52
CA HIS E 59 31.29 20.43 4.98
C HIS E 59 31.27 20.80 6.43
N ILE E 60 30.10 21.18 6.93
CA ILE E 60 29.93 21.72 8.27
C ILE E 60 29.45 20.60 9.21
N GLY E 61 28.95 19.53 8.61
CA GLY E 61 28.42 18.39 9.35
C GLY E 61 27.09 18.68 10.04
N VAL E 62 26.28 19.56 9.46
CA VAL E 62 24.98 19.91 10.02
C VAL E 62 23.81 19.86 9.02
N GLU E 63 22.59 19.88 9.55
CA GLU E 63 21.38 19.94 8.75
C GLU E 63 20.22 20.53 9.54
N ARG E 64 19.21 21.03 8.82
CA ARG E 64 18.00 21.52 9.47
C ARG E 64 16.76 21.19 8.65
N THR E 65 15.63 21.10 9.33
CA THR E 65 14.34 21.05 8.70
C THR E 65 14.13 22.40 8.02
N ILE E 66 13.59 22.38 6.80
CA ILE E 66 13.15 23.60 6.12
C ILE E 66 11.66 23.68 6.48
N GLU E 67 11.20 24.83 6.94
CA GLU E 67 9.84 24.94 7.43
C GLU E 67 8.90 24.98 6.23
N ASP E 68 7.67 24.49 6.42
CA ASP E 68 6.70 24.28 5.34
C ASP E 68 6.55 25.45 4.37
N HIS E 69 6.53 26.66 4.93
CA HIS E 69 6.25 27.91 4.18
C HIS E 69 7.48 28.55 3.58
N GLU E 70 8.66 28.08 3.91
CA GLU E 70 9.88 28.65 3.36
C GLU E 70 9.92 28.47 1.83
N LEU E 71 10.50 29.44 1.14
CA LEU E 71 10.68 29.33 -0.30
C LEU E 71 12.00 28.64 -0.61
N VAL E 72 11.92 27.48 -1.28
CA VAL E 72 13.08 26.63 -1.46
C VAL E 72 14.22 27.34 -2.20
N ILE E 73 13.89 28.19 -3.17
CA ILE E 73 14.93 28.89 -3.91
C ILE E 73 15.58 30.03 -3.12
N GLU E 74 14.86 30.60 -2.15
CA GLU E 74 15.48 31.54 -1.21
C GLU E 74 16.51 30.81 -0.36
N VAL E 75 16.21 29.57 0.04
CA VAL E 75 17.13 28.81 0.86
C VAL E 75 18.43 28.51 0.08
N LEU E 76 18.28 28.14 -1.18
CA LEU E 76 19.44 27.93 -2.07
C LEU E 76 20.24 29.19 -2.41
N SER E 77 19.61 30.36 -2.39
CA SER E 77 20.35 31.58 -2.74
C SER E 77 21.41 31.93 -1.67
N ASN E 78 21.27 31.35 -0.47
CA ASN E 78 22.28 31.51 0.58
C ASN E 78 23.59 30.73 0.35
N TRP E 79 23.61 29.93 -0.72
CA TRP E 79 24.69 28.98 -0.97
C TRP E 79 25.83 29.50 -1.80
N GLY E 80 27.04 29.02 -1.48
CA GLY E 80 28.19 29.16 -2.38
C GLY E 80 28.30 27.84 -3.14
N ILE E 81 28.63 27.91 -4.42
CA ILE E 81 28.64 26.73 -5.31
C ILE E 81 29.65 25.67 -4.83
N GLU E 82 30.77 26.15 -4.29
CA GLU E 82 31.82 25.30 -3.72
C GLU E 82 31.41 24.60 -2.40
N GLU E 83 30.33 25.07 -1.78
CA GLU E 83 29.88 24.52 -0.49
C GLU E 83 29.32 23.09 -0.55
N GLU E 84 28.84 22.68 -1.72
CA GLU E 84 28.32 21.32 -1.94
C GLU E 84 27.13 20.99 -1.03
N ASN E 85 26.38 22.01 -0.63
CA ASN E 85 25.15 21.84 0.14
C ASN E 85 24.08 21.07 -0.64
N LYS E 86 23.25 20.31 0.09
CA LYS E 86 22.18 19.53 -0.52
C LYS E 86 20.81 19.58 0.20
N LEU E 87 19.77 19.27 -0.55
CA LEU E 87 18.42 19.09 -0.01
C LEU E 87 18.14 17.60 0.09
N TYR E 88 17.66 17.15 1.24
CA TYR E 88 17.20 15.76 1.41
C TYR E 88 15.71 15.71 1.72
N PHE E 89 15.09 14.60 1.37
CA PHE E 89 13.68 14.35 1.63
C PHE E 89 13.56 13.11 2.49
N ARG E 90 13.06 13.26 3.70
CA ARG E 90 12.75 12.10 4.54
C ARG E 90 11.73 12.41 5.58
N LYS E 91 11.27 11.36 6.26
CA LYS E 91 10.33 11.54 7.32
C LYS E 91 11.01 12.06 8.56
N ASN E 92 10.43 13.10 9.16
CA ASN E 92 10.85 13.60 10.46
C ASN E 92 9.72 13.44 11.47
N TYR E 93 9.86 12.52 12.41
CA TYR E 93 8.77 12.24 13.37
C TYR E 93 8.65 13.25 14.50
N ALA E 94 9.64 14.14 14.62
CA ALA E 94 9.77 14.97 15.81
C ALA E 94 9.32 16.41 15.64
N LYS E 95 9.16 16.86 14.40
CA LYS E 95 9.17 18.30 14.16
C LYS E 95 7.99 19.11 14.75
N TYR E 96 6.80 18.50 14.84
CA TYR E 96 5.65 19.15 15.49
C TYR E 96 5.36 18.51 16.84
N GLU E 97 6.40 17.97 17.49
CA GLU E 97 6.17 17.25 18.75
C GLU E 97 5.66 18.15 19.87
N PHE E 98 6.15 19.38 19.91
CA PHE E 98 5.69 20.37 20.87
C PHE E 98 4.21 20.67 20.69
N PHE E 99 3.76 20.75 19.44
CA PHE E 99 2.34 21.01 19.15
C PHE E 99 1.41 19.84 19.49
N LYS E 100 1.94 18.64 19.55
CA LYS E 100 1.12 17.46 19.83
C LYS E 100 0.99 17.28 21.33
N ASN E 101 2.12 17.33 22.02
CA ASN E 101 2.14 17.12 23.46
C ASN E 101 2.88 18.27 24.17
N PRO E 102 2.26 19.46 24.18
CA PRO E 102 2.90 20.65 24.80
C PRO E 102 3.12 20.58 26.33
N MET E 103 2.22 19.92 27.07
CA MET E 103 2.22 19.96 28.53
C MET E 103 3.61 19.87 29.18
N TYR E 104 4.27 18.74 28.98
CA TYR E 104 5.54 18.47 29.64
C TYR E 104 6.70 18.34 28.65
N PHE E 105 6.56 19.05 27.52
CA PHE E 105 7.60 19.07 26.49
C PHE E 105 8.92 19.61 27.05
N PHE E 106 8.89 20.83 27.59
CA PHE E 106 10.03 21.39 28.30
C PHE E 106 10.00 20.92 29.75
N PRO E 107 11.14 20.43 30.26
CA PRO E 107 11.20 20.17 31.70
C PRO E 107 10.98 21.45 32.49
N GLU E 108 10.42 21.33 33.69
CA GLU E 108 10.08 22.48 34.54
C GLU E 108 11.26 23.39 34.88
N HIS E 109 12.41 22.80 35.20
CA HIS E 109 13.60 23.61 35.52
C HIS E 109 14.00 24.57 34.41
N MET E 110 13.63 24.23 33.17
CA MET E 110 14.11 24.90 31.97
C MET E 110 13.29 26.12 31.53
N VAL E 111 12.05 26.20 32.01
CA VAL E 111 11.15 27.29 31.64
C VAL E 111 10.38 27.80 32.86
N SER E 112 10.04 29.08 32.87
CA SER E 112 9.26 29.65 33.98
C SER E 112 8.09 30.55 33.54
N PHE E 113 7.06 30.61 34.37
CA PHE E 113 5.88 31.42 34.12
C PHE E 113 5.36 32.08 35.39
N ILE E 121 -1.41 26.54 33.55
CA ILE E 121 -0.85 25.20 33.43
C ILE E 121 -1.34 24.52 32.14
N SER E 122 -2.52 24.92 31.66
CA SER E 122 -3.21 24.26 30.52
C SER E 122 -2.41 24.21 29.20
N PRO E 123 -2.66 23.18 28.37
CA PRO E 123 -2.01 23.04 27.06
C PRO E 123 -2.20 24.25 26.17
N THR E 124 -3.44 24.71 26.01
CA THR E 124 -3.73 25.93 25.26
C THR E 124 -2.83 27.09 25.70
N GLN E 125 -2.71 27.25 27.03
CA GLN E 125 -1.96 28.35 27.64
C GLN E 125 -0.49 28.32 27.24
N ILE E 126 0.12 27.14 27.24
CA ILE E 126 1.52 26.96 26.89
C ILE E 126 1.81 27.39 25.45
N LEU E 127 1.04 26.89 24.49
CA LEU E 127 1.34 27.20 23.11
C LEU E 127 1.00 28.64 22.73
N GLN E 128 -0.03 29.21 23.34
CA GLN E 128 -0.32 30.63 23.19
C GLN E 128 0.88 31.49 23.57
N MET E 129 1.52 31.15 24.68
CA MET E 129 2.65 31.92 25.20
C MET E 129 3.91 31.71 24.36
N PHE E 130 4.07 30.53 23.81
CA PHE E 130 5.18 30.28 22.87
C PHE E 130 4.96 30.86 21.47
N LEU E 131 3.71 31.15 21.15
CA LEU E 131 3.33 31.62 19.80
C LEU E 131 3.07 33.12 19.73
N SER E 132 3.20 33.79 20.88
CA SER E 132 2.98 35.24 20.98
C SER E 132 3.94 35.99 20.07
N SER E 133 3.47 37.09 19.50
CA SER E 133 4.36 37.97 18.75
C SER E 133 4.99 39.04 19.65
N SER E 134 4.33 39.32 20.77
CA SER E 134 4.79 40.36 21.70
C SER E 134 5.72 39.80 22.77
N THR E 135 5.21 38.91 23.62
CA THR E 135 6.01 38.28 24.69
C THR E 135 6.67 36.97 24.26
N TYR E 136 7.63 36.53 25.06
CA TYR E 136 8.24 35.20 24.92
C TYR E 136 8.62 34.65 26.30
N PRO E 137 8.36 33.37 26.55
CA PRO E 137 8.73 32.80 27.84
C PRO E 137 10.24 32.62 27.90
N GLU E 138 10.80 32.71 29.10
CA GLU E 138 12.23 32.54 29.25
C GLU E 138 12.61 31.06 29.28
N ILE E 139 13.59 30.72 28.47
CA ILE E 139 14.18 29.38 28.48
C ILE E 139 15.61 29.54 28.99
N HIS E 140 15.99 28.70 29.94
CA HIS E 140 17.31 28.79 30.53
C HIS E 140 17.86 27.43 30.79
N GLY E 141 19.18 27.34 30.88
CA GLY E 141 19.86 26.08 31.13
C GLY E 141 21.32 26.21 30.80
N PHE E 142 22.07 25.15 31.04
CA PHE E 142 23.48 25.11 30.68
C PHE E 142 23.65 24.57 29.26
N LEU E 143 24.68 25.08 28.58
CA LEU E 143 25.09 24.57 27.28
C LEU E 143 26.59 24.77 27.19
N HIS E 144 27.28 23.86 26.50
CA HIS E 144 28.70 24.07 26.19
C HIS E 144 28.80 24.95 24.97
N ALA E 145 29.53 26.05 25.13
CA ALA E 145 29.75 26.97 24.02
C ALA E 145 31.22 27.01 23.65
N LYS E 146 31.51 26.99 22.36
CA LYS E 146 32.87 27.23 21.91
C LYS E 146 33.11 28.74 21.96
N GLU E 147 34.11 29.13 22.76
CA GLU E 147 34.44 30.54 23.03
C GLU E 147 34.74 31.28 21.73
N GLN E 148 34.03 32.40 21.52
CA GLN E 148 34.12 33.19 20.29
C GLN E 148 35.58 33.50 19.94
N GLY E 149 36.14 32.74 19.00
CA GLY E 149 37.53 32.89 18.59
C GLY E 149 38.31 31.59 18.48
N LYS E 150 38.76 31.07 19.63
CA LYS E 150 39.70 29.94 19.64
C LYS E 150 39.05 28.58 19.31
N LYS E 151 39.14 27.62 20.23
CA LYS E 151 38.73 26.24 19.95
C LYS E 151 38.60 25.39 21.22
N SER E 152 38.11 26.00 22.30
CA SER E 152 37.79 25.25 23.53
C SER E 152 36.37 25.58 24.04
N TRP E 153 35.79 24.65 24.80
CA TRP E 153 34.37 24.74 25.14
C TRP E 153 34.12 24.91 26.62
N LYS E 154 33.16 25.78 26.95
CA LYS E 154 32.77 26.06 28.34
C LYS E 154 31.28 25.84 28.59
N LYS E 155 30.97 25.28 29.75
CA LYS E 155 29.58 25.07 30.17
C LYS E 155 28.96 26.37 30.73
N ILE E 156 28.79 27.36 29.86
CA ILE E 156 28.14 28.63 30.23
C ILE E 156 26.64 28.43 30.47
N TYR E 157 26.03 29.36 31.18
CA TYR E 157 24.58 29.35 31.42
C TYR E 157 23.91 30.38 30.53
N PHE E 158 22.77 30.00 29.98
CA PHE E 158 22.13 30.66 28.85
C PHE E 158 20.66 30.99 29.09
N PHE E 159 20.25 32.16 28.57
CA PHE E 159 18.89 32.65 28.65
C PHE E 159 18.38 32.97 27.23
N LEU E 160 17.29 32.32 26.83
CA LEU E 160 16.61 32.66 25.59
C LEU E 160 15.45 33.60 25.92
N ARG E 161 15.44 34.75 25.27
CA ARG E 161 14.45 35.80 25.53
C ARG E 161 13.90 36.35 24.22
N ARG E 162 12.84 37.14 24.31
CA ARG E 162 12.24 37.84 23.18
C ARG E 162 13.29 38.50 22.27
N SER E 163 14.31 39.11 22.87
CA SER E 163 15.33 39.85 22.12
C SER E 163 16.47 39.00 21.56
N GLY E 164 16.52 37.73 21.94
CA GLY E 164 17.55 36.82 21.47
C GLY E 164 18.05 35.86 22.53
N LEU E 165 19.21 35.28 22.27
CA LEU E 165 19.85 34.37 23.21
C LEU E 165 21.04 35.06 23.91
N TYR E 166 21.06 34.98 25.24
CA TYR E 166 22.10 35.58 26.08
C TYR E 166 22.74 34.52 26.94
N PHE E 167 24.01 34.76 27.33
CA PHE E 167 24.68 33.95 28.36
C PHE E 167 25.11 34.80 29.57
N SER E 168 25.32 34.15 30.71
CA SER E 168 25.73 34.83 31.94
C SER E 168 27.23 34.72 32.17
N THR E 169 27.86 35.86 32.47
CA THR E 169 29.30 35.91 32.76
C THR E 169 29.67 35.59 34.22
N LYS E 170 28.67 35.20 35.03
CA LYS E 170 28.89 34.78 36.41
C LYS E 170 27.78 33.82 36.89
N GLY E 171 28.08 32.51 36.84
CA GLY E 171 27.15 31.47 37.29
C GLY E 171 25.81 31.48 36.58
N THR E 172 24.73 31.60 37.36
CA THR E 172 23.38 31.53 36.83
C THR E 172 22.67 32.87 36.90
N SER E 173 23.44 33.93 37.09
CA SER E 173 22.87 35.25 37.42
C SER E 173 22.18 35.93 36.24
N ALA E 174 20.99 36.47 36.50
CA ALA E 174 20.16 37.11 35.47
C ALA E 174 20.35 38.63 35.40
N ALA E 175 21.16 39.17 36.30
CA ALA E 175 21.42 40.60 36.34
C ALA E 175 21.91 41.10 34.98
N PRO E 176 21.31 42.20 34.46
CA PRO E 176 21.71 42.89 33.24
C PRO E 176 23.23 43.08 33.10
N ARG E 177 23.90 43.10 34.25
CA ARG E 177 25.33 43.35 34.35
C ARG E 177 26.14 42.14 33.89
N HIS E 178 25.58 40.94 34.11
CA HIS E 178 26.21 39.67 33.75
C HIS E 178 25.72 39.07 32.45
N LEU E 179 24.71 39.69 31.84
CA LEU E 179 24.16 39.20 30.57
C LEU E 179 24.99 39.69 29.39
N GLN E 180 25.58 38.75 28.66
CA GLN E 180 26.21 39.09 27.39
C GLN E 180 25.44 38.44 26.25
N PHE E 181 25.23 39.22 25.18
CA PHE E 181 24.47 38.83 23.99
C PHE E 181 25.19 37.76 23.17
N PHE E 182 24.51 36.64 22.89
CA PHE E 182 25.13 35.57 22.09
C PHE E 182 24.67 35.52 20.63
N SER E 183 23.37 35.53 20.42
CA SER E 183 22.78 35.54 19.08
C SER E 183 21.30 35.90 19.04
N GLU E 184 20.95 36.62 17.99
CA GLU E 184 19.57 36.88 17.62
C GLU E 184 19.22 35.94 16.46
N PHE E 185 17.92 35.77 16.21
CA PHE E 185 17.42 34.94 15.12
C PHE E 185 16.37 35.76 14.42
N GLY E 186 16.48 35.80 13.11
CA GLY E 186 15.72 36.69 12.26
C GLY E 186 16.50 36.64 10.97
N ASN E 187 17.82 36.68 11.11
CA ASN E 187 18.75 36.56 10.00
C ASN E 187 19.70 35.37 10.14
N SER E 188 19.26 34.39 10.93
CA SER E 188 20.04 33.18 11.18
C SER E 188 19.18 31.93 11.11
N ASP E 189 19.80 30.83 10.68
CA ASP E 189 19.16 29.54 10.66
C ASP E 189 19.79 28.68 11.73
N ILE E 190 18.99 27.74 12.24
CA ILE E 190 19.44 26.85 13.29
C ILE E 190 19.61 25.45 12.72
N TYR E 191 20.79 24.88 12.91
CA TYR E 191 21.10 23.57 12.38
C TYR E 191 21.51 22.65 13.51
N VAL E 192 21.43 21.36 13.24
CA VAL E 192 21.76 20.33 14.20
C VAL E 192 22.88 19.49 13.60
N SER E 193 23.79 19.00 14.45
CA SER E 193 24.87 18.11 14.02
C SER E 193 24.41 16.71 13.58
N LEU E 194 25.09 16.15 12.59
CA LEU E 194 24.70 14.88 11.99
C LEU E 194 25.17 13.65 12.75
N ALA E 195 26.44 13.31 12.55
CA ALA E 195 27.10 12.14 13.12
C ALA E 195 28.58 12.26 12.72
N GLY E 196 28.89 13.41 12.13
CA GLY E 196 30.24 13.86 11.86
C GLY E 196 31.05 14.02 13.14
N LYS E 197 32.32 14.38 12.98
CA LYS E 197 33.30 14.31 14.07
C LYS E 197 32.98 15.26 15.22
N LYS E 198 32.71 14.69 16.39
CA LYS E 198 32.40 15.47 17.60
C LYS E 198 33.67 16.06 18.18
N LYS E 199 34.72 15.24 18.27
CA LYS E 199 35.99 15.63 18.86
C LYS E 199 36.76 16.63 18.00
N HIS E 200 36.02 17.33 17.14
CA HIS E 200 36.44 18.64 16.64
C HIS E 200 36.56 19.57 17.81
N GLY E 201 36.55 19.00 19.02
CA GLY E 201 36.62 19.75 20.27
C GLY E 201 35.34 19.71 21.07
N ALA E 202 34.21 19.52 20.38
CA ALA E 202 32.89 19.50 21.00
C ALA E 202 32.82 18.42 22.07
N PRO E 203 32.30 18.79 23.26
CA PRO E 203 32.16 17.93 24.45
C PRO E 203 31.28 16.70 24.24
N THR E 204 30.08 16.89 23.70
CA THR E 204 29.15 15.78 23.39
C THR E 204 28.88 15.67 21.88
N ASN E 205 28.08 14.67 21.50
CA ASN E 205 27.56 14.52 20.13
C ASN E 205 26.27 15.32 19.89
N TYR E 206 25.85 16.13 20.86
CA TYR E 206 24.57 16.85 20.73
C TYR E 206 24.74 18.32 20.41
N GLY E 207 25.48 18.58 19.33
CA GLY E 207 25.70 19.93 18.83
C GLY E 207 24.53 20.51 18.05
N PHE E 208 24.41 21.83 18.13
CA PHE E 208 23.57 22.61 17.23
C PHE E 208 24.24 23.98 17.05
N CYS E 209 23.92 24.70 15.98
CA CYS E 209 24.64 25.94 15.66
C CYS E 209 23.77 26.90 14.89
N PHE E 210 24.22 28.16 14.82
CA PHE E 210 23.55 29.18 14.03
C PHE E 210 24.43 29.72 12.90
N LYS E 211 23.99 29.49 11.67
CA LYS E 211 24.59 30.07 10.48
C LYS E 211 23.78 31.33 10.13
N PRO E 212 24.44 32.51 10.13
CA PRO E 212 23.79 33.69 9.56
C PRO E 212 23.77 33.54 8.04
N ASN E 213 22.67 33.97 7.42
CA ASN E 213 22.52 33.88 5.96
C ASN E 213 23.35 34.96 5.27
N LYS E 214 22.98 35.27 4.04
CA LYS E 214 23.54 36.42 3.33
C LYS E 214 23.07 37.73 3.98
N ALA E 215 22.03 37.63 4.80
CA ALA E 215 21.66 38.68 5.74
C ALA E 215 22.58 38.56 6.95
N GLY E 216 23.79 39.10 6.80
CA GLY E 216 24.84 38.98 7.80
C GLY E 216 26.21 38.91 7.13
N GLY E 217 26.89 40.06 7.08
CA GLY E 217 28.24 40.17 6.56
C GLY E 217 29.22 39.27 7.29
N PRO E 218 29.34 39.45 8.63
CA PRO E 218 29.99 38.45 9.48
C PRO E 218 29.19 37.13 9.50
N ARG E 219 29.69 36.14 8.77
CA ARG E 219 29.01 34.85 8.58
C ARG E 219 29.67 33.73 9.41
N ASP E 220 30.15 34.09 10.59
CA ASP E 220 30.79 33.14 11.50
C ASP E 220 29.74 32.26 12.19
N LEU E 221 29.97 30.95 12.17
CA LEU E 221 29.15 30.01 12.92
C LEU E 221 29.23 30.27 14.43
N LYS E 222 28.09 30.19 15.09
CA LYS E 222 28.03 30.25 16.54
C LYS E 222 27.57 28.86 17.03
N MET E 223 28.54 28.04 17.43
CA MET E 223 28.32 26.63 17.78
C MET E 223 28.05 26.35 19.25
N LEU E 224 27.05 25.49 19.52
CA LEU E 224 26.76 25.06 20.89
C LEU E 224 26.66 23.54 21.02
N CYS E 225 26.69 23.07 22.26
CA CYS E 225 26.49 21.66 22.57
C CYS E 225 25.61 21.51 23.79
N ALA E 226 24.69 20.55 23.73
CA ALA E 226 23.83 20.23 24.87
C ALA E 226 24.39 19.02 25.58
N GLU E 227 23.97 18.83 26.83
CA GLU E 227 24.49 17.76 27.67
C GLU E 227 23.95 16.42 27.22
N GLU E 228 22.72 16.44 26.72
CA GLU E 228 22.03 15.23 26.28
C GLU E 228 21.15 15.53 25.05
N GLU E 229 20.72 14.49 24.36
CA GLU E 229 19.88 14.62 23.18
C GLU E 229 18.61 15.43 23.48
N GLN E 230 17.98 15.11 24.61
CA GLN E 230 16.69 15.69 24.99
C GLN E 230 16.78 17.20 25.13
N SER E 231 17.85 17.66 25.77
CA SER E 231 18.06 19.07 26.05
C SER E 231 18.22 19.88 24.76
N ARG E 232 18.94 19.32 23.79
CA ARG E 232 19.12 19.96 22.48
C ARG E 232 17.78 20.14 21.75
N THR E 233 16.95 19.10 21.79
CA THR E 233 15.62 19.11 21.19
C THR E 233 14.78 20.28 21.67
N CYS E 234 14.76 20.46 22.99
CA CYS E 234 14.04 21.57 23.61
C CYS E 234 14.64 22.90 23.16
N TRP E 235 15.97 22.95 23.06
CA TRP E 235 16.63 24.18 22.68
C TRP E 235 16.33 24.55 21.26
N VAL E 236 16.46 23.57 20.36
CA VAL E 236 16.11 23.77 18.96
C VAL E 236 14.63 24.12 18.77
N THR E 237 13.75 23.49 19.55
CA THR E 237 12.32 23.79 19.43
C THR E 237 12.02 25.23 19.86
N ALA E 238 12.41 25.54 21.10
CA ALA E 238 12.28 26.91 21.64
C ALA E 238 12.76 27.96 20.65
N ILE E 239 13.96 27.79 20.12
CA ILE E 239 14.50 28.74 19.15
C ILE E 239 13.71 28.79 17.82
N ARG E 240 13.28 27.64 17.32
CA ARG E 240 12.41 27.59 16.13
C ARG E 240 11.10 28.37 16.39
N LEU E 241 10.48 28.11 17.53
CA LEU E 241 9.29 28.86 17.97
C LEU E 241 9.53 30.37 18.05
N LEU E 242 10.69 30.76 18.60
CA LEU E 242 11.06 32.15 18.67
C LEU E 242 11.20 32.78 17.28
N LYS E 243 12.03 32.17 16.43
CA LYS E 243 12.31 32.68 15.10
C LYS E 243 11.07 32.69 14.22
N TYR E 244 10.31 31.60 14.24
CA TYR E 244 9.18 31.46 13.33
C TYR E 244 7.81 31.90 13.85
N GLY E 245 7.60 31.81 15.17
CA GLY E 245 6.35 32.27 15.80
C GLY E 245 5.09 31.55 15.35
N MET E 246 3.98 32.28 15.32
CA MET E 246 2.68 31.73 14.99
C MET E 246 2.69 30.87 13.72
N GLN E 247 3.49 31.27 12.74
CA GLN E 247 3.55 30.62 11.44
C GLN E 247 3.78 29.11 11.52
N LEU E 248 4.56 28.67 12.52
CA LEU E 248 4.81 27.26 12.74
C LEU E 248 3.56 26.50 13.08
N TYR E 249 2.77 27.10 13.96
CA TYR E 249 1.53 26.52 14.40
C TYR E 249 0.53 26.52 13.24
N GLN E 250 0.50 27.61 12.48
CA GLN E 250 -0.32 27.60 11.28
C GLN E 250 0.16 26.54 10.25
N ASN E 251 1.46 26.31 10.08
CA ASN E 251 1.92 25.23 9.19
C ASN E 251 1.30 23.89 9.62
N TYR E 252 1.46 23.59 10.91
CA TYR E 252 0.94 22.35 11.47
C TYR E 252 -0.60 22.25 11.38
N MET E 253 -1.30 23.37 11.55
CA MET E 253 -2.78 23.37 11.63
C MET E 253 -3.45 23.44 10.27
N HIS E 254 -2.67 23.65 9.22
CA HIS E 254 -3.18 23.58 7.84
C HIS E 254 -2.22 22.82 6.97
N PRO E 255 -2.15 21.49 7.14
CA PRO E 255 -1.09 20.72 6.47
C PRO E 255 -1.15 20.75 4.93
N TYR E 256 -2.31 21.08 4.38
CA TYR E 256 -2.48 21.01 2.93
C TYR E 256 -2.47 22.39 2.29
N GLN E 257 -2.99 23.39 2.99
CA GLN E 257 -3.16 24.74 2.44
C GLN E 257 -3.96 24.72 1.15
N GLY E 258 -4.77 23.68 0.99
CA GLY E 258 -5.68 23.56 -0.14
C GLY E 258 -7.12 23.74 0.29
N GLY F 1 36.10 -4.72 10.82
CA GLY F 1 36.32 -5.90 9.92
C GLY F 1 36.98 -5.52 8.62
N ALA F 2 36.68 -6.30 7.57
CA ALA F 2 37.29 -6.14 6.25
C ALA F 2 37.10 -4.74 5.69
N MET F 3 38.13 -4.24 5.01
CA MET F 3 38.08 -2.97 4.32
C MET F 3 38.04 -3.18 2.81
N GLY F 4 37.48 -4.32 2.39
CA GLY F 4 37.43 -4.73 0.98
C GLY F 4 37.00 -3.63 0.03
N SER F 5 37.98 -3.04 -0.67
CA SER F 5 37.76 -1.92 -1.59
C SER F 5 36.78 -2.27 -2.71
N MET F 6 36.26 -1.24 -3.38
CA MET F 6 35.27 -1.46 -4.42
C MET F 6 35.24 -0.41 -5.54
N THR F 7 34.96 -0.88 -6.76
CA THR F 7 34.82 -0.03 -7.93
C THR F 7 33.37 0.44 -8.11
N GLU F 8 33.21 1.71 -8.48
CA GLU F 8 31.93 2.30 -8.76
C GLU F 8 31.81 2.61 -10.26
N TYR F 9 30.81 2.07 -10.93
CA TYR F 9 30.56 2.34 -12.35
C TYR F 9 29.45 3.38 -12.56
N LYS F 10 29.79 4.46 -13.25
CA LYS F 10 28.90 5.61 -13.39
C LYS F 10 28.15 5.50 -14.71
N LEU F 11 27.09 4.71 -14.71
CA LEU F 11 26.36 4.44 -15.94
C LEU F 11 25.33 5.52 -16.19
N VAL F 12 25.11 5.82 -17.47
CA VAL F 12 24.18 6.86 -17.90
C VAL F 12 23.23 6.32 -18.99
N VAL F 13 21.93 6.46 -18.77
CA VAL F 13 20.93 6.03 -19.73
C VAL F 13 20.45 7.23 -20.53
N VAL F 14 20.63 7.18 -21.85
CA VAL F 14 20.23 8.26 -22.77
C VAL F 14 19.28 7.76 -23.85
N GLY F 15 18.50 8.69 -24.41
CA GLY F 15 17.52 8.38 -25.46
C GLY F 15 16.34 9.34 -25.47
N ALA F 16 15.52 9.26 -26.51
CA ALA F 16 14.40 10.19 -26.67
C ALA F 16 13.25 9.92 -25.70
N VAL F 17 12.29 10.84 -25.69
CA VAL F 17 11.09 10.76 -24.85
C VAL F 17 10.37 9.44 -25.05
N GLY F 18 10.05 8.76 -23.96
CA GLY F 18 9.14 7.63 -24.00
C GLY F 18 9.70 6.32 -24.54
N VAL F 19 11.02 6.20 -24.65
CA VAL F 19 11.65 4.96 -25.13
C VAL F 19 11.82 3.92 -24.03
N GLY F 20 11.67 4.32 -22.78
CA GLY F 20 11.75 3.38 -21.65
C GLY F 20 13.02 3.45 -20.82
N LYS F 21 13.74 4.57 -20.90
CA LYS F 21 14.97 4.72 -20.09
C LYS F 21 14.68 4.42 -18.61
N SER F 22 13.58 4.99 -18.11
CA SER F 22 13.15 4.81 -16.71
C SER F 22 12.60 3.42 -16.46
N ALA F 23 11.77 2.93 -17.38
CA ALA F 23 11.24 1.59 -17.26
C ALA F 23 12.38 0.56 -17.16
N LEU F 24 13.37 0.66 -18.04
CA LEU F 24 14.51 -0.25 -17.99
C LEU F 24 15.29 -0.14 -16.67
N THR F 25 15.53 1.10 -16.22
CA THR F 25 16.30 1.31 -15.01
C THR F 25 15.56 0.80 -13.77
N ILE F 26 14.27 1.10 -13.69
CA ILE F 26 13.47 0.68 -12.55
C ILE F 26 13.38 -0.84 -12.50
N GLN F 27 13.10 -1.44 -13.65
CA GLN F 27 13.16 -2.89 -13.81
C GLN F 27 14.48 -3.47 -13.25
N LEU F 28 15.61 -2.87 -13.58
CA LEU F 28 16.89 -3.36 -13.06
C LEU F 28 17.03 -3.19 -11.54
N ILE F 29 16.60 -2.04 -11.03
CA ILE F 29 16.77 -1.73 -9.61
C ILE F 29 15.69 -2.36 -8.72
N GLN F 30 14.46 -2.47 -9.23
CA GLN F 30 13.31 -2.75 -8.36
C GLN F 30 12.49 -3.96 -8.79
N ASN F 31 12.82 -4.52 -9.95
CA ASN F 31 12.15 -5.71 -10.50
C ASN F 31 10.61 -5.59 -10.59
N HIS F 32 10.15 -4.47 -11.13
CA HIS F 32 8.75 -4.29 -11.52
C HIS F 32 8.65 -3.32 -12.65
N PHE F 33 7.55 -3.41 -13.40
CA PHE F 33 7.38 -2.64 -14.62
C PHE F 33 6.41 -1.47 -14.46
N VAL F 34 6.93 -0.26 -14.70
CA VAL F 34 6.13 0.96 -14.65
C VAL F 34 5.29 1.08 -15.93
N ASP F 35 3.96 1.01 -15.76
CA ASP F 35 2.98 1.21 -16.84
C ASP F 35 2.87 2.66 -17.28
N GLU F 36 2.55 3.55 -16.34
CA GLU F 36 2.34 4.97 -16.63
C GLU F 36 3.60 5.68 -17.14
N TYR F 37 3.38 6.89 -17.64
CA TYR F 37 4.47 7.71 -18.14
C TYR F 37 4.74 8.87 -17.19
N ASP F 38 5.95 8.92 -16.64
CA ASP F 38 6.40 10.03 -15.80
C ASP F 38 7.64 10.66 -16.39
N PRO F 39 7.48 11.80 -17.09
CA PRO F 39 8.65 12.40 -17.72
C PRO F 39 9.78 12.60 -16.71
N THR F 40 10.98 12.21 -17.08
CA THR F 40 12.15 12.34 -16.23
C THR F 40 12.89 13.62 -16.57
N ILE F 41 13.43 14.28 -15.54
CA ILE F 41 14.46 15.27 -15.77
C ILE F 41 15.87 14.69 -15.58
N GLU F 42 16.09 14.02 -14.45
CA GLU F 42 17.38 13.42 -14.11
C GLU F 42 17.25 12.73 -12.77
N ASP F 43 17.28 11.39 -12.79
CA ASP F 43 17.18 10.54 -11.58
C ASP F 43 18.39 9.62 -11.42
N SER F 44 18.94 9.59 -10.22
CA SER F 44 20.03 8.66 -9.96
C SER F 44 19.55 7.45 -9.17
N TYR F 45 20.22 6.32 -9.41
CA TYR F 45 19.94 5.05 -8.75
C TYR F 45 21.24 4.32 -8.41
N ARG F 46 21.16 3.44 -7.42
CA ARG F 46 22.31 2.63 -7.00
C ARG F 46 21.93 1.17 -6.74
N LYS F 47 22.88 0.28 -6.99
CA LYS F 47 22.69 -1.15 -6.77
C LYS F 47 24.07 -1.80 -6.72
N GLN F 48 24.31 -2.55 -5.64
CA GLN F 48 25.45 -3.44 -5.56
C GLN F 48 25.15 -4.72 -6.31
N VAL F 49 26.12 -5.15 -7.11
CA VAL F 49 25.95 -6.30 -7.99
C VAL F 49 27.26 -7.09 -8.07
N VAL F 50 27.13 -8.40 -8.28
CA VAL F 50 28.29 -9.23 -8.61
C VAL F 50 28.34 -9.32 -10.11
N ILE F 51 29.50 -8.97 -10.67
CA ILE F 51 29.76 -9.05 -12.10
C ILE F 51 31.14 -9.68 -12.30
N ASP F 52 31.14 -10.83 -12.99
CA ASP F 52 32.36 -11.65 -13.21
C ASP F 52 33.20 -11.87 -11.96
N GLY F 53 32.53 -12.15 -10.85
CA GLY F 53 33.20 -12.37 -9.57
C GLY F 53 33.30 -11.12 -8.70
N GLU F 54 33.68 -10.01 -9.32
CA GLU F 54 33.88 -8.76 -8.59
C GLU F 54 32.56 -8.06 -8.23
N THR F 55 32.47 -7.61 -6.99
CA THR F 55 31.34 -6.82 -6.53
C THR F 55 31.61 -5.37 -6.87
N CYS F 56 30.57 -4.66 -7.29
CA CYS F 56 30.68 -3.22 -7.53
C CYS F 56 29.41 -2.43 -7.21
N LEU F 57 29.59 -1.12 -7.04
CA LEU F 57 28.46 -0.22 -7.01
C LEU F 57 28.21 0.28 -8.42
N LEU F 58 26.95 0.18 -8.84
CA LEU F 58 26.47 0.81 -10.07
C LEU F 58 25.71 2.07 -9.72
N ASP F 59 26.29 3.21 -10.08
CA ASP F 59 25.62 4.49 -9.98
C ASP F 59 24.97 4.74 -11.33
N ILE F 60 23.65 4.89 -11.34
CA ILE F 60 22.93 5.02 -12.60
C ILE F 60 22.21 6.36 -12.73
N LEU F 61 22.39 7.00 -13.87
CA LEU F 61 21.72 8.23 -14.18
C LEU F 61 20.70 7.96 -15.27
N ASP F 62 19.44 8.24 -14.95
CA ASP F 62 18.34 8.18 -15.88
C ASP F 62 18.09 9.64 -16.34
N THR F 63 18.33 9.91 -17.62
CA THR F 63 18.35 11.28 -18.11
C THR F 63 17.05 11.62 -18.80
N ALA F 64 16.94 12.85 -19.26
CA ALA F 64 15.72 13.39 -19.86
C ALA F 64 15.72 13.15 -21.34
N GLY F 65 14.57 12.74 -21.87
CA GLY F 65 14.39 12.63 -23.32
C GLY F 65 14.01 13.97 -23.94
N GLN F 66 13.23 14.76 -23.20
CA GLN F 66 12.70 16.05 -23.67
C GLN F 66 13.76 17.03 -24.10
N GLU F 67 13.55 17.67 -25.23
CA GLU F 67 14.52 18.61 -25.77
C GLU F 67 14.79 19.72 -24.76
N GLU F 68 13.77 20.10 -23.99
CA GLU F 68 13.87 21.22 -23.07
C GLU F 68 15.09 21.19 -22.15
N TYR F 69 15.57 19.98 -21.81
CA TYR F 69 16.64 19.87 -20.83
C TYR F 69 18.03 19.57 -21.40
N SER F 70 18.14 19.69 -22.73
CA SER F 70 19.36 19.34 -23.46
C SER F 70 20.60 20.10 -22.95
N ALA F 71 20.35 21.20 -22.25
CA ALA F 71 21.43 21.98 -21.60
C ALA F 71 22.14 21.25 -20.46
N MET F 72 21.55 20.15 -19.97
CA MET F 72 22.16 19.37 -18.89
C MET F 72 23.05 18.25 -19.40
N ARG F 73 22.94 17.98 -20.70
CA ARG F 73 23.61 16.83 -21.32
C ARG F 73 25.11 16.87 -21.14
N ASP F 74 25.71 18.04 -21.34
CA ASP F 74 27.17 18.20 -21.27
C ASP F 74 27.77 17.81 -19.92
N GLN F 75 27.10 18.21 -18.84
CA GLN F 75 27.59 17.88 -17.50
C GLN F 75 27.49 16.39 -17.18
N TYR F 76 26.42 15.74 -17.63
CA TYR F 76 26.30 14.31 -17.36
C TYR F 76 27.12 13.48 -18.35
N MET F 77 27.41 14.03 -19.52
CA MET F 77 28.30 13.36 -20.47
C MET F 77 29.79 13.42 -20.08
N ARG F 78 30.20 14.53 -19.46
CA ARG F 78 31.54 14.65 -18.90
C ARG F 78 31.77 13.70 -17.73
N THR F 79 30.74 13.49 -16.93
CA THR F 79 30.84 12.69 -15.70
C THR F 79 30.73 11.21 -16.01
N GLY F 80 29.82 10.84 -16.90
CA GLY F 80 29.53 9.43 -17.18
C GLY F 80 30.73 8.64 -17.68
N GLU F 81 30.87 7.42 -17.20
CA GLU F 81 31.93 6.53 -17.69
C GLU F 81 31.39 5.63 -18.79
N GLY F 82 30.10 5.32 -18.75
CA GLY F 82 29.48 4.39 -19.71
C GLY F 82 28.04 4.74 -20.02
N PHE F 83 27.67 4.61 -21.30
CA PHE F 83 26.37 5.07 -21.79
C PHE F 83 25.51 4.01 -22.43
N LEU F 84 24.27 3.96 -21.97
CA LEU F 84 23.28 3.07 -22.53
C LEU F 84 22.41 3.93 -23.42
N CYS F 85 22.54 3.73 -24.73
CA CYS F 85 21.84 4.52 -25.72
C CYS F 85 20.60 3.79 -26.18
N VAL F 86 19.45 4.23 -25.64
CA VAL F 86 18.19 3.54 -25.87
C VAL F 86 17.37 4.22 -26.95
N PHE F 87 16.79 3.38 -27.80
CA PHE F 87 15.80 3.81 -28.77
C PHE F 87 14.65 2.80 -28.65
N ALA F 88 13.51 3.12 -29.22
CA ALA F 88 12.37 2.23 -29.18
C ALA F 88 12.17 1.56 -30.52
N ILE F 89 11.95 0.25 -30.51
CA ILE F 89 11.80 -0.53 -31.76
C ILE F 89 10.53 -0.17 -32.56
N ASN F 90 9.58 0.49 -31.90
CA ASN F 90 8.34 0.90 -32.54
C ASN F 90 8.31 2.38 -32.92
N ASN F 91 9.48 3.02 -32.86
CA ASN F 91 9.61 4.44 -33.17
C ASN F 91 10.90 4.75 -33.92
N THR F 92 10.78 5.12 -35.20
CA THR F 92 11.95 5.39 -36.05
C THR F 92 12.58 6.75 -35.78
N LYS F 93 11.78 7.69 -35.28
CA LYS F 93 12.26 9.02 -34.89
C LYS F 93 13.34 8.88 -33.82
N SER F 94 13.10 7.99 -32.86
CA SER F 94 14.05 7.74 -31.77
C SER F 94 15.33 7.07 -32.24
N PHE F 95 15.23 6.28 -33.30
CA PHE F 95 16.41 5.69 -33.93
C PHE F 95 17.26 6.77 -34.58
N GLU F 96 16.64 7.85 -35.05
CA GLU F 96 17.37 8.98 -35.63
C GLU F 96 18.07 9.86 -34.60
N ASP F 97 17.45 10.02 -33.43
CA ASP F 97 18.01 10.84 -32.36
C ASP F 97 19.25 10.22 -31.73
N ILE F 98 19.25 8.90 -31.53
CA ILE F 98 20.40 8.22 -30.90
C ILE F 98 21.69 8.46 -31.66
N HIS F 99 21.59 8.57 -32.99
CA HIS F 99 22.70 8.98 -33.83
C HIS F 99 23.38 10.18 -33.23
N GLN F 100 22.59 11.22 -32.97
CA GLN F 100 23.10 12.46 -32.43
C GLN F 100 23.49 12.37 -30.95
N TYR F 101 22.87 11.45 -30.22
CA TYR F 101 23.30 11.17 -28.84
C TYR F 101 24.71 10.63 -28.87
N ARG F 102 24.92 9.63 -29.74
CA ARG F 102 26.25 9.07 -29.96
C ARG F 102 27.25 10.16 -30.33
N GLU F 103 26.94 10.94 -31.37
CA GLU F 103 27.83 12.02 -31.78
C GLU F 103 28.12 13.02 -30.67
N GLN F 104 27.12 13.30 -29.84
CA GLN F 104 27.29 14.26 -28.75
C GLN F 104 28.26 13.72 -27.69
N ILE F 105 28.01 12.51 -27.19
CA ILE F 105 28.94 11.83 -26.29
C ILE F 105 30.38 11.82 -26.89
N LYS F 106 30.50 11.36 -28.14
CA LYS F 106 31.79 11.35 -28.86
C LYS F 106 32.50 12.71 -28.77
N ARG F 107 31.76 13.78 -29.07
CA ARG F 107 32.21 15.16 -28.98
C ARG F 107 32.61 15.60 -27.57
N VAL F 108 31.68 15.49 -26.63
CA VAL F 108 31.91 16.03 -25.27
C VAL F 108 33.10 15.39 -24.60
N LYS F 109 33.24 14.08 -24.73
CA LYS F 109 34.32 13.33 -24.10
C LYS F 109 35.58 13.39 -24.97
N ASP F 110 35.46 13.90 -26.21
CA ASP F 110 36.58 14.08 -27.13
C ASP F 110 37.29 12.74 -27.39
N SER F 111 36.51 11.73 -27.78
CA SER F 111 36.98 10.34 -27.76
C SER F 111 36.14 9.39 -28.62
N ASP F 112 36.83 8.42 -29.20
CA ASP F 112 36.23 7.44 -30.10
C ASP F 112 35.99 6.07 -29.47
N ASP F 113 36.39 5.87 -28.22
CA ASP F 113 36.29 4.55 -27.59
C ASP F 113 35.46 4.53 -26.32
N VAL F 114 34.59 5.53 -26.18
CA VAL F 114 33.72 5.69 -25.02
C VAL F 114 32.77 4.49 -24.93
N PRO F 115 32.79 3.76 -23.79
CA PRO F 115 32.01 2.53 -23.63
C PRO F 115 30.53 2.78 -23.76
N MET F 116 29.90 2.14 -24.74
CA MET F 116 28.45 2.22 -24.91
C MET F 116 27.88 0.88 -25.31
N VAL F 117 26.59 0.71 -25.06
CA VAL F 117 25.81 -0.38 -25.61
C VAL F 117 24.59 0.31 -26.22
N LEU F 118 24.30 -0.03 -27.47
CA LEU F 118 23.07 0.39 -28.11
C LEU F 118 21.94 -0.53 -27.70
N VAL F 119 20.84 0.05 -27.22
CA VAL F 119 19.71 -0.74 -26.73
C VAL F 119 18.44 -0.50 -27.55
N GLY F 120 17.80 -1.58 -27.98
CA GLY F 120 16.52 -1.53 -28.68
C GLY F 120 15.45 -2.01 -27.73
N ASN F 121 14.82 -1.08 -27.02
CA ASN F 121 13.78 -1.39 -26.02
C ASN F 121 12.40 -1.53 -26.68
N LYS F 122 11.46 -2.11 -25.92
CA LYS F 122 10.06 -2.29 -26.34
C LYS F 122 9.88 -3.43 -27.36
N CYS F 123 10.78 -4.41 -27.33
CA CYS F 123 10.76 -5.52 -28.27
C CYS F 123 9.73 -6.61 -27.90
N ASP F 124 8.74 -6.22 -27.12
CA ASP F 124 7.58 -7.05 -26.81
C ASP F 124 6.41 -6.59 -27.65
N LEU F 125 6.56 -5.41 -28.25
CA LEU F 125 5.55 -4.80 -29.11
C LEU F 125 5.52 -5.42 -30.49
N ALA F 126 4.32 -5.74 -30.97
CA ALA F 126 4.14 -6.29 -32.29
C ALA F 126 4.52 -5.29 -33.38
N ALA F 127 4.08 -4.04 -33.21
CA ALA F 127 4.24 -3.01 -34.24
C ALA F 127 5.70 -2.56 -34.39
N ARG F 128 6.54 -3.43 -34.94
CA ARG F 128 7.95 -3.13 -35.16
C ARG F 128 8.14 -2.24 -36.38
N THR F 129 8.83 -1.12 -36.19
CA THR F 129 9.23 -0.26 -37.31
C THR F 129 10.75 -0.18 -37.48
N VAL F 130 11.46 -0.97 -36.68
CA VAL F 130 12.93 -1.08 -36.76
C VAL F 130 13.34 -2.54 -36.48
N GLU F 131 14.11 -3.12 -37.40
CA GLU F 131 14.61 -4.50 -37.21
C GLU F 131 16.08 -4.55 -36.81
N SER F 132 16.41 -5.58 -36.03
CA SER F 132 17.76 -5.84 -35.50
C SER F 132 18.88 -5.40 -36.43
N ARG F 133 18.83 -5.90 -37.67
CA ARG F 133 19.90 -5.76 -38.65
C ARG F 133 20.33 -4.32 -38.96
N GLN F 134 19.36 -3.39 -39.03
CA GLN F 134 19.65 -1.96 -39.23
C GLN F 134 20.32 -1.39 -37.99
N ALA F 135 19.87 -1.87 -36.83
CA ALA F 135 20.46 -1.50 -35.55
C ALA F 135 21.81 -2.18 -35.39
N GLN F 136 21.89 -3.42 -35.86
CA GLN F 136 23.15 -4.16 -35.97
C GLN F 136 24.18 -3.37 -36.78
N ASP F 137 23.74 -2.81 -37.90
CA ASP F 137 24.61 -2.01 -38.77
C ASP F 137 25.22 -0.84 -38.02
N LEU F 138 24.37 -0.15 -37.26
CA LEU F 138 24.75 1.06 -36.54
C LEU F 138 25.70 0.74 -35.39
N ALA F 139 25.38 -0.29 -34.62
CA ALA F 139 26.23 -0.74 -33.53
C ALA F 139 27.56 -1.27 -34.09
N ARG F 140 27.46 -1.98 -35.21
CA ARG F 140 28.59 -2.42 -36.02
C ARG F 140 29.52 -1.23 -36.29
N SER F 141 29.00 -0.20 -36.96
CA SER F 141 29.79 0.98 -37.31
C SER F 141 30.37 1.75 -36.11
N TYR F 142 29.63 1.81 -35.00
CA TYR F 142 30.08 2.50 -33.79
C TYR F 142 31.07 1.64 -33.01
N GLY F 143 31.05 0.34 -33.29
CA GLY F 143 31.96 -0.62 -32.66
C GLY F 143 31.49 -1.06 -31.28
N ILE F 144 30.17 -1.19 -31.11
CA ILE F 144 29.61 -1.41 -29.79
C ILE F 144 28.59 -2.55 -29.81
N PRO F 145 28.42 -3.26 -28.67
CA PRO F 145 27.42 -4.33 -28.58
C PRO F 145 25.99 -3.79 -28.74
N TYR F 146 25.14 -4.62 -29.32
CA TYR F 146 23.71 -4.33 -29.44
C TYR F 146 22.94 -5.34 -28.61
N ILE F 147 22.04 -4.86 -27.76
CA ILE F 147 21.20 -5.74 -26.96
C ILE F 147 19.74 -5.28 -27.03
N GLU F 148 18.87 -6.21 -27.38
CA GLU F 148 17.44 -5.94 -27.52
C GLU F 148 16.78 -6.18 -26.16
N THR F 149 15.88 -5.29 -25.76
CA THR F 149 15.28 -5.34 -24.41
C THR F 149 13.77 -5.11 -24.36
N SER F 150 13.16 -5.67 -23.32
CA SER F 150 11.83 -5.26 -22.87
C SER F 150 11.78 -5.06 -21.36
N ALA F 151 11.46 -3.86 -20.91
CA ALA F 151 11.26 -3.63 -19.47
C ALA F 151 9.91 -4.21 -19.05
N LYS F 152 9.02 -4.37 -20.02
CA LYS F 152 7.77 -5.04 -19.76
C LYS F 152 8.00 -6.51 -19.41
N THR F 153 8.71 -7.25 -20.26
CA THR F 153 8.88 -8.70 -20.04
C THR F 153 10.19 -9.02 -19.32
N ARG F 154 10.94 -7.97 -18.97
CA ARG F 154 12.25 -8.06 -18.29
C ARG F 154 13.39 -8.73 -19.08
N GLN F 155 13.21 -8.86 -20.39
CA GLN F 155 14.26 -9.43 -21.26
C GLN F 155 15.42 -8.45 -21.50
N GLY F 156 16.63 -9.01 -21.52
CA GLY F 156 17.83 -8.26 -21.86
C GLY F 156 18.24 -7.17 -20.88
N VAL F 157 17.39 -6.91 -19.87
CA VAL F 157 17.59 -5.82 -18.93
C VAL F 157 18.90 -6.01 -18.17
N GLU F 158 19.05 -7.17 -17.52
CA GLU F 158 20.27 -7.52 -16.78
C GLU F 158 21.46 -7.69 -17.73
N ASP F 159 21.16 -8.12 -18.95
CA ASP F 159 22.16 -8.30 -19.98
C ASP F 159 22.75 -6.94 -20.39
N ALA F 160 21.85 -5.97 -20.65
CA ALA F 160 22.26 -4.66 -21.18
C ALA F 160 23.21 -3.90 -20.26
N PHE F 161 22.88 -3.86 -18.97
CA PHE F 161 23.66 -3.08 -18.01
C PHE F 161 24.99 -3.74 -17.72
N TYR F 162 24.96 -5.06 -17.58
CA TYR F 162 26.12 -5.81 -17.21
C TYR F 162 27.15 -5.79 -18.33
N THR F 163 26.67 -5.86 -19.57
CA THR F 163 27.53 -5.69 -20.73
C THR F 163 28.27 -4.36 -20.69
N LEU F 164 27.51 -3.29 -20.45
CA LEU F 164 28.08 -1.95 -20.41
C LEU F 164 29.20 -1.88 -19.39
N VAL F 165 29.01 -2.55 -18.25
CA VAL F 165 30.05 -2.61 -17.20
C VAL F 165 31.30 -3.33 -17.73
N ARG F 166 31.12 -4.36 -18.56
CA ARG F 166 32.28 -5.09 -19.08
C ARG F 166 33.04 -4.20 -20.03
N GLU F 167 32.29 -3.43 -20.83
CA GLU F 167 32.84 -2.43 -21.73
C GLU F 167 33.77 -1.47 -21.02
N ILE F 168 33.32 -0.92 -19.89
CA ILE F 168 34.16 -0.03 -19.08
C ILE F 168 35.42 -0.77 -18.57
N ARG F 169 35.22 -2.03 -18.17
CA ARG F 169 36.28 -2.87 -17.61
C ARG F 169 37.43 -3.21 -18.55
N GLN F 170 37.11 -3.65 -19.78
CA GLN F 170 38.13 -3.95 -20.79
C GLN F 170 39.00 -2.72 -21.19
N HIS F 171 38.35 -1.58 -21.40
CA HIS F 171 39.01 -0.31 -21.75
C HIS F 171 39.42 0.44 -20.52
N LYS G 8 10.31 -32.42 14.19
CA LYS G 8 9.83 -32.02 12.83
C LYS G 8 10.44 -30.69 12.39
N LYS G 9 10.43 -29.72 13.31
CA LYS G 9 10.86 -28.35 13.04
C LYS G 9 12.38 -28.21 12.83
N GLN G 10 12.75 -27.52 11.76
CA GLN G 10 14.15 -27.15 11.47
C GLN G 10 14.29 -25.65 11.19
N VAL G 11 15.50 -25.14 11.33
CA VAL G 11 15.70 -23.70 11.19
C VAL G 11 16.50 -23.29 9.94
N ILE G 12 15.80 -22.67 8.98
CA ILE G 12 16.37 -22.32 7.68
C ILE G 12 16.54 -20.81 7.46
N LYS G 13 17.45 -20.46 6.56
CA LYS G 13 17.79 -19.08 6.27
C LYS G 13 17.43 -18.71 4.83
N VAL G 14 16.58 -17.70 4.66
CA VAL G 14 16.20 -17.23 3.33
C VAL G 14 16.72 -15.82 3.07
N TYR G 15 17.46 -15.65 1.98
CA TYR G 15 18.10 -14.39 1.64
C TYR G 15 17.25 -13.52 0.71
N SER G 16 17.44 -12.21 0.82
CA SER G 16 16.87 -11.25 -0.11
C SER G 16 17.93 -10.70 -1.06
N GLU G 17 17.47 -9.99 -2.08
CA GLU G 17 18.34 -9.36 -3.08
C GLU G 17 19.54 -8.63 -2.48
N ASP G 18 19.31 -7.83 -1.44
CA ASP G 18 20.36 -7.03 -0.79
C ASP G 18 21.37 -7.86 0.02
N GLU G 19 21.29 -9.18 -0.13
CA GLU G 19 22.17 -10.14 0.55
C GLU G 19 21.90 -10.24 2.06
N THR G 20 20.80 -9.61 2.52
CA THR G 20 20.34 -9.81 3.91
C THR G 20 19.47 -11.06 4.06
N SER G 21 19.21 -11.48 5.30
CA SER G 21 18.58 -12.77 5.58
C SER G 21 17.57 -12.76 6.71
N ARG G 22 16.63 -13.71 6.65
CA ARG G 22 15.63 -13.91 7.68
C ARG G 22 15.58 -15.40 8.06
N ALA G 23 15.73 -15.70 9.35
CA ALA G 23 15.68 -17.08 9.84
C ALA G 23 14.23 -17.56 10.00
N LEU G 24 13.98 -18.78 9.56
CA LEU G 24 12.65 -19.37 9.62
C LEU G 24 12.66 -20.74 10.30
N ASP G 25 11.70 -20.98 11.19
CA ASP G 25 11.59 -22.26 11.90
C ASP G 25 10.49 -23.12 11.31
N VAL G 26 10.86 -24.02 10.40
CA VAL G 26 9.91 -24.70 9.52
C VAL G 26 9.68 -26.19 9.86
N PRO G 27 8.44 -26.69 9.72
CA PRO G 27 8.25 -28.15 9.73
C PRO G 27 8.95 -28.76 8.52
N SER G 28 9.30 -30.04 8.61
CA SER G 28 10.08 -30.68 7.55
C SER G 28 9.27 -31.06 6.32
N ASP G 29 7.95 -30.89 6.37
CA ASP G 29 7.09 -31.19 5.22
C ASP G 29 6.66 -29.91 4.43
N ILE G 30 7.35 -28.80 4.67
CA ILE G 30 6.95 -27.50 4.13
C ILE G 30 7.24 -27.36 2.64
N THR G 31 6.27 -26.84 1.89
CA THR G 31 6.49 -26.58 0.49
C THR G 31 7.13 -25.21 0.28
N ALA G 32 7.63 -24.98 -0.93
CA ALA G 32 8.16 -23.69 -1.36
C ALA G 32 7.07 -22.63 -1.28
N ARG G 33 5.85 -23.01 -1.65
CA ARG G 33 4.66 -22.15 -1.57
C ARG G 33 4.48 -21.60 -0.16
N ASP G 34 4.53 -22.48 0.84
CA ASP G 34 4.31 -22.12 2.25
C ASP G 34 5.36 -21.14 2.74
N VAL G 35 6.62 -21.44 2.43
CA VAL G 35 7.74 -20.59 2.81
C VAL G 35 7.55 -19.19 2.20
N CYS G 36 7.08 -19.16 0.96
CA CYS G 36 6.88 -17.91 0.24
C CYS G 36 5.74 -17.10 0.84
N GLN G 37 4.65 -17.78 1.21
CA GLN G 37 3.51 -17.12 1.82
C GLN G 37 3.86 -16.53 3.18
N LEU G 38 4.60 -17.28 4.00
CA LEU G 38 5.12 -16.78 5.28
C LEU G 38 5.88 -15.47 5.13
N LEU G 39 6.82 -15.46 4.19
CA LEU G 39 7.66 -14.30 3.95
C LEU G 39 6.87 -13.12 3.36
N ILE G 40 5.84 -13.44 2.57
CA ILE G 40 4.95 -12.41 2.04
C ILE G 40 4.23 -11.71 3.20
N LEU G 41 3.69 -12.50 4.13
CA LEU G 41 3.00 -11.98 5.30
C LEU G 41 3.94 -11.21 6.19
N LYS G 42 5.08 -11.82 6.53
CA LYS G 42 6.08 -11.21 7.42
C LYS G 42 6.65 -9.89 6.94
N ASN G 43 6.92 -9.76 5.65
CA ASN G 43 7.47 -8.54 5.09
C ASN G 43 6.41 -7.54 4.71
N HIS G 44 5.16 -7.88 4.97
CA HIS G 44 4.03 -7.00 4.65
C HIS G 44 4.01 -6.75 3.19
N TYR G 45 4.19 -7.79 2.40
CA TYR G 45 4.09 -7.68 0.95
C TYR G 45 2.68 -7.93 0.48
N ILE G 46 2.45 -7.64 -0.80
CA ILE G 46 1.21 -8.00 -1.47
C ILE G 46 1.53 -9.20 -2.35
N ASP G 47 0.58 -10.12 -2.47
CA ASP G 47 0.83 -11.40 -3.14
C ASP G 47 0.53 -11.35 -4.64
N ASP G 48 1.61 -11.36 -5.41
CA ASP G 48 1.58 -11.35 -6.87
C ASP G 48 1.37 -12.74 -7.47
N HIS G 49 1.84 -13.74 -6.72
CA HIS G 49 2.11 -15.10 -7.22
C HIS G 49 3.47 -15.19 -7.88
N SER G 50 4.08 -14.03 -8.14
CA SER G 50 5.40 -14.01 -8.76
C SER G 50 6.52 -14.27 -7.76
N TRP G 51 6.19 -14.16 -6.47
CA TRP G 51 7.12 -14.45 -5.40
C TRP G 51 7.57 -15.88 -5.46
N THR G 52 8.88 -16.07 -5.39
CA THR G 52 9.47 -17.35 -5.75
C THR G 52 10.66 -17.62 -4.86
N LEU G 53 10.77 -18.85 -4.38
CA LEU G 53 11.94 -19.31 -3.66
C LEU G 53 12.95 -19.87 -4.68
N PHE G 54 14.23 -19.55 -4.46
CA PHE G 54 15.29 -19.85 -5.42
C PHE G 54 16.40 -20.69 -4.78
N GLU G 55 16.81 -21.73 -5.49
CA GLU G 55 17.98 -22.49 -5.09
C GLU G 55 19.20 -21.88 -5.74
N HIS G 56 20.10 -21.35 -4.91
CA HIS G 56 21.24 -20.57 -5.37
C HIS G 56 22.50 -21.30 -5.04
N LEU G 57 23.28 -21.62 -6.06
CA LEU G 57 24.56 -22.32 -5.88
C LEU G 57 25.75 -21.40 -6.21
N PRO G 58 26.36 -20.81 -5.17
CA PRO G 58 27.33 -19.71 -5.31
C PRO G 58 28.71 -20.10 -5.84
N HIS G 59 29.28 -21.19 -5.34
CA HIS G 59 30.58 -21.69 -5.81
C HIS G 59 30.52 -22.15 -7.24
N ILE G 60 29.32 -22.54 -7.69
CA ILE G 60 29.08 -22.93 -9.07
C ILE G 60 28.57 -21.74 -9.89
N GLY G 61 27.94 -20.77 -9.23
CA GLY G 61 27.40 -19.58 -9.89
C GLY G 61 26.13 -19.81 -10.69
N VAL G 62 25.23 -20.63 -10.17
CA VAL G 62 23.91 -20.84 -10.78
C VAL G 62 22.78 -20.81 -9.76
N GLU G 63 21.56 -20.88 -10.27
CA GLU G 63 20.35 -20.92 -9.43
C GLU G 63 19.16 -21.46 -10.22
N ARG G 64 18.15 -21.93 -9.50
CA ARG G 64 16.90 -22.35 -10.13
C ARG G 64 15.65 -21.93 -9.34
N THR G 65 14.53 -21.84 -10.04
CA THR G 65 13.23 -21.76 -9.39
C THR G 65 12.92 -23.09 -8.71
N ILE G 66 12.72 -23.05 -7.41
CA ILE G 66 12.11 -24.19 -6.74
C ILE G 66 10.60 -24.13 -7.04
N GLU G 67 10.09 -25.22 -7.60
CA GLU G 67 8.66 -25.39 -7.87
C GLU G 67 7.83 -25.31 -6.59
N ASP G 68 6.56 -24.93 -6.72
CA ASP G 68 5.68 -24.66 -5.56
C ASP G 68 5.49 -25.86 -4.64
N HIS G 69 5.23 -27.02 -5.25
CA HIS G 69 4.94 -28.26 -4.53
C HIS G 69 6.14 -28.91 -3.89
N GLU G 70 7.35 -28.48 -4.28
CA GLU G 70 8.60 -29.06 -3.74
C GLU G 70 8.77 -28.86 -2.25
N LEU G 71 9.27 -29.89 -1.57
CA LEU G 71 9.60 -29.81 -0.16
C LEU G 71 10.98 -29.22 -0.02
N VAL G 72 11.09 -28.13 0.75
CA VAL G 72 12.33 -27.37 0.80
C VAL G 72 13.42 -28.08 1.57
N ILE G 73 13.01 -28.99 2.44
CA ILE G 73 13.97 -29.75 3.24
C ILE G 73 14.60 -30.84 2.36
N GLU G 74 13.84 -31.34 1.39
CA GLU G 74 14.35 -32.29 0.42
C GLU G 74 15.29 -31.64 -0.60
N VAL G 75 15.16 -30.34 -0.79
CA VAL G 75 16.09 -29.58 -1.63
C VAL G 75 17.36 -29.27 -0.84
N LEU G 76 17.20 -28.99 0.45
CA LEU G 76 18.31 -28.75 1.37
C LEU G 76 19.19 -29.98 1.64
N SER G 77 18.64 -31.17 1.41
CA SER G 77 19.35 -32.40 1.75
C SER G 77 20.49 -32.73 0.79
N ASN G 78 20.47 -32.15 -0.42
CA ASN G 78 21.57 -32.27 -1.36
C ASN G 78 22.52 -31.08 -1.22
N TRP G 79 22.95 -30.85 0.02
CA TRP G 79 23.73 -29.66 0.36
C TRP G 79 24.89 -29.98 1.25
N GLY G 80 26.10 -29.92 0.70
CA GLY G 80 27.32 -30.04 1.49
C GLY G 80 27.51 -28.74 2.26
N ILE G 81 27.45 -28.84 3.59
CA ILE G 81 27.40 -27.65 4.45
C ILE G 81 28.66 -26.77 4.35
N GLU G 82 29.64 -27.23 3.57
CA GLU G 82 30.83 -26.44 3.25
C GLU G 82 30.61 -25.54 2.03
N GLU G 83 29.63 -25.91 1.20
CA GLU G 83 29.27 -25.13 0.00
C GLU G 83 28.64 -23.79 0.37
N GLU G 84 27.97 -23.75 1.52
CA GLU G 84 27.23 -22.57 2.00
C GLU G 84 26.25 -22.10 0.93
N ASN G 85 25.54 -23.06 0.33
CA ASN G 85 24.49 -22.78 -0.65
C ASN G 85 23.43 -21.87 -0.06
N LYS G 86 22.66 -21.20 -0.91
CA LYS G 86 21.74 -20.18 -0.45
C LYS G 86 20.29 -20.36 -0.92
N LEU G 87 19.37 -19.98 -0.05
CA LEU G 87 17.96 -19.87 -0.41
C LEU G 87 17.64 -18.38 -0.52
N TYR G 88 17.17 -17.97 -1.70
CA TYR G 88 16.83 -16.57 -1.96
C TYR G 88 15.32 -16.40 -2.23
N PHE G 89 14.75 -15.30 -1.76
CA PHE G 89 13.33 -14.96 -1.99
C PHE G 89 13.25 -13.69 -2.83
N ARG G 90 12.69 -13.81 -4.03
CA ARG G 90 12.41 -12.63 -4.88
C ARG G 90 11.32 -12.88 -5.92
N LYS G 91 10.84 -11.80 -6.54
CA LYS G 91 9.84 -11.90 -7.60
C LYS G 91 10.39 -12.57 -8.86
N ASN G 92 9.54 -13.36 -9.52
CA ASN G 92 9.89 -14.02 -10.77
C ASN G 92 8.66 -14.10 -11.65
N TYR G 93 8.61 -13.23 -12.65
CA TYR G 93 7.44 -13.14 -13.51
C TYR G 93 7.53 -14.16 -14.65
N ALA G 94 8.72 -14.72 -14.83
CA ALA G 94 8.98 -15.69 -15.90
C ALA G 94 8.31 -17.05 -15.67
N LYS G 95 8.40 -17.56 -14.43
CA LYS G 95 8.12 -18.97 -14.12
C LYS G 95 6.89 -19.64 -14.77
N TYR G 96 5.79 -18.89 -14.93
CA TYR G 96 4.60 -19.42 -15.61
C TYR G 96 4.23 -18.66 -16.89
N GLU G 97 5.20 -18.02 -17.52
CA GLU G 97 4.94 -17.23 -18.74
C GLU G 97 4.31 -18.10 -19.83
N PHE G 98 4.74 -19.35 -19.92
CA PHE G 98 4.17 -20.31 -20.87
C PHE G 98 2.68 -20.53 -20.68
N PHE G 99 2.24 -20.76 -19.44
CA PHE G 99 0.83 -21.04 -19.16
C PHE G 99 -0.11 -19.88 -19.49
N LYS G 100 0.41 -18.66 -19.40
CA LYS G 100 -0.38 -17.45 -19.69
C LYS G 100 -0.57 -17.26 -21.19
N ASN G 101 0.54 -17.21 -21.93
CA ASN G 101 0.55 -16.98 -23.38
C ASN G 101 1.11 -18.19 -24.13
N PRO G 102 0.25 -19.19 -24.39
CA PRO G 102 0.68 -20.50 -24.85
C PRO G 102 0.90 -20.64 -26.37
N MET G 103 -0.13 -20.32 -27.15
CA MET G 103 -0.14 -20.61 -28.59
C MET G 103 1.20 -20.39 -29.28
N TYR G 104 1.67 -19.15 -29.24
CA TYR G 104 2.92 -18.79 -29.91
C TYR G 104 4.06 -18.52 -28.92
N PHE G 105 4.03 -19.20 -27.78
CA PHE G 105 5.14 -19.12 -26.83
C PHE G 105 6.40 -19.70 -27.44
N PHE G 106 6.27 -20.89 -28.04
CA PHE G 106 7.38 -21.57 -28.68
C PHE G 106 7.54 -21.11 -30.13
N PRO G 107 8.79 -20.81 -30.54
CA PRO G 107 9.05 -20.39 -31.92
C PRO G 107 8.52 -21.42 -32.91
N GLU G 108 7.88 -20.95 -33.98
CA GLU G 108 7.19 -21.82 -34.95
C GLU G 108 8.00 -23.03 -35.44
N HIS G 109 9.33 -22.87 -35.54
CA HIS G 109 10.22 -23.99 -35.83
C HIS G 109 10.86 -24.55 -34.59
N MET G 110 10.04 -25.24 -33.79
CA MET G 110 10.49 -25.93 -32.58
C MET G 110 9.70 -27.23 -32.42
N VAL G 111 8.41 -27.17 -32.76
CA VAL G 111 7.48 -28.29 -32.59
C VAL G 111 6.74 -28.54 -33.91
N SER G 112 6.15 -29.74 -34.06
CA SER G 112 5.35 -30.10 -35.23
C SER G 112 3.98 -30.67 -34.81
N PHE G 113 3.04 -30.70 -35.75
CA PHE G 113 1.74 -31.35 -35.53
C PHE G 113 1.80 -32.84 -35.86
N ILE G 121 -5.52 -24.26 -34.99
CA ILE G 121 -4.58 -24.67 -33.95
C ILE G 121 -4.84 -23.86 -32.66
N SER G 122 -5.73 -24.40 -31.82
CA SER G 122 -6.18 -23.74 -30.59
C SER G 122 -5.14 -23.83 -29.46
N PRO G 123 -5.08 -22.81 -28.58
CA PRO G 123 -4.21 -22.81 -27.41
C PRO G 123 -4.43 -23.98 -26.44
N THR G 124 -5.69 -24.33 -26.20
CA THR G 124 -6.04 -25.41 -25.27
C THR G 124 -5.50 -26.79 -25.70
N GLN G 125 -5.18 -26.90 -26.98
CA GLN G 125 -4.62 -28.13 -27.54
C GLN G 125 -3.14 -28.24 -27.20
N ILE G 126 -2.37 -27.21 -27.57
CA ILE G 126 -0.92 -27.16 -27.36
C ILE G 126 -0.55 -27.16 -25.86
N LEU G 127 -1.52 -26.80 -25.03
CA LEU G 127 -1.36 -26.83 -23.58
C LEU G 127 -1.49 -28.27 -23.08
N GLN G 128 -2.63 -28.90 -23.38
CA GLN G 128 -2.89 -30.28 -22.99
C GLN G 128 -1.89 -31.24 -23.63
N MET G 129 -1.36 -30.86 -24.78
CA MET G 129 -0.29 -31.60 -25.46
C MET G 129 0.98 -31.62 -24.61
N PHE G 130 1.33 -30.47 -24.04
CA PHE G 130 2.54 -30.34 -23.23
C PHE G 130 2.43 -30.90 -21.81
N LEU G 131 1.21 -31.22 -21.40
CA LEU G 131 0.97 -31.65 -20.01
C LEU G 131 0.72 -33.15 -19.83
N SER G 132 0.62 -33.88 -20.94
CA SER G 132 0.36 -35.33 -20.87
C SER G 132 1.56 -36.11 -20.33
N SER G 133 1.27 -37.15 -19.55
CA SER G 133 2.32 -38.02 -19.00
C SER G 133 2.70 -39.16 -19.96
N SER G 134 1.91 -39.32 -21.02
CA SER G 134 2.10 -40.39 -21.98
C SER G 134 2.90 -39.94 -23.20
N THR G 135 2.37 -38.98 -23.94
CA THR G 135 3.06 -38.44 -25.12
C THR G 135 3.76 -37.13 -24.81
N TYR G 136 4.66 -36.74 -25.70
CA TYR G 136 5.35 -35.46 -25.61
C TYR G 136 5.68 -34.92 -26.99
N PRO G 137 5.28 -33.67 -27.28
CA PRO G 137 5.64 -32.98 -28.52
C PRO G 137 7.15 -32.75 -28.58
N GLU G 138 7.75 -32.97 -29.75
CA GLU G 138 9.20 -32.92 -29.88
C GLU G 138 9.73 -31.50 -30.09
N ILE G 139 10.80 -31.18 -29.37
CA ILE G 139 11.42 -29.85 -29.41
C ILE G 139 12.85 -29.97 -29.93
N HIS G 140 13.13 -29.26 -31.01
CA HIS G 140 14.43 -29.31 -31.69
C HIS G 140 15.08 -27.95 -31.80
N GLY G 141 16.41 -27.94 -31.84
CA GLY G 141 17.17 -26.70 -31.97
C GLY G 141 18.64 -26.83 -31.60
N PHE G 142 19.43 -25.85 -32.03
CA PHE G 142 20.87 -25.80 -31.76
C PHE G 142 21.19 -25.35 -30.34
N LEU G 143 22.15 -26.02 -29.72
CA LEU G 143 22.73 -25.57 -28.45
C LEU G 143 24.25 -25.73 -28.47
N HIS G 144 24.92 -25.05 -27.53
CA HIS G 144 26.35 -25.20 -27.37
C HIS G 144 26.62 -26.08 -26.20
N ALA G 145 27.15 -27.27 -26.47
CA ALA G 145 27.42 -28.25 -25.43
C ALA G 145 28.90 -28.31 -25.08
N LYS G 146 29.19 -28.45 -23.80
CA LYS G 146 30.54 -28.60 -23.29
C LYS G 146 30.89 -30.09 -23.23
N GLU G 147 31.76 -30.55 -24.14
CA GLU G 147 32.14 -31.97 -24.23
C GLU G 147 32.60 -32.52 -22.89
N GLN G 148 31.89 -33.54 -22.41
CA GLN G 148 31.92 -33.99 -21.01
C GLN G 148 33.00 -33.39 -20.10
N GLY G 149 32.65 -32.28 -19.45
CA GLY G 149 33.49 -31.65 -18.44
C GLY G 149 34.58 -30.71 -18.93
N LYS G 150 35.25 -31.10 -20.02
CA LYS G 150 36.43 -30.39 -20.51
C LYS G 150 36.14 -29.01 -21.13
N LYS G 151 37.11 -28.11 -21.03
CA LYS G 151 36.91 -26.69 -21.34
C LYS G 151 36.94 -26.38 -22.85
N SER G 152 35.98 -26.96 -23.57
CA SER G 152 35.82 -26.73 -25.00
C SER G 152 34.37 -26.99 -25.41
N TRP G 153 33.84 -26.12 -26.25
CA TRP G 153 32.41 -26.13 -26.57
C TRP G 153 32.13 -26.33 -28.03
N LYS G 154 31.18 -27.22 -28.32
CA LYS G 154 30.72 -27.46 -29.70
C LYS G 154 29.24 -27.19 -29.85
N LYS G 155 28.86 -26.70 -31.02
CA LYS G 155 27.46 -26.39 -31.34
C LYS G 155 26.75 -27.61 -31.93
N ILE G 156 26.04 -28.36 -31.09
CA ILE G 156 25.31 -29.55 -31.54
C ILE G 156 23.82 -29.24 -31.72
N TYR G 157 23.16 -29.99 -32.60
CA TYR G 157 21.70 -29.93 -32.76
C TYR G 157 21.02 -30.89 -31.81
N PHE G 158 20.01 -30.41 -31.08
CA PHE G 158 19.35 -31.18 -30.02
C PHE G 158 17.87 -31.47 -30.25
N PHE G 159 17.44 -32.65 -29.81
CA PHE G 159 16.04 -33.09 -29.88
C PHE G 159 15.52 -33.42 -28.47
N LEU G 160 14.26 -33.07 -28.21
CA LEU G 160 13.65 -33.31 -26.91
C LEU G 160 12.38 -34.15 -27.01
N ARG G 161 12.42 -35.33 -26.38
CA ARG G 161 11.30 -36.28 -26.38
C ARG G 161 10.98 -36.74 -24.95
N ARG G 162 9.83 -37.40 -24.80
CA ARG G 162 9.37 -37.94 -23.51
C ARG G 162 10.45 -38.75 -22.77
N SER G 163 11.39 -39.30 -23.54
CA SER G 163 12.45 -40.16 -23.01
C SER G 163 13.63 -39.36 -22.45
N GLY G 164 13.69 -38.08 -22.79
CA GLY G 164 14.79 -37.21 -22.38
C GLY G 164 15.36 -36.41 -23.53
N LEU G 165 16.57 -35.87 -23.33
CA LEU G 165 17.21 -35.01 -24.32
C LEU G 165 18.29 -35.74 -25.08
N TYR G 166 18.21 -35.67 -26.42
CA TYR G 166 19.16 -36.35 -27.31
C TYR G 166 19.76 -35.35 -28.31
N PHE G 167 20.80 -35.78 -29.03
CA PHE G 167 21.46 -34.95 -30.05
C PHE G 167 21.96 -35.71 -31.29
N SER G 168 22.16 -34.98 -32.39
CA SER G 168 22.67 -35.56 -33.64
C SER G 168 24.07 -35.05 -33.97
N THR G 169 25.03 -35.97 -34.05
CA THR G 169 26.44 -35.62 -34.29
C THR G 169 26.73 -35.07 -35.69
N LYS G 170 25.75 -35.19 -36.60
CA LYS G 170 25.86 -34.61 -37.95
C LYS G 170 24.55 -34.01 -38.47
N GLY G 171 24.45 -32.68 -38.34
CA GLY G 171 23.34 -31.91 -38.90
C GLY G 171 22.01 -32.06 -38.20
N THR G 172 20.95 -31.80 -38.93
CA THR G 172 19.58 -31.93 -38.42
C THR G 172 19.02 -33.32 -38.73
N SER G 173 19.83 -34.35 -38.49
CA SER G 173 19.47 -35.73 -38.82
C SER G 173 18.77 -36.44 -37.66
N ALA G 174 17.51 -36.81 -37.87
CA ALA G 174 16.71 -37.52 -36.87
C ALA G 174 16.70 -39.04 -37.12
N ALA G 175 17.83 -39.55 -37.61
CA ALA G 175 18.00 -40.97 -37.90
C ALA G 175 18.26 -41.77 -36.62
N PRO G 176 17.79 -43.03 -36.58
CA PRO G 176 18.05 -43.93 -35.44
C PRO G 176 19.51 -43.95 -35.00
N ARG G 177 20.43 -43.98 -35.97
CA ARG G 177 21.87 -43.94 -35.68
C ARG G 177 22.34 -42.56 -35.22
N HIS G 178 21.60 -41.53 -35.63
CA HIS G 178 21.97 -40.15 -35.37
C HIS G 178 21.37 -39.61 -34.09
N LEU G 179 21.32 -40.44 -33.05
CA LEU G 179 20.73 -40.04 -31.77
C LEU G 179 21.44 -40.65 -30.56
N GLN G 180 22.42 -39.92 -30.01
CA GLN G 180 23.17 -40.39 -28.85
C GLN G 180 22.65 -39.71 -27.57
N PHE G 181 22.48 -40.51 -26.51
CA PHE G 181 21.89 -40.05 -25.24
C PHE G 181 22.63 -38.86 -24.63
N PHE G 182 21.87 -37.85 -24.23
CA PHE G 182 22.44 -36.68 -23.56
C PHE G 182 22.06 -36.59 -22.09
N SER G 183 20.76 -36.50 -21.80
CA SER G 183 20.29 -36.40 -20.42
C SER G 183 18.83 -36.79 -20.22
N GLU G 184 18.59 -37.49 -19.11
CA GLU G 184 17.25 -37.73 -18.57
C GLU G 184 17.02 -36.69 -17.47
N PHE G 185 15.76 -36.48 -17.07
CA PHE G 185 15.44 -35.41 -16.11
C PHE G 185 14.72 -35.83 -14.83
N GLY G 186 14.49 -37.13 -14.66
CA GLY G 186 13.80 -37.66 -13.50
C GLY G 186 14.50 -37.40 -12.19
N ASN G 187 15.81 -37.53 -12.17
CA ASN G 187 16.62 -37.24 -10.99
C ASN G 187 17.67 -36.18 -11.24
N SER G 188 17.30 -35.23 -12.09
CA SER G 188 18.16 -34.07 -12.36
C SER G 188 17.34 -32.78 -12.28
N ASP G 189 17.94 -31.74 -11.68
CA ASP G 189 17.35 -30.39 -11.64
C ASP G 189 18.03 -29.44 -12.63
N ILE G 190 17.26 -28.50 -13.18
CA ILE G 190 17.74 -27.57 -14.21
C ILE G 190 18.13 -26.23 -13.58
N TYR G 191 19.37 -25.82 -13.79
CA TYR G 191 19.88 -24.55 -13.26
C TYR G 191 20.24 -23.57 -14.37
N VAL G 192 20.38 -22.31 -13.98
CA VAL G 192 20.70 -21.21 -14.91
C VAL G 192 21.73 -20.29 -14.24
N SER G 193 22.69 -19.80 -15.02
CA SER G 193 23.78 -18.98 -14.49
C SER G 193 23.31 -17.59 -14.07
N LEU G 194 24.00 -17.03 -13.07
CA LEU G 194 23.66 -15.71 -12.53
C LEU G 194 24.22 -14.58 -13.39
N ALA G 195 25.38 -14.04 -12.96
CA ALA G 195 26.06 -12.93 -13.64
C ALA G 195 27.57 -13.06 -13.48
N GLY G 196 28.01 -14.21 -12.95
CA GLY G 196 29.43 -14.50 -12.71
C GLY G 196 30.18 -14.81 -13.99
N LYS G 197 31.13 -15.74 -13.90
CA LYS G 197 32.02 -16.07 -15.02
C LYS G 197 31.26 -16.54 -16.27
N LYS G 198 31.01 -15.60 -17.17
CA LYS G 198 30.39 -15.88 -18.46
C LYS G 198 31.49 -16.12 -19.50
N LYS G 199 32.68 -15.59 -19.21
CA LYS G 199 33.90 -15.88 -19.97
C LYS G 199 34.62 -17.13 -19.43
N HIS G 200 33.89 -17.92 -18.65
CA HIS G 200 34.36 -19.19 -18.10
C HIS G 200 34.80 -20.10 -19.22
N GLY G 201 34.71 -19.60 -20.45
CA GLY G 201 35.07 -20.33 -21.65
C GLY G 201 33.89 -20.43 -22.60
N ALA G 202 32.70 -20.54 -22.01
CA ALA G 202 31.44 -20.72 -22.74
C ALA G 202 31.22 -19.68 -23.85
N PRO G 203 30.48 -20.06 -24.91
CA PRO G 203 30.16 -19.15 -26.01
C PRO G 203 29.43 -17.89 -25.53
N THR G 204 28.12 -17.99 -25.30
CA THR G 204 27.31 -16.84 -24.88
C THR G 204 27.12 -16.76 -23.36
N ASN G 205 26.45 -15.70 -22.93
CA ASN G 205 26.11 -15.49 -21.53
C ASN G 205 25.05 -16.47 -21.04
N TYR G 206 24.16 -16.86 -21.96
CA TYR G 206 22.94 -17.60 -21.63
C TYR G 206 23.14 -19.09 -21.37
N GLY G 207 24.00 -19.41 -20.41
CA GLY G 207 24.23 -20.80 -20.02
C GLY G 207 23.16 -21.38 -19.12
N PHE G 208 22.94 -22.69 -19.25
CA PHE G 208 22.09 -23.44 -18.32
C PHE G 208 22.56 -24.89 -18.20
N CYS G 209 22.62 -25.39 -16.96
CA CYS G 209 23.20 -26.72 -16.68
C CYS G 209 22.31 -27.66 -15.88
N PHE G 210 22.63 -28.96 -15.91
CA PHE G 210 21.89 -29.97 -15.14
C PHE G 210 22.74 -30.56 -14.01
N LYS G 211 22.08 -30.89 -12.91
CA LYS G 211 22.73 -31.62 -11.82
C LYS G 211 21.87 -32.80 -11.36
N PRO G 212 22.51 -33.96 -11.13
CA PRO G 212 21.80 -35.06 -10.47
C PRO G 212 21.77 -34.84 -8.96
N ASN G 213 20.65 -35.19 -8.34
CA ASN G 213 20.49 -35.08 -6.89
C ASN G 213 21.47 -35.97 -6.13
N LYS G 214 21.88 -35.52 -4.94
CA LYS G 214 22.87 -36.20 -4.07
C LYS G 214 22.81 -37.73 -4.12
N ALA G 215 21.61 -38.29 -4.31
CA ALA G 215 21.43 -39.73 -4.39
C ALA G 215 20.91 -40.19 -5.76
N GLY G 216 21.75 -40.88 -6.52
CA GLY G 216 21.37 -41.46 -7.80
C GLY G 216 22.25 -41.10 -8.98
N GLY G 217 23.11 -42.02 -9.37
CA GLY G 217 23.95 -41.89 -10.58
C GLY G 217 25.11 -40.92 -10.50
N PRO G 218 26.01 -40.94 -11.53
CA PRO G 218 27.15 -40.01 -11.60
C PRO G 218 26.71 -38.55 -11.60
N ARG G 219 27.15 -37.80 -10.59
CA ARG G 219 26.69 -36.43 -10.38
C ARG G 219 27.51 -35.40 -11.16
N ASP G 220 27.62 -35.62 -12.46
CA ASP G 220 28.38 -34.75 -13.35
C ASP G 220 27.66 -33.44 -13.61
N LEU G 221 28.42 -32.34 -13.64
CA LEU G 221 27.93 -31.08 -14.16
C LEU G 221 27.74 -31.24 -15.67
N LYS G 222 26.50 -31.11 -16.13
CA LYS G 222 26.22 -31.09 -17.58
C LYS G 222 25.94 -29.66 -18.04
N MET G 223 27.00 -28.95 -18.44
CA MET G 223 26.90 -27.51 -18.71
C MET G 223 26.59 -27.15 -20.17
N LEU G 224 25.57 -26.30 -20.37
CA LEU G 224 25.13 -25.89 -21.72
C LEU G 224 25.11 -24.38 -21.92
N CYS G 225 24.73 -23.96 -23.13
CA CYS G 225 24.72 -22.54 -23.50
C CYS G 225 23.89 -22.26 -24.76
N ALA G 226 22.97 -21.31 -24.66
CA ALA G 226 22.02 -21.01 -25.72
C ALA G 226 22.44 -19.81 -26.56
N GLU G 227 21.93 -19.74 -27.79
CA GLU G 227 22.24 -18.62 -28.68
C GLU G 227 21.63 -17.32 -28.19
N GLU G 228 20.30 -17.20 -28.30
CA GLU G 228 19.56 -16.05 -27.81
C GLU G 228 18.90 -16.40 -26.46
N GLU G 229 18.87 -15.43 -25.55
CA GLU G 229 18.21 -15.54 -24.24
C GLU G 229 16.85 -16.23 -24.29
N GLN G 230 16.04 -15.86 -25.28
CA GLN G 230 14.68 -16.38 -25.44
C GLN G 230 14.65 -17.88 -25.81
N SER G 231 15.72 -18.36 -26.44
CA SER G 231 15.83 -19.78 -26.70
C SER G 231 16.08 -20.55 -25.40
N ARG G 232 16.97 -20.00 -24.55
CA ARG G 232 17.21 -20.58 -23.22
C ARG G 232 15.91 -20.66 -22.42
N THR G 233 15.11 -19.58 -22.45
CA THR G 233 13.78 -19.55 -21.86
C THR G 233 12.92 -20.70 -22.39
N CYS G 234 12.81 -20.79 -23.72
CA CYS G 234 12.00 -21.81 -24.37
C CYS G 234 12.49 -23.23 -24.09
N TRP G 235 13.80 -23.41 -23.99
CA TRP G 235 14.37 -24.70 -23.62
C TRP G 235 14.05 -25.07 -22.21
N VAL G 236 14.39 -24.17 -21.27
CA VAL G 236 14.28 -24.44 -19.84
C VAL G 236 12.84 -24.72 -19.41
N THR G 237 11.89 -24.04 -20.02
CA THR G 237 10.50 -24.29 -19.68
C THR G 237 10.00 -25.60 -20.32
N ALA G 238 10.56 -25.96 -21.47
CA ALA G 238 10.24 -27.23 -22.12
C ALA G 238 10.72 -28.41 -21.27
N ILE G 239 11.92 -28.30 -20.72
CA ILE G 239 12.48 -29.29 -19.80
C ILE G 239 11.63 -29.41 -18.54
N ARG G 240 11.32 -28.26 -17.94
CA ARG G 240 10.49 -28.19 -16.75
C ARG G 240 9.15 -28.87 -16.98
N LEU G 241 8.51 -28.57 -18.11
CA LEU G 241 7.23 -29.19 -18.46
C LEU G 241 7.32 -30.71 -18.55
N LEU G 242 8.43 -31.21 -19.09
CA LEU G 242 8.65 -32.65 -19.18
C LEU G 242 8.90 -33.26 -17.80
N LYS G 243 9.83 -32.67 -17.06
CA LYS G 243 10.22 -33.17 -15.76
C LYS G 243 9.05 -33.23 -14.78
N TYR G 244 8.39 -32.10 -14.59
CA TYR G 244 7.32 -31.96 -13.59
C TYR G 244 5.92 -32.24 -14.13
N GLY G 245 5.76 -32.12 -15.45
CA GLY G 245 4.46 -32.32 -16.09
C GLY G 245 3.29 -31.59 -15.46
N MET G 246 2.19 -32.32 -15.29
CA MET G 246 0.92 -31.78 -14.82
C MET G 246 0.99 -30.98 -13.51
N GLN G 247 1.90 -31.35 -12.62
CA GLN G 247 2.11 -30.62 -11.36
C GLN G 247 2.18 -29.12 -11.59
N LEU G 248 3.12 -28.70 -12.45
CA LEU G 248 3.31 -27.30 -12.79
C LEU G 248 2.00 -26.57 -13.08
N TYR G 249 1.16 -27.18 -13.91
CA TYR G 249 -0.13 -26.60 -14.23
C TYR G 249 -1.07 -26.52 -13.02
N GLN G 250 -1.07 -27.56 -12.19
CA GLN G 250 -1.85 -27.57 -10.94
C GLN G 250 -1.36 -26.46 -10.04
N ASN G 251 -0.05 -26.31 -9.97
CA ASN G 251 0.63 -25.28 -9.19
C ASN G 251 0.19 -23.89 -9.60
N TYR G 252 0.15 -23.66 -10.90
CA TYR G 252 -0.32 -22.40 -11.45
C TYR G 252 -1.82 -22.19 -11.20
N MET G 253 -2.61 -23.26 -11.31
CA MET G 253 -4.07 -23.17 -11.19
C MET G 253 -4.59 -23.18 -9.75
N HIS G 254 -3.72 -23.52 -8.81
CA HIS G 254 -4.10 -23.58 -7.41
C HIS G 254 -3.06 -22.86 -6.58
N PRO G 255 -2.93 -21.54 -6.78
CA PRO G 255 -1.81 -20.79 -6.17
C PRO G 255 -1.79 -20.77 -4.65
N TYR G 256 -2.94 -21.00 -4.01
CA TYR G 256 -3.04 -20.88 -2.55
C TYR G 256 -3.15 -22.20 -1.80
N GLN G 257 -3.76 -23.19 -2.45
CA GLN G 257 -4.32 -24.38 -1.80
C GLN G 257 -5.45 -23.99 -0.84
N GLY G 258 -6.69 -24.07 -1.31
CA GLY G 258 -7.83 -23.65 -0.51
C GLY G 258 -8.63 -22.52 -1.15
N GLY H 1 35.93 3.31 -11.57
CA GLY H 1 35.30 4.58 -11.12
C GLY H 1 35.84 5.09 -9.80
N ALA H 2 36.14 4.16 -8.89
CA ALA H 2 36.69 4.50 -7.58
C ALA H 2 37.27 3.26 -6.91
N MET H 3 37.75 3.44 -5.68
CA MET H 3 38.29 2.36 -4.85
C MET H 3 38.03 2.64 -3.35
N GLY H 4 37.73 3.90 -3.04
CA GLY H 4 37.48 4.40 -1.67
C GLY H 4 37.18 3.37 -0.60
N SER H 5 38.12 3.22 0.35
CA SER H 5 38.10 2.12 1.33
C SER H 5 36.91 2.14 2.29
N MET H 6 36.47 0.95 2.70
CA MET H 6 35.27 0.82 3.52
C MET H 6 35.37 -0.30 4.55
N THR H 7 35.42 0.09 5.83
CA THR H 7 35.47 -0.85 6.94
C THR H 7 34.06 -1.41 7.21
N GLU H 8 33.98 -2.73 7.33
CA GLU H 8 32.75 -3.42 7.67
C GLU H 8 32.71 -3.67 9.18
N TYR H 9 31.60 -3.29 9.81
CA TYR H 9 31.42 -3.60 11.22
C TYR H 9 30.30 -4.63 11.43
N LYS H 10 30.62 -5.71 12.13
CA LYS H 10 29.60 -6.68 12.50
C LYS H 10 28.97 -6.34 13.86
N LEU H 11 27.73 -5.87 13.80
CA LEU H 11 26.97 -5.56 15.01
C LEU H 11 25.90 -6.63 15.28
N VAL H 12 25.62 -6.83 16.57
CA VAL H 12 24.67 -7.85 17.01
C VAL H 12 23.82 -7.27 18.12
N VAL H 13 22.50 -7.38 17.99
CA VAL H 13 21.60 -6.84 18.98
C VAL H 13 21.04 -8.01 19.78
N VAL H 14 21.27 -7.99 21.08
CA VAL H 14 20.75 -9.04 21.97
C VAL H 14 19.93 -8.42 23.10
N GLY H 15 19.14 -9.27 23.75
CA GLY H 15 18.20 -8.81 24.77
C GLY H 15 17.12 -9.84 24.89
N ALA H 16 16.25 -9.67 25.89
CA ALA H 16 15.16 -10.60 26.14
C ALA H 16 14.00 -10.39 25.15
N VAL H 17 12.92 -11.13 25.35
CA VAL H 17 11.71 -11.01 24.54
C VAL H 17 11.03 -9.66 24.71
N GLY H 18 10.60 -9.09 23.59
CA GLY H 18 9.73 -7.90 23.59
C GLY H 18 10.44 -6.65 24.06
N VAL H 19 11.75 -6.76 24.21
CA VAL H 19 12.62 -5.69 24.65
C VAL H 19 12.62 -4.51 23.67
N GLY H 20 12.54 -4.82 22.38
CA GLY H 20 12.40 -3.80 21.34
C GLY H 20 13.62 -3.71 20.42
N LYS H 21 14.28 -4.85 20.24
CA LYS H 21 15.46 -4.97 19.39
C LYS H 21 15.15 -4.71 17.92
N SER H 22 14.12 -5.39 17.42
CA SER H 22 13.69 -5.25 16.04
C SER H 22 13.27 -3.81 15.73
N ALA H 23 12.47 -3.25 16.62
CA ALA H 23 12.01 -1.87 16.47
C ALA H 23 13.16 -0.84 16.42
N LEU H 24 14.23 -1.08 17.17
CA LEU H 24 15.39 -0.18 17.12
C LEU H 24 16.17 -0.31 15.81
N THR H 25 16.43 -1.55 15.42
CA THR H 25 17.03 -1.89 14.14
C THR H 25 16.21 -1.33 12.96
N ILE H 26 14.91 -1.59 12.94
CA ILE H 26 14.08 -1.14 11.82
C ILE H 26 14.06 0.39 11.71
N GLN H 27 13.94 1.04 12.87
CA GLN H 27 14.03 2.50 12.90
C GLN H 27 15.35 2.98 12.27
N LEU H 28 16.46 2.37 12.67
CA LEU H 28 17.77 2.76 12.13
C LEU H 28 17.83 2.55 10.62
N ILE H 29 17.35 1.40 10.16
CA ILE H 29 17.49 1.07 8.76
C ILE H 29 16.42 1.71 7.88
N GLN H 30 15.15 1.52 8.25
CA GLN H 30 14.03 1.90 7.38
C GLN H 30 13.21 3.12 7.85
N ASN H 31 13.80 3.94 8.72
CA ASN H 31 13.16 5.14 9.27
C ASN H 31 11.66 5.04 9.60
N HIS H 32 11.26 3.91 10.20
CA HIS H 32 9.88 3.77 10.73
C HIS H 32 9.75 2.88 11.96
N PHE H 33 8.68 3.11 12.72
CA PHE H 33 8.44 2.36 13.95
C PHE H 33 7.42 1.26 13.73
N VAL H 34 7.77 0.04 14.13
CA VAL H 34 6.90 -1.12 13.96
C VAL H 34 6.12 -1.40 15.25
N ASP H 35 4.80 -1.20 15.19
CA ASP H 35 3.93 -1.26 16.39
C ASP H 35 3.64 -2.67 16.86
N GLU H 36 3.38 -3.55 15.91
CA GLU H 36 3.03 -4.94 16.18
C GLU H 36 4.23 -5.71 16.67
N TYR H 37 4.00 -6.79 17.41
CA TYR H 37 5.07 -7.67 17.82
C TYR H 37 5.19 -8.84 16.87
N ASP H 38 6.34 -8.90 16.21
CA ASP H 38 6.63 -9.95 15.27
C ASP H 38 7.90 -10.65 15.73
N PRO H 39 7.74 -11.72 16.53
CA PRO H 39 8.90 -12.32 17.19
C PRO H 39 9.92 -12.76 16.16
N THR H 40 11.21 -12.61 16.49
CA THR H 40 12.26 -12.89 15.53
C THR H 40 13.24 -13.95 15.99
N ILE H 41 13.77 -14.69 15.03
CA ILE H 41 14.75 -15.72 15.27
C ILE H 41 16.15 -15.16 14.99
N GLU H 42 16.34 -14.65 13.77
CA GLU H 42 17.61 -14.05 13.36
C GLU H 42 17.46 -13.33 12.04
N ASP H 43 17.44 -12.01 12.11
CA ASP H 43 17.32 -11.17 10.93
C ASP H 43 18.58 -10.36 10.69
N SER H 44 19.00 -10.31 9.43
CA SER H 44 20.21 -9.59 9.03
C SER H 44 19.88 -8.25 8.34
N TYR H 45 20.66 -7.22 8.64
CA TYR H 45 20.50 -5.92 7.97
C TYR H 45 21.81 -5.25 7.67
N ARG H 46 21.75 -4.39 6.67
CA ARG H 46 22.92 -3.67 6.18
C ARG H 46 22.60 -2.18 6.01
N LYS H 47 23.54 -1.33 6.42
CA LYS H 47 23.45 0.11 6.22
C LYS H 47 24.86 0.67 6.09
N GLN H 48 25.04 1.58 5.14
CA GLN H 48 26.31 2.24 4.95
C GLN H 48 26.20 3.66 5.48
N VAL H 49 27.06 4.00 6.44
CA VAL H 49 27.05 5.36 7.01
C VAL H 49 28.45 5.93 7.21
N VAL H 50 28.52 7.26 7.23
CA VAL H 50 29.74 7.95 7.59
C VAL H 50 29.73 8.16 9.10
N ILE H 51 30.76 7.67 9.77
CA ILE H 51 30.91 7.83 11.22
C ILE H 51 32.28 8.40 11.49
N ASP H 52 32.30 9.63 12.00
CA ASP H 52 33.54 10.36 12.30
C ASP H 52 34.48 10.44 11.10
N GLY H 53 33.92 10.59 9.90
CA GLY H 53 34.73 10.75 8.69
C GLY H 53 35.04 9.47 7.94
N GLU H 54 34.97 8.33 8.64
CA GLU H 54 35.17 7.02 8.02
C GLU H 54 33.86 6.44 7.49
N THR H 55 33.92 5.77 6.36
CA THR H 55 32.76 5.15 5.76
C THR H 55 32.60 3.71 6.25
N CYS H 56 31.47 3.43 6.88
CA CYS H 56 31.23 2.14 7.52
C CYS H 56 30.07 1.37 6.89
N LEU H 57 30.28 0.08 6.69
CA LEU H 57 29.18 -0.82 6.42
C LEU H 57 28.81 -1.43 7.75
N LEU H 58 27.53 -1.34 8.11
CA LEU H 58 27.04 -1.93 9.35
C LEU H 58 26.34 -3.24 9.05
N ASP H 59 26.92 -4.32 9.57
CA ASP H 59 26.39 -5.66 9.44
C ASP H 59 25.64 -5.94 10.74
N ILE H 60 24.33 -5.71 10.73
CA ILE H 60 23.52 -5.79 11.95
C ILE H 60 22.71 -7.08 12.03
N LEU H 61 22.94 -7.82 13.11
CA LEU H 61 22.15 -9.00 13.36
C LEU H 61 21.16 -8.73 14.48
N ASP H 62 19.89 -8.90 14.15
CA ASP H 62 18.79 -8.79 15.09
C ASP H 62 18.54 -10.24 15.53
N THR H 63 18.72 -10.51 16.81
CA THR H 63 18.77 -11.90 17.29
C THR H 63 17.52 -12.32 18.03
N ALA H 64 17.49 -13.62 18.37
CA ALA H 64 16.37 -14.25 19.05
C ALA H 64 16.39 -13.97 20.55
N GLY H 65 15.26 -13.44 21.03
CA GLY H 65 15.04 -13.21 22.45
C GLY H 65 14.39 -14.36 23.19
N GLN H 66 13.52 -15.11 22.49
CA GLN H 66 12.84 -16.28 23.06
C GLN H 66 13.85 -17.33 23.54
N GLU H 67 13.70 -17.78 24.78
CA GLU H 67 14.56 -18.81 25.36
C GLU H 67 14.64 -20.01 24.41
N GLU H 68 13.50 -20.25 23.78
CA GLU H 68 13.33 -21.15 22.63
C GLU H 68 14.61 -21.34 21.81
N TYR H 69 15.17 -20.23 21.34
CA TYR H 69 16.37 -20.25 20.51
C TYR H 69 17.56 -19.70 21.28
N SER H 70 18.25 -20.61 21.98
CA SER H 70 19.42 -20.28 22.79
C SER H 70 20.65 -21.01 22.25
N ALA H 71 20.42 -22.13 21.55
CA ALA H 71 21.50 -22.90 20.93
C ALA H 71 22.10 -22.17 19.73
N MET H 72 21.47 -21.07 19.33
CA MET H 72 21.97 -20.22 18.25
C MET H 72 22.87 -19.10 18.74
N ARG H 73 22.75 -18.75 20.02
CA ARG H 73 23.54 -17.68 20.64
C ARG H 73 25.04 -17.85 20.49
N ASP H 74 25.48 -19.11 20.41
CA ASP H 74 26.89 -19.44 20.37
C ASP H 74 27.57 -18.92 19.11
N GLN H 75 27.08 -19.35 17.94
CA GLN H 75 27.73 -19.05 16.67
C GLN H 75 27.81 -17.57 16.37
N TYR H 76 26.81 -16.80 16.80
CA TYR H 76 26.79 -15.37 16.47
C TYR H 76 27.65 -14.51 17.39
N MET H 77 27.85 -14.98 18.62
CA MET H 77 28.78 -14.32 19.53
C MET H 77 30.21 -14.51 19.03
N ARG H 78 30.44 -15.65 18.36
CA ARG H 78 31.70 -15.91 17.67
C ARG H 78 31.95 -14.90 16.56
N THR H 79 30.95 -14.68 15.70
CA THR H 79 31.13 -13.87 14.49
C THR H 79 31.05 -12.36 14.71
N GLY H 80 30.36 -11.94 15.77
CA GLY H 80 30.15 -10.51 16.04
C GLY H 80 31.41 -9.76 16.43
N GLU H 81 31.47 -8.47 16.08
CA GLU H 81 32.57 -7.60 16.51
C GLU H 81 32.15 -6.76 17.71
N GLY H 82 30.85 -6.52 17.84
CA GLY H 82 30.32 -5.68 18.90
C GLY H 82 28.90 -6.04 19.22
N PHE H 83 28.40 -5.56 20.36
CA PHE H 83 27.10 -5.98 20.88
C PHE H 83 26.28 -4.85 21.49
N LEU H 84 25.02 -4.74 21.05
CA LEU H 84 24.08 -3.82 21.66
C LEU H 84 23.23 -4.66 22.60
N CYS H 85 23.26 -4.30 23.88
CA CYS H 85 22.53 -5.05 24.90
C CYS H 85 21.33 -4.25 25.37
N VAL H 86 20.16 -4.76 25.02
CA VAL H 86 18.94 -3.98 25.17
C VAL H 86 18.04 -4.54 26.26
N PHE H 87 17.48 -3.62 27.04
CA PHE H 87 16.42 -3.92 27.98
C PHE H 87 15.36 -2.84 27.82
N ALA H 88 14.11 -3.21 28.10
CA ALA H 88 13.03 -2.25 28.16
C ALA H 88 13.01 -1.67 29.56
N ILE H 89 12.86 -0.35 29.67
CA ILE H 89 12.93 0.33 30.96
C ILE H 89 11.73 0.01 31.87
N ASN H 90 10.71 -0.63 31.31
CA ASN H 90 9.54 -1.04 32.06
C ASN H 90 9.53 -2.54 32.40
N ASN H 91 10.71 -3.14 32.47
CA ASN H 91 10.84 -4.57 32.75
C ASN H 91 12.15 -4.91 33.47
N THR H 92 12.02 -5.37 34.71
CA THR H 92 13.18 -5.68 35.55
C THR H 92 13.81 -7.03 35.18
N LYS H 93 13.00 -7.93 34.64
CA LYS H 93 13.47 -9.27 34.25
C LYS H 93 14.56 -9.21 33.18
N SER H 94 14.39 -8.31 32.22
CA SER H 94 15.38 -8.10 31.15
C SER H 94 16.69 -7.55 31.70
N PHE H 95 16.59 -6.75 32.77
CA PHE H 95 17.74 -6.17 33.45
C PHE H 95 18.63 -7.26 34.05
N GLU H 96 18.00 -8.30 34.59
CA GLU H 96 18.73 -9.44 35.15
C GLU H 96 19.32 -10.33 34.06
N ASP H 97 18.62 -10.40 32.93
CA ASP H 97 19.02 -11.27 31.82
C ASP H 97 20.28 -10.81 31.09
N ILE H 98 20.45 -9.49 30.93
CA ILE H 98 21.60 -8.93 30.21
C ILE H 98 22.94 -9.32 30.82
N HIS H 99 22.90 -9.78 32.07
CA HIS H 99 24.06 -10.33 32.74
C HIS H 99 24.44 -11.65 32.14
N GLN H 100 23.44 -12.50 31.90
CA GLN H 100 23.63 -13.77 31.23
C GLN H 100 24.25 -13.50 29.86
N TYR H 101 23.67 -12.54 29.16
CA TYR H 101 24.16 -12.08 27.86
C TYR H 101 25.60 -11.57 27.97
N ARG H 102 25.85 -10.71 28.96
CA ARG H 102 27.20 -10.19 29.20
C ARG H 102 28.19 -11.34 29.37
N GLU H 103 27.87 -12.25 30.29
CA GLU H 103 28.78 -13.32 30.70
C GLU H 103 29.06 -14.34 29.60
N GLN H 104 28.06 -14.58 28.76
CA GLN H 104 28.20 -15.52 27.64
C GLN H 104 29.14 -14.95 26.58
N ILE H 105 29.13 -13.63 26.43
CA ILE H 105 30.00 -12.94 25.47
C ILE H 105 31.46 -12.97 25.94
N LYS H 106 31.65 -12.85 27.24
CA LYS H 106 32.97 -13.04 27.84
C LYS H 106 33.55 -14.39 27.45
N ARG H 107 32.76 -15.46 27.62
CA ARG H 107 33.21 -16.83 27.41
C ARG H 107 33.54 -17.19 25.97
N VAL H 108 32.72 -16.73 25.03
CA VAL H 108 32.80 -17.18 23.64
C VAL H 108 33.99 -16.56 22.88
N LYS H 109 34.12 -15.24 22.98
CA LYS H 109 35.25 -14.52 22.38
C LYS H 109 36.45 -14.45 23.33
N ASP H 110 36.30 -15.05 24.52
CA ASP H 110 37.35 -15.13 25.54
C ASP H 110 37.98 -13.77 25.83
N SER H 111 37.15 -12.80 26.16
CA SER H 111 37.62 -11.44 26.39
C SER H 111 36.88 -10.77 27.55
N ASP H 112 37.53 -9.76 28.14
CA ASP H 112 36.99 -9.04 29.28
C ASP H 112 36.56 -7.63 28.89
N ASP H 113 36.86 -7.24 27.65
CA ASP H 113 36.67 -5.86 27.21
C ASP H 113 35.97 -5.72 25.85
N VAL H 114 35.38 -6.82 25.36
CA VAL H 114 34.65 -6.87 24.09
C VAL H 114 33.65 -5.70 23.93
N PRO H 115 33.61 -5.07 22.74
CA PRO H 115 32.76 -3.89 22.49
C PRO H 115 31.28 -4.14 22.78
N MET H 116 30.69 -3.27 23.59
CA MET H 116 29.30 -3.39 24.01
C MET H 116 28.76 -2.02 24.39
N VAL H 117 27.45 -1.86 24.25
CA VAL H 117 26.74 -0.68 24.76
C VAL H 117 25.50 -1.15 25.52
N LEU H 118 25.13 -0.40 26.54
CA LEU H 118 23.91 -0.68 27.28
C LEU H 118 22.82 0.28 26.81
N VAL H 119 21.66 -0.30 26.49
CA VAL H 119 20.55 0.48 25.95
C VAL H 119 19.31 0.40 26.84
N GLY H 120 18.76 1.57 27.19
CA GLY H 120 17.52 1.68 27.95
C GLY H 120 16.36 2.04 27.03
N ASN H 121 15.68 1.01 26.53
CA ASN H 121 14.63 1.20 25.52
C ASN H 121 13.25 1.47 26.09
N LYS H 122 12.40 2.08 25.24
CA LYS H 122 11.02 2.49 25.56
C LYS H 122 10.99 3.67 26.54
N CYS H 123 11.98 4.55 26.41
CA CYS H 123 12.10 5.75 27.22
C CYS H 123 11.07 6.82 26.83
N ASP H 124 10.13 6.44 25.97
CA ASP H 124 9.00 7.30 25.63
C ASP H 124 7.87 7.11 26.64
N LEU H 125 7.91 5.99 27.35
CA LEU H 125 6.81 5.57 28.22
C LEU H 125 6.85 6.18 29.61
N ALA H 126 5.66 6.32 30.19
CA ALA H 126 5.50 6.85 31.55
C ALA H 126 5.82 5.80 32.60
N ALA H 127 5.29 4.59 32.40
CA ALA H 127 5.50 3.48 33.32
C ALA H 127 6.98 3.13 33.46
N ARG H 128 7.66 3.83 34.37
CA ARG H 128 9.09 3.63 34.60
C ARG H 128 9.36 2.75 35.81
N THR H 129 9.71 1.49 35.55
CA THR H 129 10.08 0.56 36.62
C THR H 129 11.58 0.61 36.88
N VAL H 130 12.33 1.06 35.88
CA VAL H 130 13.77 1.25 36.01
C VAL H 130 14.13 2.73 35.88
N GLU H 131 14.83 3.25 36.89
CA GLU H 131 15.32 4.61 36.89
C GLU H 131 16.69 4.64 36.22
N SER H 132 16.96 5.71 35.47
CA SER H 132 18.20 5.86 34.71
C SER H 132 19.45 5.51 35.53
N ARG H 133 19.43 5.87 36.81
CA ARG H 133 20.58 5.75 37.70
C ARG H 133 21.09 4.33 37.86
N GLN H 134 20.19 3.38 38.14
CA GLN H 134 20.57 1.98 38.30
C GLN H 134 21.22 1.46 37.02
N ALA H 135 20.64 1.87 35.89
CA ALA H 135 21.17 1.51 34.59
C ALA H 135 22.51 2.19 34.31
N GLN H 136 22.62 3.46 34.70
CA GLN H 136 23.88 4.21 34.61
C GLN H 136 25.02 3.47 35.31
N ASP H 137 24.74 2.96 36.52
CA ASP H 137 25.75 2.36 37.38
C ASP H 137 26.28 1.02 36.87
N LEU H 138 25.41 0.21 36.29
CA LEU H 138 25.80 -1.08 35.73
C LEU H 138 26.71 -0.87 34.52
N ALA H 139 26.48 0.23 33.80
CA ALA H 139 27.34 0.63 32.70
C ALA H 139 28.69 1.12 33.20
N ARG H 140 28.68 1.77 34.38
CA ARG H 140 29.92 2.18 35.04
C ARG H 140 30.69 0.99 35.59
N SER H 141 30.12 -0.20 35.44
CA SER H 141 30.73 -1.44 35.90
C SER H 141 31.44 -2.18 34.76
N TYR H 142 30.85 -2.15 33.57
CA TYR H 142 31.40 -2.89 32.44
C TYR H 142 32.44 -2.10 31.65
N GLY H 143 32.53 -0.81 31.92
CA GLY H 143 33.40 0.10 31.15
C GLY H 143 32.76 0.44 29.81
N ILE H 144 31.43 0.38 29.77
CA ILE H 144 30.64 0.65 28.57
C ILE H 144 29.69 1.83 28.79
N PRO H 145 29.41 2.60 27.73
CA PRO H 145 28.45 3.71 27.84
C PRO H 145 26.98 3.26 28.01
N TYR H 146 26.12 4.23 28.32
CA TYR H 146 24.70 3.97 28.46
C TYR H 146 23.87 5.08 27.84
N ILE H 147 23.01 4.71 26.88
CA ILE H 147 22.08 5.64 26.24
C ILE H 147 20.65 5.09 26.32
N GLU H 148 19.71 5.97 26.58
CA GLU H 148 18.30 5.59 26.64
C GLU H 148 17.63 5.88 25.30
N THR H 149 16.90 4.88 24.80
CA THR H 149 16.31 4.97 23.45
C THR H 149 14.81 4.72 23.39
N SER H 150 14.15 5.40 22.46
CA SER H 150 12.79 5.04 22.07
C SER H 150 12.72 4.80 20.57
N ALA H 151 12.53 3.53 20.20
CA ALA H 151 12.32 3.16 18.81
C ALA H 151 11.12 3.89 18.23
N LYS H 152 10.22 4.33 19.10
CA LYS H 152 8.99 4.99 18.68
C LYS H 152 9.19 6.46 18.34
N THR H 153 9.80 7.21 19.27
CA THR H 153 10.08 8.63 19.04
C THR H 153 11.27 8.80 18.11
N ARG H 154 12.17 7.82 18.16
CA ARG H 154 13.43 7.80 17.42
C ARG H 154 14.56 8.52 18.16
N GLN H 155 14.36 8.78 19.45
CA GLN H 155 15.40 9.39 20.28
C GLN H 155 16.39 8.35 20.79
N GLY H 156 17.67 8.69 20.68
CA GLY H 156 18.76 7.81 21.10
C GLY H 156 19.19 6.76 20.08
N VAL H 157 18.45 6.67 18.98
CA VAL H 157 18.55 5.51 18.07
C VAL H 157 19.87 5.48 17.32
N GLU H 158 20.15 6.54 16.56
CA GLU H 158 21.42 6.67 15.85
C GLU H 158 22.59 6.71 16.84
N ASP H 159 22.36 7.38 17.97
CA ASP H 159 23.39 7.59 18.99
C ASP H 159 23.88 6.25 19.54
N ALA H 160 22.97 5.35 19.87
CA ALA H 160 23.36 4.04 20.39
C ALA H 160 24.19 3.24 19.39
N PHE H 161 23.72 3.15 18.14
CA PHE H 161 24.44 2.36 17.12
C PHE H 161 25.79 2.96 16.79
N TYR H 162 25.86 4.29 16.75
CA TYR H 162 27.09 4.96 16.34
C TYR H 162 28.11 4.97 17.49
N THR H 163 27.62 4.91 18.72
CA THR H 163 28.46 4.79 19.90
C THR H 163 29.09 3.40 19.92
N LEU H 164 28.31 2.39 19.54
CA LEU H 164 28.81 1.01 19.50
C LEU H 164 29.95 0.85 18.51
N VAL H 165 29.85 1.54 17.37
CA VAL H 165 30.94 1.52 16.40
C VAL H 165 32.15 2.30 16.93
N ARG H 166 31.90 3.39 17.66
CA ARG H 166 32.95 4.13 18.36
C ARG H 166 33.62 3.30 19.47
N GLU H 167 32.98 2.19 19.84
CA GLU H 167 33.55 1.28 20.83
C GLU H 167 34.43 0.23 20.16
N ILE H 168 34.12 -0.09 18.91
CA ILE H 168 34.94 -1.04 18.16
C ILE H 168 36.20 -0.35 17.61
N ARG H 169 36.06 0.93 17.23
CA ARG H 169 37.16 1.72 16.69
C ARG H 169 38.32 1.90 17.67
N GLN H 170 38.01 2.15 18.93
CA GLN H 170 39.02 2.33 19.96
C GLN H 170 39.53 0.98 20.50
N HIS H 171 38.83 -0.08 20.14
CA HIS H 171 39.17 -1.42 20.59
C HIS H 171 40.31 -1.95 19.76
#